data_5F3I
#
_entry.id   5F3I
#
_cell.length_a   57.794
_cell.length_b   101.566
_cell.length_c   142.328
_cell.angle_alpha   90.00
_cell.angle_beta   99.42
_cell.angle_gamma   90.00
#
_symmetry.space_group_name_H-M   'P 1 21 1'
#
loop_
_entity.id
_entity.type
_entity.pdbx_description
1 polymer 'Lysine-specific demethylase 4A'
2 non-polymer 'ZINC ION'
3 non-polymer 8-[4-[2-[4-[3,5-bis(chloranyl)phenyl]piperidin-1-yl]ethyl]pyrazol-1-yl]-3~{H}-pyrido[3,4-d]pyrimidin-4-one
4 non-polymer 'DIMETHYL SULFOXIDE'
5 non-polymer GLYCEROL
6 non-polymer 'CHLORIDE ION'
7 water water
#
_entity_poly.entity_id   1
_entity_poly.type   'polypeptide(L)'
_entity_poly.pdbx_seq_one_letter_code
;SMASESETLNPSARIMTFYPTMEEFRNFSRYIAYIESQGAHRAGLAKVVPPKEWKPRASYDDIDDLVIPAPIQQLVTGQS
GLFTQYNIQKKAMTVREFRKIANSDKYCTPRYSEFEELERKYWKNLTFNPPIYGADVNGTLYEKHVDEWNIGRLRTILDL
VEKESGITIEGVNTPYLYFGMWKTSFAWHTEDMDLYSINYLHFGEPKSWYSVPPEHGKRLERLAKGFFPGSAQSCEAFLR
HKMTLISPLMLKKYGIPFDKVTQEAGEFMITFPYGYHAGFNHGFNCAESTNFATRRWIEYGKQAVLCSCRKDMVKISMDV
FVRKFQPERYKLWKAGKDNTVIDHTLPTPEAAEFLKESEL
;
_entity_poly.pdbx_strand_id   A,B,C,D
#
# COMPACT_ATOMS: atom_id res chain seq x y z
N GLU A 7 37.62 -20.39 -19.44
CA GLU A 7 38.02 -21.10 -18.22
C GLU A 7 39.41 -20.70 -17.70
N THR A 8 40.26 -20.06 -18.55
CA THR A 8 41.59 -19.58 -18.15
C THR A 8 41.50 -18.34 -17.25
N LEU A 9 40.56 -17.41 -17.56
CA LEU A 9 40.35 -16.17 -16.79
C LEU A 9 39.52 -16.44 -15.53
N ASN A 10 40.09 -16.07 -14.38
CA ASN A 10 39.56 -16.28 -13.03
C ASN A 10 39.23 -17.78 -12.80
N PRO A 11 40.24 -18.67 -12.93
CA PRO A 11 39.95 -20.11 -12.73
C PRO A 11 39.58 -20.42 -11.29
N SER A 12 40.12 -19.62 -10.34
CA SER A 12 39.87 -19.75 -8.90
C SER A 12 38.46 -19.36 -8.52
N ALA A 13 37.78 -18.60 -9.41
CA ALA A 13 36.42 -18.09 -9.25
C ALA A 13 36.30 -17.28 -7.94
N ARG A 14 37.32 -16.44 -7.67
CA ARG A 14 37.35 -15.61 -6.47
C ARG A 14 36.74 -14.27 -6.80
N ILE A 15 36.12 -13.63 -5.77
CA ILE A 15 35.48 -12.31 -5.86
C ILE A 15 36.55 -11.29 -6.28
N MET A 16 36.31 -10.63 -7.40
CA MET A 16 37.20 -9.62 -7.96
C MET A 16 36.75 -8.20 -7.63
N THR A 17 37.70 -7.28 -7.42
CA THR A 17 37.39 -5.89 -7.15
C THR A 17 37.89 -5.02 -8.31
N PHE A 18 37.05 -4.10 -8.77
CA PHE A 18 37.36 -3.17 -9.86
C PHE A 18 37.35 -1.72 -9.37
N TYR A 19 38.26 -0.93 -9.94
CA TYR A 19 38.48 0.48 -9.66
C TYR A 19 38.40 1.24 -11.01
N PRO A 20 37.18 1.42 -11.59
CA PRO A 20 37.10 2.12 -12.90
C PRO A 20 37.36 3.62 -12.82
N THR A 21 37.93 4.20 -13.89
CA THR A 21 38.14 5.64 -14.02
C THR A 21 36.76 6.22 -14.36
N MET A 22 36.63 7.56 -14.38
CA MET A 22 35.37 8.20 -14.77
C MET A 22 34.94 7.83 -16.19
N GLU A 23 35.91 7.69 -17.12
CA GLU A 23 35.67 7.31 -18.51
C GLU A 23 35.07 5.91 -18.63
N GLU A 24 35.70 4.91 -17.98
CA GLU A 24 35.24 3.50 -17.94
C GLU A 24 33.83 3.38 -17.33
N PHE A 25 33.62 4.10 -16.22
CA PHE A 25 32.44 4.11 -15.37
C PHE A 25 31.19 4.69 -16.01
N ARG A 26 31.32 5.66 -16.93
CA ARG A 26 30.18 6.31 -17.60
C ARG A 26 29.21 5.38 -18.37
N ASN A 27 29.68 4.20 -18.83
CA ASN A 27 28.85 3.23 -19.55
C ASN A 27 28.73 1.97 -18.71
N PHE A 28 27.58 1.83 -18.03
CA PHE A 28 27.25 0.75 -17.12
C PHE A 28 27.29 -0.62 -17.78
N SER A 29 26.42 -0.84 -18.79
CA SER A 29 26.32 -2.09 -19.53
C SER A 29 27.63 -2.51 -20.16
N ARG A 30 28.43 -1.56 -20.67
CA ARG A 30 29.76 -1.82 -21.25
C ARG A 30 30.77 -2.27 -20.17
N TYR A 31 30.75 -1.63 -18.98
CA TYR A 31 31.64 -2.00 -17.88
C TYR A 31 31.36 -3.41 -17.34
N ILE A 32 30.06 -3.82 -17.31
CA ILE A 32 29.64 -5.16 -16.89
C ILE A 32 30.23 -6.17 -17.89
N ALA A 33 30.15 -5.83 -19.17
CA ALA A 33 30.73 -6.63 -20.25
C ALA A 33 32.26 -6.72 -20.04
N TYR A 34 32.90 -5.61 -19.60
CA TYR A 34 34.34 -5.62 -19.33
C TYR A 34 34.73 -6.53 -18.15
N ILE A 35 34.08 -6.36 -16.97
CA ILE A 35 34.36 -7.17 -15.77
C ILE A 35 34.16 -8.67 -16.06
N GLU A 36 33.18 -8.99 -16.93
CA GLU A 36 32.95 -10.37 -17.36
C GLU A 36 34.10 -10.92 -18.21
N SER A 37 34.66 -10.08 -19.10
CA SER A 37 35.80 -10.46 -19.95
C SER A 37 37.04 -10.76 -19.05
N GLN A 38 37.06 -10.22 -17.83
CA GLN A 38 38.10 -10.44 -16.80
C GLN A 38 37.78 -11.69 -15.93
N GLY A 39 36.60 -12.28 -16.15
CA GLY A 39 36.14 -13.47 -15.46
C GLY A 39 35.44 -13.25 -14.14
N ALA A 40 35.04 -12.00 -13.83
CA ALA A 40 34.36 -11.59 -12.59
C ALA A 40 33.11 -12.40 -12.26
N HIS A 41 32.35 -12.80 -13.30
CA HIS A 41 31.08 -13.55 -13.17
C HIS A 41 31.24 -14.92 -12.51
N ARG A 42 32.41 -15.56 -12.70
CA ARG A 42 32.71 -16.89 -12.16
C ARG A 42 32.59 -17.00 -10.64
N ALA A 43 32.85 -15.92 -9.91
CA ALA A 43 32.72 -15.87 -8.47
C ALA A 43 31.25 -15.77 -8.07
N GLY A 44 30.42 -15.23 -8.97
CA GLY A 44 29.00 -15.00 -8.73
C GLY A 44 28.73 -13.66 -8.08
N LEU A 45 29.82 -12.96 -7.70
CA LEU A 45 29.75 -11.68 -7.02
C LEU A 45 31.01 -10.87 -7.32
N ALA A 46 30.85 -9.55 -7.51
CA ALA A 46 32.00 -8.64 -7.73
C ALA A 46 31.79 -7.30 -7.04
N LYS A 47 32.87 -6.64 -6.67
CA LYS A 47 32.84 -5.31 -6.09
C LYS A 47 33.37 -4.29 -7.11
N VAL A 48 32.63 -3.18 -7.28
CA VAL A 48 33.04 -2.08 -8.14
C VAL A 48 33.14 -0.87 -7.25
N VAL A 49 34.37 -0.38 -7.04
CA VAL A 49 34.62 0.83 -6.24
C VAL A 49 34.57 2.01 -7.25
N PRO A 50 33.61 2.97 -7.12
CA PRO A 50 33.53 4.06 -8.12
C PRO A 50 34.62 5.11 -7.94
N PRO A 51 34.95 5.94 -8.99
CA PRO A 51 36.00 6.97 -8.79
C PRO A 51 35.59 7.99 -7.72
N LYS A 52 36.60 8.57 -7.01
CA LYS A 52 36.42 9.50 -5.90
C LYS A 52 35.45 10.68 -6.16
N GLU A 53 35.50 11.23 -7.39
CA GLU A 53 34.70 12.36 -7.83
C GLU A 53 33.19 12.05 -7.98
N TRP A 54 32.83 10.74 -8.10
CA TRP A 54 31.43 10.37 -8.28
C TRP A 54 30.69 10.16 -6.96
N LYS A 55 29.54 10.84 -6.83
CA LYS A 55 28.65 10.77 -5.69
C LYS A 55 27.20 10.85 -6.20
N PRO A 56 26.34 9.87 -5.84
CA PRO A 56 24.95 9.87 -6.34
C PRO A 56 23.97 10.86 -5.71
N ARG A 57 24.37 11.54 -4.62
CA ARG A 57 23.57 12.47 -3.82
C ARG A 57 24.52 13.39 -3.02
N ALA A 58 24.20 14.70 -2.91
CA ALA A 58 25.04 15.70 -2.21
C ALA A 58 25.19 15.47 -0.72
N SER A 59 24.10 15.06 -0.05
CA SER A 59 24.03 14.75 1.39
C SER A 59 22.80 13.89 1.64
N TYR A 60 22.80 13.14 2.76
CA TYR A 60 21.72 12.26 3.18
C TYR A 60 21.14 12.78 4.50
N ASP A 61 21.04 14.11 4.66
N ASP A 61 21.06 14.12 4.68
CA ASP A 61 20.53 14.72 5.89
CA ASP A 61 20.52 14.73 5.91
C ASP A 61 19.05 15.09 5.80
C ASP A 61 19.04 15.10 5.81
N ASP A 62 18.43 14.86 4.64
CA ASP A 62 17.04 15.17 4.39
C ASP A 62 16.13 13.96 4.41
N ILE A 63 16.55 12.82 4.99
CA ILE A 63 15.72 11.61 4.87
C ILE A 63 15.13 11.04 6.17
N ASP A 64 15.21 11.77 7.29
CA ASP A 64 14.63 11.36 8.57
C ASP A 64 13.13 11.03 8.48
N ASP A 65 12.34 11.81 7.72
CA ASP A 65 10.91 11.61 7.55
C ASP A 65 10.58 10.68 6.37
N LEU A 66 11.59 9.94 5.86
CA LEU A 66 11.33 8.96 4.80
C LEU A 66 10.72 7.74 5.52
N VAL A 67 9.57 7.28 5.03
CA VAL A 67 8.83 6.14 5.55
C VAL A 67 9.33 4.80 5.02
N ILE A 68 9.52 3.86 5.95
CA ILE A 68 9.85 2.46 5.73
C ILE A 68 8.49 1.77 5.90
N PRO A 69 7.74 1.48 4.80
CA PRO A 69 6.35 0.96 4.95
C PRO A 69 6.21 -0.31 5.73
N ALA A 70 7.16 -1.23 5.55
CA ALA A 70 7.03 -2.53 6.18
C ALA A 70 8.30 -3.02 6.84
N PRO A 71 8.70 -2.49 8.01
CA PRO A 71 9.93 -3.00 8.66
C PRO A 71 9.67 -4.46 9.05
N ILE A 72 10.72 -5.28 9.05
CA ILE A 72 10.56 -6.71 9.34
C ILE A 72 11.46 -7.10 10.48
N GLN A 73 10.86 -7.61 11.55
CA GLN A 73 11.65 -8.14 12.66
C GLN A 73 12.12 -9.56 12.21
N GLN A 74 13.42 -9.81 12.23
CA GLN A 74 13.95 -11.09 11.75
C GLN A 74 14.19 -12.10 12.88
N LEU A 75 13.34 -13.11 12.92
CA LEU A 75 13.46 -14.15 13.91
C LEU A 75 14.13 -15.35 13.30
N VAL A 76 15.22 -15.81 13.92
CA VAL A 76 16.04 -16.91 13.39
C VAL A 76 15.97 -18.09 14.31
N THR A 77 15.65 -19.26 13.77
CA THR A 77 15.61 -20.51 14.49
C THR A 77 16.66 -21.41 13.84
N GLY A 78 17.46 -22.09 14.67
CA GLY A 78 18.48 -22.99 14.14
C GLY A 78 19.58 -23.32 15.12
N GLN A 79 20.54 -24.12 14.65
CA GLN A 79 21.70 -24.59 15.40
C GLN A 79 22.71 -25.16 14.39
N SER A 80 23.98 -25.28 14.83
CA SER A 80 25.12 -25.85 14.10
C SER A 80 25.21 -25.42 12.63
N GLY A 81 25.23 -24.12 12.40
CA GLY A 81 25.37 -23.52 11.07
C GLY A 81 24.16 -23.53 10.16
N LEU A 82 23.06 -24.19 10.56
CA LEU A 82 21.82 -24.25 9.78
C LEU A 82 20.70 -23.49 10.48
N PHE A 83 20.10 -22.53 9.80
CA PHE A 83 19.09 -21.68 10.38
C PHE A 83 17.98 -21.32 9.41
N THR A 84 16.79 -21.09 9.95
CA THR A 84 15.65 -20.56 9.20
C THR A 84 15.32 -19.21 9.80
N GLN A 85 15.12 -18.23 8.92
CA GLN A 85 14.77 -16.87 9.31
C GLN A 85 13.30 -16.58 8.96
N TYR A 86 12.51 -16.17 9.97
CA TYR A 86 11.10 -15.84 9.86
C TYR A 86 10.90 -14.35 9.98
N ASN A 87 10.11 -13.79 9.08
CA ASN A 87 9.81 -12.35 9.04
C ASN A 87 8.55 -12.02 9.79
N ILE A 88 8.61 -10.92 10.52
CA ILE A 88 7.46 -10.38 11.23
C ILE A 88 7.35 -8.93 10.78
N GLN A 89 6.34 -8.64 9.96
CA GLN A 89 6.08 -7.29 9.49
C GLN A 89 5.60 -6.42 10.65
N LYS A 90 6.28 -5.30 10.85
CA LYS A 90 5.94 -4.34 11.89
C LYS A 90 5.27 -3.17 11.18
N LYS A 91 4.59 -2.28 11.90
CA LYS A 91 3.95 -1.14 11.23
C LYS A 91 5.00 -0.11 10.72
N ALA A 92 4.59 0.80 9.81
CA ALA A 92 5.42 1.80 9.17
C ALA A 92 6.23 2.61 10.14
N MET A 93 7.50 2.79 9.82
CA MET A 93 8.36 3.61 10.66
C MET A 93 9.22 4.51 9.80
N THR A 94 9.70 5.61 10.37
CA THR A 94 10.53 6.55 9.63
C THR A 94 12.00 6.17 9.82
N VAL A 95 12.90 6.75 9.01
CA VAL A 95 14.34 6.54 9.10
C VAL A 95 14.84 7.05 10.48
N ARG A 96 14.32 8.17 10.94
CA ARG A 96 14.64 8.75 12.24
C ARG A 96 14.39 7.76 13.36
N GLU A 97 13.22 7.11 13.37
CA GLU A 97 12.85 6.12 14.38
C GLU A 97 13.67 4.85 14.22
N PHE A 98 13.95 4.44 12.96
CA PHE A 98 14.75 3.25 12.69
C PHE A 98 16.21 3.41 13.22
N ARG A 99 16.87 4.54 12.88
CA ARG A 99 18.23 4.91 13.27
C ARG A 99 18.40 4.97 14.81
N LYS A 100 17.41 5.53 15.54
CA LYS A 100 17.37 5.58 17.00
C LYS A 100 17.43 4.15 17.59
N ILE A 101 16.61 3.24 17.05
CA ILE A 101 16.55 1.81 17.44
C ILE A 101 17.87 1.10 17.09
N ALA A 102 18.32 1.24 15.82
CA ALA A 102 19.56 0.67 15.28
C ALA A 102 20.78 1.03 16.11
N ASN A 103 20.85 2.30 16.59
CA ASN A 103 21.98 2.83 17.37
C ASN A 103 21.86 2.64 18.87
N SER A 104 20.68 2.21 19.37
CA SER A 104 20.44 2.06 20.82
C SER A 104 21.34 0.97 21.43
N ASP A 105 21.46 0.95 22.77
CA ASP A 105 22.27 -0.04 23.48
C ASP A 105 21.84 -1.49 23.18
N LYS A 106 20.54 -1.72 22.98
CA LYS A 106 19.98 -3.04 22.72
C LYS A 106 20.34 -3.61 21.37
N TYR A 107 20.41 -2.76 20.31
CA TYR A 107 20.61 -3.19 18.94
C TYR A 107 21.91 -2.80 18.27
N CYS A 108 22.76 -1.96 18.89
CA CYS A 108 24.00 -1.49 18.27
C CYS A 108 25.06 -2.59 18.08
N THR A 109 25.98 -2.36 17.13
CA THR A 109 27.10 -3.24 16.79
C THR A 109 27.92 -3.55 18.05
N PRO A 110 28.34 -4.82 18.27
CA PRO A 110 29.19 -5.11 19.44
C PRO A 110 30.60 -4.60 19.14
N ARG A 111 31.42 -4.51 20.19
CA ARG A 111 32.82 -4.11 20.09
C ARG A 111 33.58 -5.25 19.41
N TYR A 112 34.45 -4.89 18.47
CA TYR A 112 35.26 -5.86 17.74
C TYR A 112 36.51 -5.19 17.18
N SER A 113 37.58 -5.97 17.03
CA SER A 113 38.82 -5.42 16.49
C SER A 113 38.98 -5.73 15.00
N GLU A 114 38.51 -6.90 14.60
CA GLU A 114 38.59 -7.36 13.22
C GLU A 114 37.27 -7.96 12.77
N PHE A 115 37.07 -8.05 11.46
CA PHE A 115 35.84 -8.60 10.91
C PHE A 115 35.64 -10.04 11.36
N GLU A 116 36.70 -10.82 11.34
CA GLU A 116 36.62 -12.23 11.77
C GLU A 116 35.92 -12.37 13.12
N GLU A 117 36.17 -11.43 14.04
CA GLU A 117 35.58 -11.37 15.36
C GLU A 117 34.09 -10.98 15.24
N LEU A 118 33.75 -9.96 14.41
CA LEU A 118 32.34 -9.58 14.21
C LEU A 118 31.57 -10.71 13.54
N GLU A 119 32.17 -11.41 12.57
CA GLU A 119 31.57 -12.56 11.87
C GLU A 119 31.30 -13.72 12.87
N ARG A 120 32.22 -13.94 13.81
CA ARG A 120 32.02 -14.96 14.84
C ARG A 120 30.85 -14.59 15.76
N LYS A 121 30.71 -13.27 16.10
CA LYS A 121 29.63 -12.77 16.95
C LYS A 121 28.29 -12.90 16.23
N TYR A 122 28.28 -12.67 14.93
CA TYR A 122 27.08 -12.81 14.11
C TYR A 122 26.56 -14.25 14.15
N TRP A 123 27.39 -15.22 13.77
CA TRP A 123 26.99 -16.64 13.75
C TRP A 123 26.66 -17.22 15.16
N LYS A 124 27.25 -16.66 16.22
CA LYS A 124 27.00 -17.07 17.58
C LYS A 124 25.68 -16.47 18.11
N ASN A 125 25.30 -15.28 17.64
CA ASN A 125 24.14 -14.58 18.21
C ASN A 125 22.97 -14.30 17.29
N LEU A 126 23.00 -14.77 16.04
CA LEU A 126 21.94 -14.50 15.07
C LEU A 126 20.58 -14.98 15.50
N THR A 127 20.47 -15.93 16.42
CA THR A 127 19.16 -16.39 16.89
C THR A 127 18.63 -15.62 18.12
N PHE A 128 19.39 -14.67 18.62
CA PHE A 128 19.00 -13.89 19.81
C PHE A 128 18.72 -12.42 19.56
N ASN A 129 17.80 -11.84 20.35
CA ASN A 129 17.48 -10.41 20.22
C ASN A 129 17.13 -10.00 18.80
N PRO A 130 16.12 -10.62 18.22
CA PRO A 130 15.78 -10.35 16.81
C PRO A 130 15.83 -8.87 16.40
N PRO A 131 16.62 -8.56 15.34
CA PRO A 131 16.70 -7.19 14.86
C PRO A 131 15.57 -6.86 13.87
N ILE A 132 15.49 -5.59 13.50
CA ILE A 132 14.49 -5.12 12.58
C ILE A 132 15.19 -4.64 11.33
N TYR A 133 14.72 -5.11 10.18
CA TYR A 133 15.31 -4.74 8.93
C TYR A 133 14.34 -3.85 8.17
N GLY A 134 14.78 -2.66 7.81
CA GLY A 134 13.96 -1.72 7.06
C GLY A 134 14.14 -2.07 5.60
N ALA A 135 13.68 -3.26 5.21
CA ALA A 135 13.87 -3.83 3.88
C ALA A 135 12.74 -3.56 2.89
N ASP A 136 13.10 -3.62 1.57
CA ASP A 136 12.21 -3.54 0.40
C ASP A 136 11.43 -2.24 0.31
N VAL A 137 12.11 -1.12 0.53
CA VAL A 137 11.45 0.17 0.43
C VAL A 137 11.49 0.61 -1.02
N ASN A 138 10.33 0.75 -1.68
CA ASN A 138 10.30 1.25 -3.06
C ASN A 138 10.84 2.67 -3.04
N GLY A 139 11.92 2.91 -3.79
CA GLY A 139 12.54 4.23 -3.83
C GLY A 139 14.01 4.27 -4.21
N THR A 140 14.54 5.48 -4.34
CA THR A 140 15.92 5.76 -4.70
C THR A 140 16.43 6.91 -3.88
N LEU A 141 17.76 6.96 -3.67
CA LEU A 141 18.42 8.08 -3.00
C LEU A 141 19.30 8.85 -4.00
N TYR A 142 19.27 8.46 -5.29
CA TYR A 142 19.98 9.14 -6.37
C TYR A 142 19.28 10.46 -6.75
N GLU A 143 20.09 11.51 -6.96
CA GLU A 143 19.61 12.81 -7.40
C GLU A 143 19.28 12.65 -8.88
N LYS A 144 18.18 13.27 -9.32
CA LYS A 144 17.63 13.18 -10.68
C LYS A 144 18.67 13.35 -11.83
N HIS A 145 19.66 14.24 -11.68
CA HIS A 145 20.66 14.51 -12.72
C HIS A 145 21.76 13.43 -12.89
N VAL A 146 21.92 12.51 -11.90
CA VAL A 146 22.97 11.47 -11.95
C VAL A 146 22.74 10.49 -13.09
N ASP A 147 23.65 10.47 -14.07
CA ASP A 147 23.52 9.61 -15.25
C ASP A 147 24.38 8.33 -15.20
N GLU A 148 25.46 8.33 -14.40
CA GLU A 148 26.35 7.17 -14.28
C GLU A 148 25.86 6.23 -13.18
N TRP A 149 25.58 4.96 -13.55
CA TRP A 149 25.17 3.87 -12.64
C TRP A 149 23.97 4.24 -11.79
N ASN A 150 22.96 4.85 -12.40
CA ASN A 150 21.77 5.21 -11.65
C ASN A 150 20.94 3.95 -11.56
N ILE A 151 20.69 3.51 -10.35
CA ILE A 151 19.93 2.29 -10.12
C ILE A 151 18.52 2.41 -10.68
N GLY A 152 17.94 3.60 -10.55
CA GLY A 152 16.62 3.85 -11.06
C GLY A 152 16.51 3.69 -12.57
N ARG A 153 17.52 4.16 -13.29
CA ARG A 153 17.54 4.06 -14.75
C ARG A 153 18.85 3.54 -15.34
N LEU A 154 19.11 2.25 -15.18
CA LEU A 154 20.34 1.63 -15.68
C LEU A 154 20.52 1.63 -17.20
N ARG A 155 19.43 1.39 -17.92
CA ARG A 155 19.42 1.35 -19.39
C ARG A 155 19.75 -0.04 -20.01
N THR A 156 19.76 -1.13 -19.19
CA THR A 156 20.04 -2.48 -19.70
C THR A 156 18.86 -3.07 -20.53
N ILE A 157 19.06 -4.27 -21.14
CA ILE A 157 18.03 -4.93 -21.95
C ILE A 157 16.83 -5.43 -21.11
N LEU A 158 16.86 -5.31 -19.77
CA LEU A 158 15.73 -5.71 -18.92
C LEU A 158 14.54 -4.72 -19.09
N ASP A 159 14.82 -3.50 -19.61
CA ASP A 159 13.84 -2.46 -19.87
C ASP A 159 12.73 -2.88 -20.84
N LEU A 160 12.98 -3.94 -21.66
CA LEU A 160 12.04 -4.54 -22.61
C LEU A 160 10.73 -4.98 -21.93
N VAL A 161 10.78 -5.25 -20.62
CA VAL A 161 9.63 -5.60 -19.80
C VAL A 161 8.84 -4.28 -19.56
N GLU A 162 7.97 -3.93 -20.52
CA GLU A 162 7.16 -2.71 -20.47
C GLU A 162 5.68 -3.08 -20.58
N LYS A 163 5.08 -3.50 -19.44
CA LYS A 163 3.68 -3.93 -19.25
C LYS A 163 3.26 -5.04 -20.22
N GLY A 171 8.05 -6.06 -10.04
CA GLY A 171 8.87 -4.89 -9.77
C GLY A 171 10.36 -5.16 -9.82
N VAL A 172 10.85 -5.84 -10.87
CA VAL A 172 12.29 -6.18 -11.04
C VAL A 172 13.11 -5.02 -11.61
N ASN A 173 12.42 -4.06 -12.26
CA ASN A 173 13.01 -2.87 -12.86
C ASN A 173 12.93 -1.58 -11.99
N THR A 174 12.43 -1.69 -10.74
CA THR A 174 12.33 -0.51 -9.87
C THR A 174 13.35 -0.60 -8.72
N PRO A 175 13.92 0.53 -8.22
CA PRO A 175 14.87 0.40 -7.10
C PRO A 175 14.17 0.18 -5.75
N TYR A 176 14.90 -0.49 -4.84
CA TYR A 176 14.47 -0.78 -3.50
C TYR A 176 15.54 -0.32 -2.55
N LEU A 177 15.12 0.19 -1.37
CA LEU A 177 16.00 0.65 -0.32
C LEU A 177 15.99 -0.32 0.84
N TYR A 178 17.17 -0.49 1.48
CA TYR A 178 17.36 -1.40 2.62
C TYR A 178 18.09 -0.64 3.68
N PHE A 179 17.40 -0.39 4.80
CA PHE A 179 17.93 0.25 5.99
C PHE A 179 18.28 -0.88 6.95
N GLY A 180 19.57 -1.06 7.16
CA GLY A 180 20.02 -2.13 8.03
C GLY A 180 20.37 -1.70 9.43
N MET A 181 20.48 -2.68 10.29
CA MET A 181 20.97 -2.56 11.64
C MET A 181 21.81 -3.80 11.88
N TRP A 182 22.64 -3.79 12.93
CA TRP A 182 23.48 -4.91 13.25
C TRP A 182 22.70 -6.23 13.24
N LYS A 183 23.24 -7.28 12.58
CA LYS A 183 22.73 -8.65 12.62
C LYS A 183 21.51 -8.86 11.71
N THR A 184 21.10 -7.84 10.97
CA THR A 184 20.01 -8.02 10.03
C THR A 184 20.64 -8.84 8.91
N SER A 185 19.91 -9.77 8.32
CA SER A 185 20.51 -10.61 7.28
C SER A 185 19.66 -10.94 6.07
N PHE A 186 20.34 -11.33 4.99
CA PHE A 186 19.68 -11.78 3.79
C PHE A 186 20.15 -13.23 3.59
N ALA A 187 19.18 -14.12 3.45
CA ALA A 187 19.43 -15.56 3.30
C ALA A 187 19.97 -15.95 1.93
N TRP A 188 20.53 -17.16 1.84
CA TRP A 188 21.08 -17.63 0.58
C TRP A 188 20.02 -17.64 -0.50
N HIS A 189 20.34 -17.04 -1.63
CA HIS A 189 19.41 -16.95 -2.73
C HIS A 189 20.08 -16.53 -4.02
N THR A 190 19.33 -16.63 -5.11
CA THR A 190 19.77 -16.20 -6.42
C THR A 190 18.69 -15.20 -6.77
N GLU A 191 18.95 -14.28 -7.67
CA GLU A 191 17.95 -13.28 -8.01
C GLU A 191 16.72 -13.91 -8.63
N ASP A 192 15.60 -13.18 -8.67
CA ASP A 192 14.38 -13.66 -9.30
C ASP A 192 14.71 -13.77 -10.79
N MET A 193 14.25 -14.88 -11.42
CA MET A 193 14.52 -15.21 -12.82
C MET A 193 16.03 -15.41 -13.07
N ASP A 194 16.82 -15.56 -11.98
CA ASP A 194 18.29 -15.69 -11.96
C ASP A 194 18.94 -14.55 -12.74
N LEU A 195 18.45 -13.35 -12.49
CA LEU A 195 18.94 -12.11 -13.07
C LEU A 195 20.15 -11.58 -12.34
N TYR A 196 20.74 -10.52 -12.89
CA TYR A 196 21.86 -9.83 -12.28
C TYR A 196 21.30 -8.86 -11.27
N SER A 197 22.12 -8.39 -10.34
CA SER A 197 21.69 -7.36 -9.40
C SER A 197 22.83 -6.40 -9.08
N ILE A 198 22.47 -5.16 -8.81
CA ILE A 198 23.43 -4.11 -8.44
C ILE A 198 22.99 -3.64 -7.05
N ASN A 199 23.95 -3.42 -6.14
CA ASN A 199 23.73 -2.97 -4.78
C ASN A 199 24.75 -1.85 -4.45
N TYR A 200 24.25 -0.65 -4.16
CA TYR A 200 25.06 0.48 -3.77
C TYR A 200 24.83 0.77 -2.29
N LEU A 201 25.90 0.79 -1.51
CA LEU A 201 25.83 1.08 -0.10
C LEU A 201 25.98 2.60 0.04
N HIS A 202 24.84 3.25 0.22
CA HIS A 202 24.73 4.69 0.32
C HIS A 202 25.51 5.25 1.48
N PHE A 203 25.35 4.64 2.65
CA PHE A 203 26.03 5.14 3.86
C PHE A 203 25.94 4.15 4.95
N GLY A 204 26.73 4.39 5.98
CA GLY A 204 26.66 3.65 7.22
C GLY A 204 27.69 2.56 7.35
N GLU A 205 27.43 1.61 8.27
CA GLU A 205 28.33 0.50 8.53
C GLU A 205 28.40 -0.51 7.38
N PRO A 206 29.46 -1.35 7.28
CA PRO A 206 29.51 -2.33 6.19
C PRO A 206 28.40 -3.40 6.17
N LYS A 207 28.40 -4.13 5.04
CA LYS A 207 27.54 -5.24 4.70
C LYS A 207 28.47 -6.33 4.23
N SER A 208 28.45 -7.49 4.91
CA SER A 208 29.31 -8.62 4.52
C SER A 208 28.50 -9.60 3.69
N TRP A 209 29.14 -10.17 2.71
CA TRP A 209 28.59 -11.04 1.69
C TRP A 209 29.35 -12.35 1.64
N TYR A 210 28.61 -13.43 1.36
CA TYR A 210 29.10 -14.77 1.10
C TYR A 210 28.60 -15.08 -0.28
N SER A 211 29.45 -15.70 -1.09
CA SER A 211 29.11 -16.05 -2.46
C SER A 211 29.51 -17.48 -2.82
N VAL A 212 28.68 -18.15 -3.63
CA VAL A 212 28.97 -19.50 -4.15
C VAL A 212 29.09 -19.31 -5.68
N PRO A 213 30.22 -19.72 -6.30
CA PRO A 213 30.34 -19.56 -7.76
C PRO A 213 29.16 -20.23 -8.50
N PRO A 214 28.56 -19.55 -9.50
CA PRO A 214 27.44 -20.18 -10.21
C PRO A 214 27.71 -21.61 -10.73
N GLU A 215 28.98 -21.95 -11.05
CA GLU A 215 29.30 -23.30 -11.52
C GLU A 215 29.15 -24.38 -10.42
N HIS A 216 29.00 -23.95 -9.15
CA HIS A 216 28.84 -24.82 -7.97
C HIS A 216 27.48 -24.63 -7.29
N GLY A 217 26.66 -23.74 -7.84
CA GLY A 217 25.33 -23.41 -7.33
C GLY A 217 24.48 -24.63 -7.02
N LYS A 218 24.47 -25.64 -7.93
CA LYS A 218 23.72 -26.90 -7.79
C LYS A 218 24.20 -27.76 -6.64
N ARG A 219 25.48 -27.58 -6.25
CA ARG A 219 26.07 -28.31 -5.12
C ARG A 219 25.44 -27.80 -3.86
N LEU A 220 25.30 -26.46 -3.75
CA LEU A 220 24.65 -25.81 -2.61
C LEU A 220 23.19 -26.21 -2.52
N GLU A 221 22.46 -26.20 -3.64
CA GLU A 221 21.05 -26.59 -3.67
C GLU A 221 20.82 -27.99 -3.13
N ARG A 222 21.72 -28.94 -3.50
CA ARG A 222 21.67 -30.35 -3.03
C ARG A 222 21.91 -30.43 -1.54
N LEU A 223 22.79 -29.56 -1.03
CA LEU A 223 23.08 -29.49 0.41
C LEU A 223 21.84 -28.97 1.15
N ALA A 224 21.25 -27.86 0.67
CA ALA A 224 20.04 -27.27 1.22
C ALA A 224 18.87 -28.26 1.15
N LYS A 225 18.73 -29.03 0.04
CA LYS A 225 17.67 -30.02 -0.14
C LYS A 225 17.77 -31.12 0.90
N GLY A 226 19.00 -31.61 1.16
CA GLY A 226 19.28 -32.63 2.15
C GLY A 226 19.00 -32.23 3.59
N PHE A 227 19.26 -30.96 3.93
CA PHE A 227 19.05 -30.45 5.29
C PHE A 227 17.61 -30.09 5.63
N PHE A 228 16.82 -29.69 4.62
CA PHE A 228 15.42 -29.30 4.77
C PHE A 228 14.58 -30.11 3.79
N PRO A 229 14.32 -31.40 4.06
CA PRO A 229 13.54 -32.22 3.10
C PRO A 229 12.07 -31.85 2.96
N GLY A 230 11.47 -31.30 4.03
CA GLY A 230 10.07 -30.89 4.06
C GLY A 230 9.82 -29.75 3.08
N SER A 231 10.57 -28.64 3.26
CA SER A 231 10.56 -27.44 2.41
C SER A 231 10.90 -27.74 0.94
N ALA A 232 11.81 -28.72 0.70
CA ALA A 232 12.24 -29.17 -0.62
C ALA A 232 11.07 -29.79 -1.42
N GLN A 233 10.24 -30.65 -0.77
CA GLN A 233 9.07 -31.26 -1.41
C GLN A 233 7.98 -30.22 -1.70
N SER A 234 7.73 -29.30 -0.74
CA SER A 234 6.68 -28.26 -0.79
C SER A 234 6.85 -27.21 -1.89
N CYS A 235 8.10 -26.99 -2.34
CA CYS A 235 8.45 -25.98 -3.35
C CYS A 235 9.74 -26.38 -4.09
N GLU A 236 9.66 -26.41 -5.46
CA GLU A 236 10.75 -26.78 -6.38
C GLU A 236 12.01 -25.94 -6.20
N ALA A 237 11.85 -24.69 -5.73
CA ALA A 237 12.94 -23.74 -5.50
C ALA A 237 12.74 -23.03 -4.14
N PHE A 238 12.80 -23.79 -3.01
CA PHE A 238 12.53 -23.25 -1.65
C PHE A 238 13.53 -22.17 -1.18
N LEU A 239 14.75 -22.12 -1.75
CA LEU A 239 15.73 -21.10 -1.37
C LEU A 239 15.27 -19.70 -1.80
N ARG A 240 14.37 -19.62 -2.81
CA ARG A 240 13.82 -18.36 -3.33
C ARG A 240 12.96 -17.64 -2.31
N HIS A 241 12.50 -18.38 -1.27
CA HIS A 241 11.72 -17.85 -0.15
C HIS A 241 12.59 -16.93 0.72
N LYS A 242 13.93 -16.97 0.54
CA LYS A 242 14.99 -16.21 1.23
C LYS A 242 14.88 -16.32 2.75
N MET A 243 14.73 -17.57 3.24
CA MET A 243 14.60 -17.88 4.67
C MET A 243 15.76 -18.75 5.22
N THR A 244 16.58 -19.35 4.34
CA THR A 244 17.63 -20.32 4.71
C THR A 244 19.01 -19.66 4.94
N LEU A 245 19.51 -19.80 6.16
CA LEU A 245 20.83 -19.26 6.53
C LEU A 245 21.75 -20.46 6.78
N ILE A 246 22.92 -20.49 6.11
CA ILE A 246 23.93 -21.55 6.19
C ILE A 246 25.29 -20.89 6.44
N SER A 247 25.96 -21.24 7.55
CA SER A 247 27.26 -20.67 7.94
C SER A 247 28.43 -21.07 7.03
N PRO A 248 29.48 -20.21 6.90
CA PRO A 248 30.67 -20.61 6.09
C PRO A 248 31.27 -21.95 6.56
N LEU A 249 31.24 -22.25 7.88
CA LEU A 249 31.78 -23.49 8.44
C LEU A 249 31.04 -24.71 7.94
N MET A 250 29.72 -24.60 7.80
CA MET A 250 28.84 -25.65 7.31
C MET A 250 29.15 -25.91 5.83
N LEU A 251 29.35 -24.82 5.04
CA LEU A 251 29.75 -24.89 3.63
C LEU A 251 31.09 -25.62 3.49
N LYS A 252 32.09 -25.27 4.35
CA LYS A 252 33.41 -25.90 4.44
C LYS A 252 33.26 -27.41 4.77
N LYS A 253 32.51 -27.74 5.85
CA LYS A 253 32.24 -29.11 6.27
C LYS A 253 31.72 -29.99 5.13
N TYR A 254 30.96 -29.43 4.17
CA TYR A 254 30.42 -30.23 3.08
C TYR A 254 31.00 -29.89 1.70
N GLY A 255 32.19 -29.30 1.69
CA GLY A 255 32.93 -28.97 0.47
C GLY A 255 32.29 -28.03 -0.52
N ILE A 256 31.45 -27.08 -0.07
CA ILE A 256 30.84 -26.10 -0.99
C ILE A 256 31.82 -24.95 -1.19
N PRO A 257 32.40 -24.77 -2.40
CA PRO A 257 33.32 -23.65 -2.59
C PRO A 257 32.57 -22.34 -2.45
N PHE A 258 33.14 -21.39 -1.72
CA PHE A 258 32.49 -20.11 -1.48
C PHE A 258 33.56 -19.06 -1.23
N ASP A 259 33.21 -17.78 -1.29
CA ASP A 259 34.13 -16.69 -1.00
C ASP A 259 33.37 -15.66 -0.17
N LYS A 260 34.08 -14.78 0.48
CA LYS A 260 33.48 -13.74 1.30
C LYS A 260 34.13 -12.38 1.02
N VAL A 261 33.33 -11.31 1.14
CA VAL A 261 33.77 -9.94 0.92
C VAL A 261 32.88 -9.02 1.79
N THR A 262 33.46 -7.90 2.28
CA THR A 262 32.80 -6.86 3.04
C THR A 262 32.69 -5.65 2.10
N GLN A 263 31.47 -5.16 1.88
CA GLN A 263 31.14 -3.98 1.10
C GLN A 263 31.07 -2.76 2.04
N GLU A 264 31.75 -1.68 1.68
CA GLU A 264 31.74 -0.46 2.51
C GLU A 264 30.96 0.65 1.84
N ALA A 265 30.61 1.70 2.61
CA ALA A 265 29.87 2.84 2.10
C ALA A 265 30.54 3.38 0.83
N GLY A 266 29.71 3.70 -0.15
CA GLY A 266 30.17 4.22 -1.42
C GLY A 266 30.67 3.17 -2.39
N GLU A 267 30.50 1.86 -2.09
CA GLU A 267 30.92 0.77 -3.00
C GLU A 267 29.70 0.04 -3.58
N PHE A 268 29.85 -0.45 -4.83
CA PHE A 268 28.84 -1.26 -5.49
C PHE A 268 29.20 -2.73 -5.36
N MET A 269 28.19 -3.59 -5.35
CA MET A 269 28.34 -5.04 -5.46
C MET A 269 27.49 -5.46 -6.66
N ILE A 270 28.03 -6.33 -7.50
CA ILE A 270 27.32 -6.88 -8.65
C ILE A 270 27.16 -8.36 -8.39
N THR A 271 25.92 -8.88 -8.51
CA THR A 271 25.66 -10.32 -8.43
C THR A 271 25.33 -10.73 -9.86
N PHE A 272 25.77 -11.91 -10.23
CA PHE A 272 25.67 -12.45 -11.58
C PHE A 272 24.63 -13.55 -11.66
N PRO A 273 24.08 -13.86 -12.86
CA PRO A 273 23.06 -14.92 -12.95
C PRO A 273 23.47 -16.26 -12.30
N TYR A 274 22.58 -16.77 -11.44
CA TYR A 274 22.72 -18.05 -10.72
C TYR A 274 23.85 -18.02 -9.71
N GLY A 275 24.20 -16.82 -9.26
CA GLY A 275 25.22 -16.59 -8.25
C GLY A 275 24.53 -16.46 -6.91
N TYR A 276 24.60 -17.51 -6.09
CA TYR A 276 24.01 -17.59 -4.74
C TYR A 276 24.77 -16.70 -3.81
N HIS A 277 24.05 -15.86 -3.05
CA HIS A 277 24.67 -14.99 -2.07
C HIS A 277 23.80 -14.89 -0.82
N ALA A 278 24.42 -14.51 0.28
CA ALA A 278 23.88 -14.34 1.61
C ALA A 278 24.81 -13.32 2.30
N GLY A 279 24.39 -12.80 3.43
CA GLY A 279 25.20 -11.85 4.16
C GLY A 279 24.47 -11.18 5.31
N PHE A 280 25.11 -10.15 5.85
CA PHE A 280 24.56 -9.44 6.99
C PHE A 280 25.14 -8.04 7.11
N ASN A 281 24.40 -7.16 7.83
CA ASN A 281 24.79 -5.77 8.06
C ASN A 281 25.57 -5.63 9.35
N HIS A 282 26.59 -4.75 9.34
CA HIS A 282 27.43 -4.56 10.50
C HIS A 282 26.77 -3.62 11.51
N GLY A 283 25.85 -2.79 11.05
CA GLY A 283 25.19 -1.79 11.87
C GLY A 283 24.32 -0.93 10.99
N PHE A 284 23.88 0.24 11.50
CA PHE A 284 23.00 1.15 10.77
C PHE A 284 23.61 1.54 9.40
N ASN A 285 22.84 1.30 8.33
CA ASN A 285 23.25 1.60 6.95
C ASN A 285 22.10 1.70 5.99
N CYS A 286 22.39 2.05 4.74
CA CYS A 286 21.38 2.12 3.71
C CYS A 286 21.97 1.69 2.39
N ALA A 287 21.37 0.65 1.75
CA ALA A 287 21.78 0.13 0.46
C ALA A 287 20.65 0.33 -0.50
N GLU A 288 20.95 0.50 -1.78
CA GLU A 288 19.93 0.65 -2.82
C GLU A 288 20.25 -0.45 -3.80
N SER A 289 19.20 -1.14 -4.28
N SER A 289 19.20 -1.12 -4.29
CA SER A 289 19.34 -2.27 -5.18
CA SER A 289 19.37 -2.23 -5.21
C SER A 289 18.23 -2.39 -6.23
C SER A 289 18.24 -2.35 -6.25
N THR A 290 18.58 -3.02 -7.36
CA THR A 290 17.67 -3.34 -8.47
C THR A 290 18.22 -4.55 -9.21
N ASN A 291 17.44 -5.12 -10.12
CA ASN A 291 17.89 -6.22 -10.96
C ASN A 291 18.25 -5.65 -12.29
N PHE A 292 19.04 -6.38 -13.07
CA PHE A 292 19.41 -5.99 -14.44
C PHE A 292 19.78 -7.20 -15.26
N ALA A 293 19.91 -7.00 -16.57
CA ALA A 293 20.21 -8.04 -17.57
C ALA A 293 21.25 -7.59 -18.59
N THR A 294 21.84 -8.56 -19.28
CA THR A 294 22.78 -8.47 -20.41
C THR A 294 22.26 -9.59 -21.30
N ARG A 295 22.78 -9.70 -22.53
CA ARG A 295 22.39 -10.76 -23.47
C ARG A 295 22.60 -12.19 -22.91
N ARG A 296 23.63 -12.39 -22.04
CA ARG A 296 23.97 -13.68 -21.39
C ARG A 296 22.87 -14.18 -20.49
N TRP A 297 22.19 -13.27 -19.76
CA TRP A 297 21.11 -13.66 -18.86
C TRP A 297 19.90 -14.36 -19.56
N ILE A 298 19.60 -14.02 -20.82
CA ILE A 298 18.43 -14.57 -21.55
C ILE A 298 18.29 -16.09 -21.34
N GLU A 299 19.38 -16.85 -21.55
CA GLU A 299 19.39 -18.30 -21.36
C GLU A 299 19.09 -18.72 -19.93
N TYR A 300 19.64 -18.00 -18.94
CA TYR A 300 19.36 -18.23 -17.52
C TYR A 300 17.89 -18.04 -17.17
N GLY A 301 17.24 -17.02 -17.74
CA GLY A 301 15.82 -16.73 -17.53
C GLY A 301 14.90 -17.79 -18.08
N LYS A 302 15.25 -18.34 -19.27
CA LYS A 302 14.54 -19.42 -19.95
C LYS A 302 14.64 -20.72 -19.15
N GLN A 303 15.78 -20.95 -18.47
CA GLN A 303 16.06 -22.18 -17.72
C GLN A 303 15.89 -22.07 -16.20
N ALA A 304 15.34 -20.94 -15.70
CA ALA A 304 15.20 -20.71 -14.25
C ALA A 304 14.10 -21.57 -13.56
N VAL A 305 14.49 -22.30 -12.48
CA VAL A 305 13.57 -23.10 -11.66
C VAL A 305 12.93 -22.11 -10.68
N LEU A 306 11.60 -21.97 -10.75
CA LEU A 306 10.85 -20.99 -9.98
C LEU A 306 10.08 -21.55 -8.79
N CYS A 307 9.78 -20.66 -7.82
CA CYS A 307 8.99 -20.98 -6.64
C CYS A 307 7.58 -21.29 -7.11
N SER A 308 7.12 -22.53 -6.84
CA SER A 308 5.81 -23.06 -7.24
C SER A 308 4.71 -22.90 -6.19
N CYS A 309 5.08 -22.66 -4.91
CA CYS A 309 4.13 -22.55 -3.80
C CYS A 309 3.58 -21.13 -3.58
N ARG A 310 4.10 -20.12 -4.29
CA ARG A 310 3.68 -18.73 -4.13
C ARG A 310 3.22 -18.05 -5.43
N LYS A 311 2.02 -17.44 -5.38
CA LYS A 311 1.39 -16.70 -6.48
C LYS A 311 1.59 -15.20 -6.26
N MET A 313 4.80 -14.99 -7.10
CA MET A 313 6.23 -14.68 -7.20
C MET A 313 6.55 -13.89 -8.48
N VAL A 314 7.83 -13.47 -8.63
CA VAL A 314 8.33 -12.70 -9.79
C VAL A 314 8.63 -13.62 -10.97
N LYS A 315 7.70 -13.68 -11.94
CA LYS A 315 7.86 -14.48 -13.14
C LYS A 315 7.77 -13.55 -14.36
N ILE A 316 8.83 -13.55 -15.18
CA ILE A 316 8.92 -12.74 -16.40
C ILE A 316 8.66 -13.66 -17.60
N SER A 317 7.95 -13.16 -18.62
CA SER A 317 7.77 -13.94 -19.83
C SER A 317 9.04 -13.75 -20.65
N MET A 318 9.65 -14.85 -21.05
CA MET A 318 10.89 -14.83 -21.82
C MET A 318 10.69 -14.62 -23.32
N ASP A 319 9.44 -14.78 -23.84
CA ASP A 319 9.07 -14.66 -25.27
C ASP A 319 9.67 -13.45 -26.00
N VAL A 320 9.45 -12.23 -25.47
CA VAL A 320 9.99 -10.99 -26.05
C VAL A 320 11.55 -11.07 -26.20
N PHE A 321 12.25 -11.60 -25.17
CA PHE A 321 13.72 -11.75 -25.18
C PHE A 321 14.21 -12.73 -26.23
N VAL A 322 13.51 -13.88 -26.38
CA VAL A 322 13.86 -14.92 -27.36
C VAL A 322 13.59 -14.45 -28.79
N ARG A 323 12.45 -13.77 -29.06
CA ARG A 323 12.11 -13.26 -30.39
C ARG A 323 13.09 -12.17 -30.86
N LYS A 324 13.65 -11.38 -29.91
CA LYS A 324 14.58 -10.29 -30.20
C LYS A 324 16.04 -10.70 -30.31
N PHE A 325 16.55 -11.51 -29.37
CA PHE A 325 17.98 -11.86 -29.31
C PHE A 325 18.35 -13.30 -29.73
N GLN A 326 17.37 -14.20 -29.87
CA GLN A 326 17.60 -15.57 -30.38
C GLN A 326 16.46 -15.84 -31.41
N PRO A 327 16.34 -15.04 -32.51
CA PRO A 327 15.23 -15.26 -33.46
C PRO A 327 15.15 -16.67 -34.04
N GLU A 328 16.32 -17.27 -34.34
CA GLU A 328 16.50 -18.61 -34.89
C GLU A 328 16.05 -19.72 -33.92
N ARG A 329 16.09 -19.43 -32.60
CA ARG A 329 15.75 -20.38 -31.53
C ARG A 329 14.28 -20.37 -31.08
N TYR A 330 13.50 -19.33 -31.46
CA TYR A 330 12.10 -19.15 -31.05
C TYR A 330 11.22 -20.42 -31.18
N LYS A 331 11.00 -20.93 -32.43
CA LYS A 331 10.17 -22.11 -32.69
C LYS A 331 10.66 -23.37 -31.98
N LEU A 332 12.00 -23.58 -31.92
CA LEU A 332 12.62 -24.72 -31.23
C LEU A 332 12.36 -24.66 -29.71
N TRP A 333 12.67 -23.50 -29.07
CA TRP A 333 12.47 -23.24 -27.63
C TRP A 333 10.99 -23.34 -27.23
N LYS A 334 10.10 -22.79 -28.06
CA LYS A 334 8.66 -22.80 -27.82
C LYS A 334 8.03 -24.19 -27.99
N ALA A 335 8.65 -25.07 -28.80
CA ALA A 335 8.21 -26.46 -28.99
C ALA A 335 8.68 -27.34 -27.81
N GLY A 336 9.52 -26.77 -26.94
CA GLY A 336 10.09 -27.42 -25.77
C GLY A 336 11.28 -28.32 -26.10
N LYS A 337 11.89 -28.11 -27.30
CA LYS A 337 13.03 -28.89 -27.80
C LYS A 337 14.42 -28.21 -27.57
N ASP A 338 14.47 -27.01 -26.95
CA ASP A 338 15.73 -26.33 -26.68
C ASP A 338 16.48 -26.95 -25.48
N ASN A 339 17.46 -27.81 -25.79
CA ASN A 339 18.26 -28.53 -24.80
C ASN A 339 19.64 -27.90 -24.57
N THR A 340 19.73 -26.54 -24.68
CA THR A 340 20.94 -25.75 -24.45
C THR A 340 21.49 -25.95 -23.05
N VAL A 341 22.77 -26.30 -22.96
CA VAL A 341 23.47 -26.48 -21.69
C VAL A 341 24.32 -25.23 -21.47
N ILE A 342 23.94 -24.43 -20.46
CA ILE A 342 24.61 -23.18 -20.08
C ILE A 342 26.04 -23.43 -19.58
N ASP A 343 27.00 -22.67 -20.14
CA ASP A 343 28.38 -22.65 -19.66
C ASP A 343 28.48 -21.40 -18.74
N HIS A 344 28.71 -21.61 -17.41
CA HIS A 344 28.79 -20.53 -16.42
C HIS A 344 30.08 -19.68 -16.52
N THR A 345 31.14 -20.29 -17.05
CA THR A 345 32.46 -19.67 -17.22
C THR A 345 32.52 -18.68 -18.40
N LEU A 346 31.64 -18.87 -19.40
CA LEU A 346 31.58 -18.07 -20.61
C LEU A 346 31.09 -16.64 -20.37
N PRO A 347 31.83 -15.59 -20.81
CA PRO A 347 31.35 -14.22 -20.60
C PRO A 347 30.29 -13.80 -21.59
N THR A 348 29.58 -12.69 -21.28
CA THR A 348 28.48 -12.17 -22.10
C THR A 348 28.94 -11.83 -23.54
N PRO A 349 28.10 -12.10 -24.58
CA PRO A 349 28.52 -11.77 -25.97
C PRO A 349 29.11 -10.37 -26.17
N GLU A 350 28.59 -9.34 -25.46
CA GLU A 350 29.02 -7.92 -25.46
C GLU A 350 30.49 -7.74 -24.99
N ALA A 351 31.07 -8.77 -24.37
CA ALA A 351 32.46 -8.73 -23.85
C ALA A 351 33.53 -8.96 -24.95
N ALA A 352 33.08 -9.34 -26.17
CA ALA A 352 33.92 -9.64 -27.35
C ALA A 352 34.95 -8.55 -27.68
N GLU A 353 34.56 -7.25 -27.55
CA GLU A 353 35.42 -6.08 -27.81
C GLU A 353 36.58 -5.96 -26.82
N PHE A 354 36.41 -6.56 -25.61
CA PHE A 354 37.42 -6.59 -24.54
C PHE A 354 38.23 -7.89 -24.60
N LEU A 355 37.75 -8.87 -25.39
CA LEU A 355 38.40 -10.16 -25.53
C LEU A 355 39.26 -10.27 -26.79
N LYS A 356 39.14 -9.32 -27.74
CA LYS A 356 39.94 -9.37 -28.99
C LYS A 356 41.31 -8.74 -28.82
N LEU B 9 -22.79 11.50 -11.17
CA LEU B 9 -23.59 10.67 -10.28
C LEU B 9 -24.19 11.50 -9.12
N ASN B 10 -25.55 11.41 -8.94
CA ASN B 10 -26.35 12.15 -7.94
C ASN B 10 -26.07 13.68 -8.01
N PRO B 11 -26.33 14.35 -9.18
CA PRO B 11 -26.00 15.79 -9.27
C PRO B 11 -26.82 16.71 -8.36
N SER B 12 -27.98 16.25 -7.90
CA SER B 12 -28.89 16.96 -6.99
C SER B 12 -28.50 16.75 -5.52
N ALA B 13 -27.53 15.83 -5.25
CA ALA B 13 -27.03 15.50 -3.90
C ALA B 13 -28.17 15.15 -2.92
N ARG B 14 -29.15 14.37 -3.42
CA ARG B 14 -30.34 14.00 -2.64
C ARG B 14 -30.06 12.72 -1.89
N ILE B 15 -30.75 12.51 -0.74
CA ILE B 15 -30.59 11.28 0.05
C ILE B 15 -31.09 10.08 -0.79
N MET B 16 -30.19 9.07 -0.95
CA MET B 16 -30.46 7.85 -1.70
C MET B 16 -30.75 6.69 -0.75
N THR B 17 -31.60 5.75 -1.17
CA THR B 17 -31.97 4.58 -0.40
C THR B 17 -31.51 3.35 -1.18
N PHE B 18 -30.85 2.40 -0.51
CA PHE B 18 -30.37 1.17 -1.13
C PHE B 18 -31.01 -0.05 -0.53
N TYR B 19 -31.36 -1.02 -1.40
CA TYR B 19 -31.99 -2.28 -1.00
C TYR B 19 -31.06 -3.48 -1.36
N PRO B 20 -29.88 -3.66 -0.67
CA PRO B 20 -28.99 -4.79 -1.05
C PRO B 20 -29.57 -6.18 -0.80
N THR B 21 -29.18 -7.14 -1.68
CA THR B 21 -29.50 -8.57 -1.53
C THR B 21 -28.60 -9.05 -0.39
N MET B 22 -28.75 -10.33 0.03
CA MET B 22 -27.91 -10.89 1.09
C MET B 22 -26.44 -10.96 0.65
N GLU B 23 -26.19 -11.37 -0.61
CA GLU B 23 -24.84 -11.46 -1.19
C GLU B 23 -24.20 -10.08 -1.27
N GLU B 24 -24.96 -9.07 -1.69
CA GLU B 24 -24.49 -7.68 -1.73
C GLU B 24 -24.22 -7.14 -0.31
N PHE B 25 -25.09 -7.48 0.66
CA PHE B 25 -25.06 -7.02 2.05
C PHE B 25 -23.89 -7.55 2.85
N ARG B 26 -23.59 -8.85 2.76
CA ARG B 26 -22.51 -9.56 3.49
C ARG B 26 -21.19 -8.78 3.68
N ASN B 27 -20.73 -8.03 2.67
CA ASN B 27 -19.46 -7.27 2.70
C ASN B 27 -19.72 -5.76 2.92
N PHE B 28 -19.61 -5.30 4.18
CA PHE B 28 -19.84 -3.93 4.59
C PHE B 28 -19.04 -2.91 3.79
N SER B 29 -17.70 -2.92 3.94
CA SER B 29 -16.74 -2.02 3.28
C SER B 29 -16.93 -1.93 1.75
N ARG B 30 -17.15 -3.08 1.07
CA ARG B 30 -17.41 -3.14 -0.38
C ARG B 30 -18.73 -2.41 -0.70
N TYR B 31 -19.75 -2.61 0.13
CA TYR B 31 -21.04 -1.96 -0.10
C TYR B 31 -20.97 -0.44 0.03
N ILE B 32 -20.21 0.03 1.00
CA ILE B 32 -20.07 1.46 1.19
C ILE B 32 -19.46 2.00 -0.09
N ALA B 33 -18.51 1.25 -0.64
CA ALA B 33 -17.86 1.65 -1.87
C ALA B 33 -18.87 1.70 -3.00
N TYR B 34 -19.77 0.72 -3.05
CA TYR B 34 -20.79 0.71 -4.10
C TYR B 34 -21.75 1.90 -4.01
N ILE B 35 -22.23 2.22 -2.82
CA ILE B 35 -23.14 3.37 -2.69
C ILE B 35 -22.45 4.70 -3.04
N GLU B 36 -21.14 4.84 -2.77
CA GLU B 36 -20.35 6.00 -3.18
C GLU B 36 -20.21 6.06 -4.71
N SER B 37 -20.10 4.90 -5.39
CA SER B 37 -19.98 4.90 -6.86
C SER B 37 -21.29 5.40 -7.51
N GLN B 38 -22.40 5.33 -6.76
CA GLN B 38 -23.76 5.72 -7.14
C GLN B 38 -24.10 7.18 -6.80
N GLY B 39 -23.18 7.88 -6.11
CA GLY B 39 -23.35 9.27 -5.73
C GLY B 39 -23.93 9.52 -4.34
N ALA B 40 -24.16 8.45 -3.54
CA ALA B 40 -24.77 8.53 -2.21
C ALA B 40 -24.13 9.54 -1.26
N HIS B 41 -22.79 9.61 -1.28
CA HIS B 41 -21.97 10.47 -0.41
C HIS B 41 -22.24 11.93 -0.59
N ARG B 42 -22.71 12.32 -1.78
CA ARG B 42 -23.00 13.70 -2.11
C ARG B 42 -24.06 14.33 -1.23
N ALA B 43 -25.06 13.54 -0.72
CA ALA B 43 -26.12 13.99 0.19
C ALA B 43 -25.59 14.18 1.60
N GLY B 44 -24.59 13.38 1.94
CA GLY B 44 -23.99 13.37 3.27
C GLY B 44 -24.66 12.40 4.19
N LEU B 45 -25.74 11.75 3.71
CA LEU B 45 -26.56 10.80 4.45
C LEU B 45 -27.22 9.86 3.42
N ALA B 46 -27.17 8.55 3.68
CA ALA B 46 -27.80 7.53 2.82
C ALA B 46 -28.55 6.55 3.72
N LYS B 47 -29.60 5.92 3.20
CA LYS B 47 -30.35 4.89 3.89
C LYS B 47 -30.05 3.54 3.22
N VAL B 48 -29.82 2.49 4.03
CA VAL B 48 -29.64 1.13 3.55
C VAL B 48 -30.68 0.25 4.26
N VAL B 49 -31.55 -0.39 3.44
CA VAL B 49 -32.58 -1.26 3.94
C VAL B 49 -32.01 -2.65 3.79
N PRO B 50 -31.70 -3.36 4.90
CA PRO B 50 -31.07 -4.69 4.77
C PRO B 50 -32.03 -5.75 4.24
N PRO B 51 -31.54 -6.90 3.68
CA PRO B 51 -32.48 -7.95 3.23
C PRO B 51 -33.37 -8.49 4.39
N LYS B 52 -34.68 -8.68 4.11
CA LYS B 52 -35.72 -9.12 5.06
C LYS B 52 -35.32 -10.30 5.94
N GLU B 53 -34.57 -11.26 5.37
CA GLU B 53 -34.03 -12.43 6.06
C GLU B 53 -33.03 -12.06 7.18
N TRP B 54 -32.20 -11.00 6.99
CA TRP B 54 -31.21 -10.55 7.99
C TRP B 54 -31.82 -9.87 9.23
N LYS B 55 -31.37 -10.34 10.42
CA LYS B 55 -31.73 -9.89 11.78
C LYS B 55 -30.46 -9.83 12.67
N PRO B 56 -30.16 -8.71 13.35
CA PRO B 56 -28.98 -8.69 14.25
C PRO B 56 -29.25 -9.35 15.62
N ARG B 57 -30.52 -9.54 15.99
CA ARG B 57 -30.97 -10.08 17.28
C ARG B 57 -32.37 -10.68 17.08
N ALA B 58 -32.63 -11.86 17.66
CA ALA B 58 -33.91 -12.59 17.53
C ALA B 58 -35.11 -11.90 18.17
N SER B 59 -34.87 -11.18 19.29
CA SER B 59 -35.89 -10.45 20.03
C SER B 59 -35.29 -9.42 20.95
N TYR B 60 -36.06 -8.39 21.25
CA TYR B 60 -35.64 -7.32 22.15
C TYR B 60 -36.31 -7.39 23.53
N ASP B 61 -36.93 -8.53 23.82
CA ASP B 61 -37.63 -8.76 25.09
C ASP B 61 -36.74 -8.94 26.31
N ASP B 62 -35.45 -9.17 26.09
CA ASP B 62 -34.48 -9.42 27.15
C ASP B 62 -33.55 -8.26 27.52
N ILE B 63 -33.91 -7.02 27.18
CA ILE B 63 -33.00 -5.89 27.43
C ILE B 63 -33.46 -4.95 28.58
N ASP B 64 -34.53 -5.27 29.31
CA ASP B 64 -35.05 -4.46 30.42
C ASP B 64 -34.02 -4.14 31.50
N ASP B 65 -33.08 -5.10 31.76
CA ASP B 65 -31.97 -5.03 32.72
C ASP B 65 -30.78 -4.17 32.26
N LEU B 66 -30.73 -3.77 30.97
CA LEU B 66 -29.67 -2.90 30.47
C LEU B 66 -29.74 -1.59 31.21
N VAL B 67 -28.57 -1.07 31.60
CA VAL B 67 -28.42 0.19 32.32
C VAL B 67 -27.94 1.25 31.37
N ILE B 68 -28.60 2.42 31.47
CA ILE B 68 -28.28 3.70 30.85
C ILE B 68 -27.59 4.45 32.02
N PRO B 69 -26.24 4.50 32.05
CA PRO B 69 -25.55 5.10 33.20
C PRO B 69 -25.70 6.60 33.37
N ALA B 70 -25.86 7.32 32.26
CA ALA B 70 -25.92 8.78 32.23
C ALA B 70 -27.05 9.35 31.37
N PRO B 71 -28.34 9.18 31.76
CA PRO B 71 -29.44 9.77 30.96
C PRO B 71 -29.33 11.28 30.98
N ILE B 72 -29.65 11.92 29.86
CA ILE B 72 -29.55 13.36 29.81
C ILE B 72 -30.89 14.01 29.52
N GLN B 73 -31.26 14.98 30.34
CA GLN B 73 -32.49 15.71 30.12
C GLN B 73 -32.07 16.82 29.19
N GLN B 74 -32.78 16.99 28.08
CA GLN B 74 -32.41 18.01 27.14
C GLN B 74 -33.23 19.28 27.31
N LEU B 75 -32.54 20.35 27.69
CA LEU B 75 -33.19 21.64 27.87
C LEU B 75 -32.83 22.45 26.65
N VAL B 76 -33.85 22.93 25.98
CA VAL B 76 -33.69 23.68 24.76
C VAL B 76 -34.15 25.12 24.97
N THR B 77 -33.34 26.05 24.50
CA THR B 77 -33.57 27.47 24.59
C THR B 77 -33.48 28.10 23.23
N GLY B 78 -34.46 28.94 22.89
CA GLY B 78 -34.49 29.66 21.64
C GLY B 78 -35.86 30.05 21.15
N GLN B 79 -35.90 30.46 19.90
CA GLN B 79 -37.10 30.91 19.18
C GLN B 79 -36.71 31.13 17.74
N SER B 80 -37.71 31.40 16.86
CA SER B 80 -37.54 31.72 15.43
C SER B 80 -36.70 30.66 14.65
N GLY B 81 -36.80 29.39 15.03
CA GLY B 81 -36.03 28.33 14.40
C GLY B 81 -34.57 28.22 14.78
N LEU B 82 -34.10 29.03 15.77
CA LEU B 82 -32.73 29.03 16.30
C LEU B 82 -32.69 28.63 17.78
N PHE B 83 -32.08 27.49 18.10
CA PHE B 83 -32.08 26.95 19.47
C PHE B 83 -30.77 26.47 19.94
N THR B 84 -30.56 26.51 21.27
CA THR B 84 -29.37 25.95 21.92
C THR B 84 -29.86 24.90 22.88
N GLN B 85 -29.23 23.74 22.83
CA GLN B 85 -29.59 22.60 23.65
C GLN B 85 -28.58 22.35 24.72
N TYR B 86 -29.07 22.28 25.96
CA TYR B 86 -28.29 22.06 27.14
C TYR B 86 -28.61 20.70 27.74
N ASN B 87 -27.59 19.93 28.09
CA ASN B 87 -27.77 18.62 28.69
C ASN B 87 -27.70 18.64 30.19
N ILE B 88 -28.62 17.97 30.83
CA ILE B 88 -28.58 17.83 32.27
C ILE B 88 -28.48 16.34 32.54
N GLN B 89 -27.32 15.86 33.05
CA GLN B 89 -27.14 14.45 33.43
C GLN B 89 -28.03 14.10 34.61
N LYS B 90 -28.87 13.08 34.44
CA LYS B 90 -29.76 12.54 35.46
C LYS B 90 -29.12 11.24 36.01
N LYS B 91 -29.65 10.66 37.08
CA LYS B 91 -29.07 9.42 37.61
C LYS B 91 -29.35 8.21 36.71
N ALA B 92 -28.49 7.18 36.80
CA ALA B 92 -28.59 5.93 36.05
C ALA B 92 -30.00 5.33 36.15
N MET B 93 -30.42 4.63 35.10
CA MET B 93 -31.71 3.97 35.06
C MET B 93 -31.64 2.83 34.08
N THR B 94 -32.53 1.87 34.27
CA THR B 94 -32.61 0.73 33.39
C THR B 94 -33.53 1.10 32.19
N VAL B 95 -33.48 0.31 31.12
CA VAL B 95 -34.33 0.43 29.93
C VAL B 95 -35.80 0.26 30.35
N ARG B 96 -36.04 -0.54 31.41
CA ARG B 96 -37.37 -0.77 31.97
C ARG B 96 -37.98 0.53 32.52
N GLU B 97 -37.17 1.29 33.30
CA GLU B 97 -37.54 2.59 33.88
C GLU B 97 -37.67 3.63 32.78
N PHE B 98 -36.72 3.62 31.83
CA PHE B 98 -36.70 4.52 30.68
C PHE B 98 -37.95 4.34 29.82
N ARG B 99 -38.25 3.10 29.40
CA ARG B 99 -39.44 2.79 28.59
C ARG B 99 -40.71 3.26 29.28
N LYS B 100 -40.79 3.09 30.64
CA LYS B 100 -41.93 3.48 31.46
C LYS B 100 -42.19 4.99 31.33
N ILE B 101 -41.17 5.82 31.62
CA ILE B 101 -41.19 7.28 31.47
C ILE B 101 -41.45 7.69 29.97
N ALA B 102 -40.77 7.03 29.00
CA ALA B 102 -40.94 7.34 27.56
C ALA B 102 -42.40 7.24 27.10
N ASN B 103 -43.11 6.18 27.53
CA ASN B 103 -44.48 5.88 27.16
C ASN B 103 -45.55 6.52 28.04
N SER B 104 -45.14 7.19 29.13
CA SER B 104 -46.05 7.86 30.09
C SER B 104 -46.71 9.04 29.44
N ASP B 105 -47.86 9.46 29.97
CA ASP B 105 -48.68 10.61 29.53
C ASP B 105 -47.90 11.91 29.41
N LYS B 106 -46.94 12.12 30.32
CA LYS B 106 -46.11 13.31 30.32
C LYS B 106 -45.19 13.37 29.06
N TYR B 107 -44.58 12.24 28.68
CA TYR B 107 -43.57 12.21 27.61
C TYR B 107 -43.95 11.54 26.29
N CYS B 108 -45.06 10.75 26.24
CA CYS B 108 -45.47 10.06 25.01
C CYS B 108 -45.65 11.00 23.79
N THR B 109 -45.55 10.43 22.58
CA THR B 109 -45.70 11.10 21.29
C THR B 109 -47.09 11.73 21.18
N PRO B 110 -47.26 12.93 20.58
CA PRO B 110 -48.62 13.44 20.37
C PRO B 110 -49.30 12.66 19.23
N ARG B 111 -50.63 12.79 19.09
CA ARG B 111 -51.39 12.12 18.03
C ARG B 111 -51.04 12.82 16.71
N TYR B 112 -50.92 12.06 15.63
CA TYR B 112 -50.59 12.66 14.33
C TYR B 112 -50.98 11.78 13.14
N SER B 113 -51.33 12.42 12.02
CA SER B 113 -51.72 11.70 10.82
C SER B 113 -50.59 11.61 9.80
N GLU B 114 -49.77 12.66 9.74
CA GLU B 114 -48.67 12.74 8.81
C GLU B 114 -47.40 13.21 9.50
N PHE B 115 -46.25 12.93 8.91
CA PHE B 115 -44.98 13.33 9.48
C PHE B 115 -44.87 14.85 9.60
N GLU B 116 -45.32 15.57 8.58
CA GLU B 116 -45.25 17.04 8.60
C GLU B 116 -45.95 17.64 9.81
N GLU B 117 -47.01 16.96 10.27
CA GLU B 117 -47.78 17.34 11.46
C GLU B 117 -46.88 17.09 12.66
N LEU B 118 -46.22 15.91 12.75
CA LEU B 118 -45.30 15.61 13.86
C LEU B 118 -44.12 16.58 13.88
N GLU B 119 -43.54 16.87 12.69
CA GLU B 119 -42.43 17.80 12.46
C GLU B 119 -42.81 19.21 12.97
N ARG B 120 -44.01 19.68 12.62
CA ARG B 120 -44.53 20.94 13.11
C ARG B 120 -44.61 20.94 14.66
N LYS B 121 -45.20 19.87 15.27
CA LYS B 121 -45.33 19.72 16.74
C LYS B 121 -43.93 19.71 17.42
N TYR B 122 -42.94 19.10 16.77
CA TYR B 122 -41.56 19.08 17.26
C TYR B 122 -40.98 20.50 17.30
N TRP B 123 -40.97 21.25 16.16
CA TRP B 123 -40.39 22.60 16.07
C TRP B 123 -41.18 23.63 16.89
N LYS B 124 -42.46 23.35 17.23
CA LYS B 124 -43.25 24.27 18.07
C LYS B 124 -43.08 23.96 19.57
N ASN B 125 -42.75 22.71 19.93
CA ASN B 125 -42.68 22.33 21.34
C ASN B 125 -41.34 21.88 21.88
N LEU B 126 -40.26 21.93 21.06
CA LEU B 126 -38.93 21.44 21.51
C LEU B 126 -38.37 22.14 22.78
N THR B 127 -38.83 23.35 23.08
CA THR B 127 -38.38 24.08 24.27
C THR B 127 -39.21 23.82 25.54
N PHE B 128 -40.27 23.03 25.44
CA PHE B 128 -41.14 22.73 26.60
C PHE B 128 -41.07 21.29 27.06
N ASN B 129 -41.30 21.06 28.35
CA ASN B 129 -41.31 19.70 28.91
C ASN B 129 -40.07 18.89 28.57
N PRO B 130 -38.91 19.40 28.94
CA PRO B 130 -37.63 18.73 28.61
C PRO B 130 -37.64 17.20 28.65
N PRO B 131 -37.39 16.52 27.53
CA PRO B 131 -37.43 15.07 27.55
C PRO B 131 -36.12 14.46 28.06
N ILE B 132 -36.13 13.14 28.36
CA ILE B 132 -34.91 12.44 28.77
C ILE B 132 -34.43 11.52 27.60
N TYR B 133 -33.16 11.70 27.17
CA TYR B 133 -32.51 10.92 26.14
C TYR B 133 -31.49 9.96 26.83
N GLY B 134 -31.66 8.66 26.66
CA GLY B 134 -30.71 7.69 27.19
C GLY B 134 -29.59 7.49 26.17
N ALA B 135 -28.83 8.57 25.92
CA ALA B 135 -27.76 8.68 24.93
C ALA B 135 -26.37 8.14 25.36
N ASP B 136 -25.53 7.77 24.36
CA ASP B 136 -24.12 7.37 24.50
C ASP B 136 -23.87 6.26 25.51
N VAL B 137 -24.69 5.21 25.44
CA VAL B 137 -24.49 4.08 26.33
C VAL B 137 -23.48 3.17 25.55
N ASN B 138 -22.34 2.84 26.15
CA ASN B 138 -21.37 1.90 25.62
C ASN B 138 -22.06 0.52 25.62
N GLY B 139 -22.28 0.00 24.42
CA GLY B 139 -22.93 -1.29 24.31
C GLY B 139 -23.37 -1.61 22.91
N THR B 140 -23.89 -2.82 22.76
CA THR B 140 -24.40 -3.33 21.49
C THR B 140 -25.58 -4.23 21.77
N LEU B 141 -26.54 -4.29 20.83
CA LEU B 141 -27.71 -5.18 20.89
C LEU B 141 -27.56 -6.31 19.86
N TYR B 142 -26.44 -6.39 19.16
CA TYR B 142 -26.16 -7.47 18.22
C TYR B 142 -25.79 -8.73 18.97
N GLU B 143 -26.21 -9.87 18.45
CA GLU B 143 -25.82 -11.17 18.99
C GLU B 143 -24.42 -11.47 18.42
N LYS B 144 -23.55 -12.14 19.23
CA LYS B 144 -22.14 -12.46 18.92
C LYS B 144 -21.86 -13.19 17.57
N HIS B 145 -22.83 -13.91 17.01
CA HIS B 145 -22.63 -14.65 15.75
C HIS B 145 -22.90 -13.81 14.50
N VAL B 146 -23.43 -12.58 14.65
CA VAL B 146 -23.77 -11.72 13.52
C VAL B 146 -22.50 -11.14 12.85
N ASP B 147 -22.23 -11.61 11.61
CA ASP B 147 -21.05 -11.16 10.84
C ASP B 147 -21.36 -10.04 9.86
N GLU B 148 -22.64 -9.77 9.56
CA GLU B 148 -23.02 -8.77 8.56
C GLU B 148 -23.39 -7.49 9.23
N TRP B 149 -22.68 -6.42 8.83
CA TRP B 149 -22.92 -5.06 9.31
C TRP B 149 -22.96 -5.01 10.84
N ASN B 150 -22.05 -5.71 11.49
CA ASN B 150 -22.02 -5.67 12.93
C ASN B 150 -21.31 -4.39 13.32
N ILE B 151 -22.04 -3.52 14.01
CA ILE B 151 -21.52 -2.22 14.42
C ILE B 151 -20.33 -2.34 15.36
N GLY B 152 -20.37 -3.33 16.24
CA GLY B 152 -19.29 -3.56 17.17
C GLY B 152 -17.96 -3.88 16.51
N ARG B 153 -17.98 -4.68 15.45
CA ARG B 153 -16.76 -5.05 14.74
C ARG B 153 -16.81 -4.94 13.21
N LEU B 154 -16.86 -3.71 12.70
CA LEU B 154 -16.89 -3.44 11.25
C LEU B 154 -15.60 -3.85 10.52
N ARG B 155 -14.48 -3.65 11.19
CA ARG B 155 -13.11 -3.91 10.71
C ARG B 155 -12.72 -3.03 9.52
N THR B 156 -12.97 -1.72 9.62
CA THR B 156 -12.53 -0.78 8.59
C THR B 156 -11.12 -0.29 8.99
N ILE B 157 -10.52 0.56 8.15
CA ILE B 157 -9.20 1.10 8.41
C ILE B 157 -9.18 1.96 9.69
N LEU B 158 -10.36 2.37 10.23
CA LEU B 158 -10.39 3.08 11.51
C LEU B 158 -9.78 2.24 12.65
N ASP B 159 -9.65 0.92 12.44
CA ASP B 159 -9.08 -0.01 13.41
C ASP B 159 -7.59 0.24 13.63
N LEU B 160 -6.95 0.92 12.67
CA LEU B 160 -5.55 1.32 12.73
C LEU B 160 -5.22 2.27 13.89
N VAL B 161 -6.24 2.98 14.45
CA VAL B 161 -6.11 3.88 15.61
C VAL B 161 -5.55 3.08 16.85
N GLU B 162 -5.88 1.77 16.96
CA GLU B 162 -5.34 0.88 18.01
C GLU B 162 -4.21 -0.03 17.49
C GLY B 171 -14.55 5.51 20.51
N VAL B 172 -13.93 6.00 19.44
CA VAL B 172 -14.57 6.08 18.14
C VAL B 172 -14.93 4.70 17.59
N ASN B 173 -14.04 3.75 17.82
CA ASN B 173 -14.20 2.37 17.38
C ASN B 173 -15.38 1.61 17.99
N THR B 174 -15.63 1.84 19.27
CA THR B 174 -16.69 1.17 20.02
C THR B 174 -18.15 1.55 19.69
N PRO B 175 -19.08 0.52 19.83
CA PRO B 175 -20.46 0.90 19.52
C PRO B 175 -21.21 1.62 20.65
N TYR B 176 -22.21 2.42 20.29
CA TYR B 176 -23.01 3.17 21.26
C TYR B 176 -24.50 2.96 21.05
N LEU B 177 -25.25 3.03 22.14
CA LEU B 177 -26.70 2.83 22.11
C LEU B 177 -27.45 4.10 22.49
N TYR B 178 -28.57 4.34 21.80
CA TYR B 178 -29.39 5.52 22.05
C TYR B 178 -30.86 5.16 22.25
N PHE B 179 -31.35 5.34 23.47
CA PHE B 179 -32.73 5.08 23.82
C PHE B 179 -33.44 6.41 23.77
N GLY B 180 -34.21 6.62 22.72
CA GLY B 180 -34.93 7.87 22.57
C GLY B 180 -36.33 7.81 23.12
N MET B 181 -36.92 8.99 23.25
CA MET B 181 -38.32 9.21 23.55
C MET B 181 -38.71 10.36 22.66
N TRP B 182 -39.98 10.68 22.64
CA TRP B 182 -40.48 11.76 21.82
C TRP B 182 -39.75 13.08 22.11
N LYS B 183 -39.27 13.80 21.04
CA LYS B 183 -38.69 15.15 21.13
C LYS B 183 -37.25 15.18 21.58
N THR B 184 -36.61 14.02 21.76
CA THR B 184 -35.21 14.01 22.11
C THR B 184 -34.53 14.36 20.78
N SER B 185 -33.44 15.12 20.83
CA SER B 185 -32.81 15.54 19.60
C SER B 185 -31.29 15.47 19.53
N PHE B 186 -30.79 15.44 18.30
CA PHE B 186 -29.37 15.50 18.06
C PHE B 186 -29.17 16.77 17.23
N ALA B 187 -28.29 17.63 17.71
CA ALA B 187 -27.99 18.92 17.09
C ALA B 187 -27.15 18.81 15.82
N TRP B 188 -27.12 19.88 15.04
CA TRP B 188 -26.35 19.87 13.80
C TRP B 188 -24.87 19.63 14.09
N HIS B 189 -24.30 18.66 13.39
CA HIS B 189 -22.91 18.33 13.58
C HIS B 189 -22.37 17.43 12.47
N THR B 190 -21.06 17.30 12.45
CA THR B 190 -20.37 16.42 11.53
C THR B 190 -19.74 15.49 12.55
N GLU B 191 -19.36 14.30 12.13
CA GLU B 191 -18.79 13.35 13.08
C GLU B 191 -17.42 13.82 13.58
N ASP B 192 -16.97 13.28 14.73
CA ASP B 192 -15.67 13.58 15.27
C ASP B 192 -14.66 13.20 14.19
N MET B 193 -13.67 14.10 13.95
CA MET B 193 -12.62 13.91 12.94
C MET B 193 -13.22 13.82 11.49
N ASP B 194 -14.49 14.27 11.28
CA ASP B 194 -15.21 14.20 9.99
C ASP B 194 -15.25 12.76 9.40
N LEU B 195 -15.46 11.81 10.30
CA LEU B 195 -15.57 10.40 9.99
C LEU B 195 -16.94 10.01 9.47
N TYR B 196 -17.04 8.78 9.00
CA TYR B 196 -18.28 8.21 8.57
C TYR B 196 -18.96 7.73 9.83
N SER B 197 -20.26 7.49 9.76
CA SER B 197 -20.99 6.94 10.87
C SER B 197 -22.09 6.03 10.32
N ILE B 198 -22.44 5.01 11.08
CA ILE B 198 -23.48 4.05 10.75
C ILE B 198 -24.41 4.11 11.97
N ASN B 199 -25.71 4.05 11.72
CA ASN B 199 -26.78 4.11 12.73
C ASN B 199 -27.82 3.08 12.31
N TYR B 200 -28.10 2.13 13.19
CA TYR B 200 -29.11 1.13 12.97
C TYR B 200 -30.24 1.36 13.99
N LEU B 201 -31.49 1.40 13.52
CA LEU B 201 -32.65 1.55 14.38
C LEU B 201 -33.16 0.17 14.72
N HIS B 202 -32.80 -0.32 15.92
CA HIS B 202 -33.11 -1.67 16.39
C HIS B 202 -34.57 -1.93 16.49
N PHE B 203 -35.30 -1.01 17.11
CA PHE B 203 -36.72 -1.15 17.35
C PHE B 203 -37.28 0.20 17.71
N GLY B 204 -38.59 0.27 17.78
CA GLY B 204 -39.28 1.47 18.24
C GLY B 204 -39.80 2.42 17.20
N GLU B 205 -40.15 3.60 17.67
CA GLU B 205 -40.71 4.68 16.87
C GLU B 205 -39.62 5.27 15.97
N PRO B 206 -40.00 5.93 14.85
CA PRO B 206 -38.98 6.45 13.93
C PRO B 206 -38.04 7.53 14.47
N LYS B 207 -37.03 7.81 13.68
CA LYS B 207 -36.06 8.87 13.92
C LYS B 207 -35.97 9.70 12.64
N SER B 208 -36.22 11.00 12.73
CA SER B 208 -36.12 11.89 11.55
C SER B 208 -34.84 12.65 11.51
N TRP B 209 -34.26 12.75 10.30
CA TRP B 209 -32.98 13.36 10.05
C TRP B 209 -33.08 14.48 9.10
N TYR B 210 -32.13 15.40 9.22
CA TYR B 210 -31.92 16.52 8.30
C TYR B 210 -30.49 16.42 7.92
N SER B 211 -30.17 16.81 6.69
N SER B 211 -30.17 16.79 6.68
CA SER B 211 -28.79 16.72 6.19
CA SER B 211 -28.79 16.70 6.17
C SER B 211 -28.47 17.83 5.22
C SER B 211 -28.47 17.81 5.19
N VAL B 212 -27.22 18.29 5.25
CA VAL B 212 -26.69 19.31 4.37
C VAL B 212 -25.57 18.63 3.59
N PRO B 213 -25.66 18.65 2.25
CA PRO B 213 -24.62 17.97 1.44
C PRO B 213 -23.20 18.47 1.81
N PRO B 214 -22.18 17.59 1.99
CA PRO B 214 -20.82 18.09 2.31
C PRO B 214 -20.34 19.27 1.47
N GLU B 215 -20.68 19.29 0.15
CA GLU B 215 -20.34 20.39 -0.75
C GLU B 215 -20.94 21.75 -0.33
N HIS B 216 -21.91 21.78 0.59
CA HIS B 216 -22.58 22.99 1.09
C HIS B 216 -22.44 23.18 2.61
N GLY B 217 -21.63 22.33 3.26
CA GLY B 217 -21.35 22.38 4.68
C GLY B 217 -20.83 23.70 5.20
N LYS B 218 -19.96 24.36 4.43
CA LYS B 218 -19.37 25.66 4.80
C LYS B 218 -20.41 26.78 4.84
N ARG B 219 -21.48 26.65 4.04
CA ARG B 219 -22.61 27.58 4.05
C ARG B 219 -23.45 27.41 5.32
N LEU B 220 -23.54 26.17 5.86
CA LEU B 220 -24.24 25.98 7.12
C LEU B 220 -23.43 26.65 8.22
N GLU B 221 -22.08 26.47 8.17
CA GLU B 221 -21.14 27.06 9.13
C GLU B 221 -21.20 28.57 9.13
N ARG B 222 -21.30 29.18 7.94
CA ARG B 222 -21.39 30.64 7.83
C ARG B 222 -22.68 31.12 8.47
N LEU B 223 -23.80 30.43 8.18
CA LEU B 223 -25.07 30.76 8.78
C LEU B 223 -24.97 30.65 10.31
N ALA B 224 -24.54 29.47 10.86
CA ALA B 224 -24.42 29.30 12.32
C ALA B 224 -23.46 30.31 12.99
N LYS B 225 -22.34 30.68 12.32
CA LYS B 225 -21.41 31.67 12.88
C LYS B 225 -22.08 33.04 13.01
N GLY B 226 -22.86 33.42 11.99
CA GLY B 226 -23.58 34.68 11.97
C GLY B 226 -24.58 34.82 13.10
N PHE B 227 -25.29 33.72 13.43
CA PHE B 227 -26.29 33.68 14.49
C PHE B 227 -25.75 33.53 15.92
N PHE B 228 -24.59 32.90 16.09
CA PHE B 228 -23.94 32.72 17.41
C PHE B 228 -22.50 33.24 17.36
N PRO B 229 -22.29 34.58 17.18
CA PRO B 229 -20.91 35.10 17.10
C PRO B 229 -20.09 34.94 18.39
N GLY B 230 -20.78 34.88 19.55
CA GLY B 230 -20.16 34.65 20.85
C GLY B 230 -19.54 33.26 20.94
N SER B 231 -20.31 32.23 20.53
CA SER B 231 -19.89 30.82 20.45
C SER B 231 -18.72 30.65 19.48
N ALA B 232 -18.83 31.27 18.29
CA ALA B 232 -17.81 31.25 17.22
C ALA B 232 -16.50 31.93 17.67
N GLN B 233 -16.59 33.05 18.44
CA GLN B 233 -15.39 33.74 18.92
C GLN B 233 -14.63 32.83 19.91
N SER B 234 -15.39 32.16 20.80
CA SER B 234 -14.90 31.24 21.82
C SER B 234 -14.32 29.94 21.26
N CYS B 235 -14.85 29.43 20.13
CA CYS B 235 -14.40 28.15 19.57
C CYS B 235 -14.48 28.12 18.05
N GLU B 236 -13.47 27.54 17.39
N GLU B 236 -13.46 27.56 17.40
CA GLU B 236 -13.37 27.39 15.93
CA GLU B 236 -13.42 27.40 15.95
C GLU B 236 -14.40 26.38 15.35
C GLU B 236 -14.60 26.52 15.53
N ALA B 237 -14.65 25.29 16.06
CA ALA B 237 -15.64 24.29 15.70
C ALA B 237 -16.76 24.12 16.76
N PHE B 238 -17.45 25.21 17.14
CA PHE B 238 -18.52 25.20 18.17
C PHE B 238 -19.70 24.26 17.81
N LEU B 239 -19.92 23.94 16.51
CA LEU B 239 -20.98 22.98 16.15
C LEU B 239 -20.66 21.58 16.71
N ARG B 240 -19.35 21.28 16.93
CA ARG B 240 -18.87 20.02 17.54
C ARG B 240 -19.36 19.81 18.98
N HIS B 241 -19.86 20.85 19.65
CA HIS B 241 -20.43 20.75 20.98
C HIS B 241 -21.79 20.03 20.89
N LYS B 242 -22.36 19.93 19.65
CA LYS B 242 -23.65 19.30 19.35
C LYS B 242 -24.75 19.92 20.24
N MET B 243 -24.82 21.27 20.25
CA MET B 243 -25.80 22.02 21.02
C MET B 243 -26.72 22.87 20.13
N THR B 244 -26.32 23.13 18.89
CA THR B 244 -27.00 24.08 17.98
C THR B 244 -28.10 23.43 17.13
N LEU B 245 -29.36 23.86 17.37
CA LEU B 245 -30.52 23.36 16.62
C LEU B 245 -31.02 24.47 15.72
N ILE B 246 -31.17 24.15 14.42
CA ILE B 246 -31.63 25.09 13.40
C ILE B 246 -32.78 24.42 12.63
N SER B 247 -33.95 25.06 12.64
CA SER B 247 -35.10 24.45 11.94
C SER B 247 -34.94 24.40 10.40
N PRO B 248 -35.60 23.43 9.69
CA PRO B 248 -35.57 23.43 8.23
C PRO B 248 -36.11 24.71 7.62
N LEU B 249 -37.03 25.41 8.33
CA LEU B 249 -37.60 26.66 7.85
C LEU B 249 -36.55 27.79 7.85
N MET B 250 -35.66 27.79 8.86
CA MET B 250 -34.56 28.72 9.01
C MET B 250 -33.55 28.50 7.86
N LEU B 251 -33.27 27.24 7.51
CA LEU B 251 -32.36 26.87 6.40
C LEU B 251 -32.92 27.30 5.03
N LYS B 252 -34.22 27.07 4.82
CA LYS B 252 -34.96 27.44 3.61
C LYS B 252 -35.01 28.97 3.44
N LYS B 253 -35.23 29.69 4.57
CA LYS B 253 -35.24 31.16 4.60
C LYS B 253 -33.92 31.74 4.07
N TYR B 254 -32.80 31.09 4.38
CA TYR B 254 -31.48 31.52 3.95
C TYR B 254 -30.88 30.76 2.78
N GLY B 255 -31.69 29.98 2.07
CA GLY B 255 -31.22 29.25 0.90
C GLY B 255 -30.16 28.19 1.14
N ILE B 256 -30.08 27.63 2.35
CA ILE B 256 -29.13 26.57 2.63
C ILE B 256 -29.75 25.28 2.10
N PRO B 257 -29.06 24.59 1.17
CA PRO B 257 -29.62 23.32 0.67
C PRO B 257 -29.59 22.22 1.73
N PHE B 258 -30.66 21.47 1.78
CA PHE B 258 -30.80 20.40 2.75
C PHE B 258 -31.79 19.38 2.29
N ASP B 259 -31.74 18.21 2.89
CA ASP B 259 -32.73 17.19 2.64
C ASP B 259 -33.20 16.63 3.98
N LYS B 260 -34.31 15.91 3.96
CA LYS B 260 -34.85 15.27 5.17
C LYS B 260 -35.20 13.82 4.85
N VAL B 261 -35.09 12.95 5.86
CA VAL B 261 -35.41 11.52 5.73
C VAL B 261 -35.86 10.96 7.05
N THR B 262 -36.84 10.06 7.02
CA THR B 262 -37.30 9.35 8.21
C THR B 262 -36.79 7.92 8.17
N GLN B 263 -36.06 7.56 9.19
CA GLN B 263 -35.51 6.24 9.39
C GLN B 263 -36.49 5.46 10.31
N GLU B 264 -36.89 4.27 9.84
CA GLU B 264 -37.79 3.39 10.59
C GLU B 264 -37.03 2.17 11.12
N ALA B 265 -37.67 1.41 12.02
CA ALA B 265 -37.01 0.27 12.64
C ALA B 265 -36.54 -0.73 11.58
N GLY B 266 -35.33 -1.23 11.81
CA GLY B 266 -34.67 -2.20 10.98
C GLY B 266 -33.96 -1.62 9.80
N GLU B 267 -33.71 -0.28 9.80
CA GLU B 267 -33.02 0.38 8.69
C GLU B 267 -31.71 0.99 9.15
N PHE B 268 -30.72 1.06 8.24
CA PHE B 268 -29.44 1.68 8.51
C PHE B 268 -29.41 3.08 7.90
N MET B 269 -28.74 4.01 8.58
CA MET B 269 -28.46 5.35 8.07
C MET B 269 -26.94 5.45 8.02
N ILE B 270 -26.40 5.96 6.91
CA ILE B 270 -24.95 6.17 6.81
C ILE B 270 -24.68 7.66 6.70
N THR B 271 -23.80 8.23 7.56
CA THR B 271 -23.37 9.61 7.42
C THR B 271 -22.00 9.58 6.81
N PHE B 272 -21.73 10.53 5.92
CA PHE B 272 -20.47 10.54 5.21
C PHE B 272 -19.57 11.65 5.72
N PRO B 273 -18.24 11.59 5.45
CA PRO B 273 -17.34 12.64 5.90
C PRO B 273 -17.81 14.02 5.54
N TYR B 274 -17.93 14.85 6.57
CA TYR B 274 -18.27 16.26 6.52
C TYR B 274 -19.73 16.49 6.16
N GLY B 275 -20.56 15.47 6.33
CA GLY B 275 -21.99 15.55 6.14
C GLY B 275 -22.64 15.97 7.45
N TYR B 276 -23.04 17.27 7.54
CA TYR B 276 -23.82 17.80 8.66
C TYR B 276 -25.21 17.17 8.73
N HIS B 277 -25.62 16.79 9.94
CA HIS B 277 -26.91 16.14 10.17
C HIS B 277 -27.44 16.53 11.54
N ALA B 278 -28.76 16.43 11.71
CA ALA B 278 -29.50 16.80 12.92
C ALA B 278 -30.78 16.02 12.84
N GLY B 279 -31.52 15.95 13.93
CA GLY B 279 -32.79 15.26 13.87
C GLY B 279 -33.45 15.07 15.21
N PHE B 280 -34.46 14.17 15.26
CA PHE B 280 -35.20 13.91 16.48
C PHE B 280 -35.89 12.56 16.44
N ASN B 281 -36.29 12.08 17.61
CA ASN B 281 -36.97 10.80 17.83
C ASN B 281 -38.48 11.04 17.93
N HIS B 282 -39.29 10.18 17.29
CA HIS B 282 -40.77 10.26 17.26
C HIS B 282 -41.35 9.71 18.55
N GLY B 283 -40.62 8.86 19.24
CA GLY B 283 -41.04 8.23 20.49
C GLY B 283 -39.99 7.26 20.97
N PHE B 284 -40.39 6.31 21.82
CA PHE B 284 -39.51 5.29 22.37
C PHE B 284 -38.92 4.41 21.27
N ASN B 285 -37.58 4.34 21.24
CA ASN B 285 -36.81 3.58 20.27
C ASN B 285 -35.45 3.32 20.80
N CYS B 286 -34.63 2.59 20.02
CA CYS B 286 -33.23 2.30 20.32
C CYS B 286 -32.43 2.20 19.03
N ALA B 287 -31.36 3.04 18.93
CA ALA B 287 -30.45 3.09 17.79
C ALA B 287 -29.06 2.71 18.24
N GLU B 288 -28.32 1.99 17.37
CA GLU B 288 -26.93 1.59 17.66
C GLU B 288 -26.03 2.28 16.68
N SER B 289 -24.95 2.88 17.13
CA SER B 289 -24.07 3.54 16.20
C SER B 289 -22.59 3.48 16.55
N THR B 290 -21.74 3.73 15.52
CA THR B 290 -20.31 3.84 15.61
C THR B 290 -19.80 4.68 14.43
N ASN B 291 -18.51 5.00 14.46
CA ASN B 291 -17.85 5.69 13.39
C ASN B 291 -17.10 4.65 12.61
N PHE B 292 -16.76 4.95 11.39
CA PHE B 292 -15.94 4.07 10.56
C PHE B 292 -15.24 4.91 9.51
N ALA B 293 -14.26 4.32 8.80
CA ALA B 293 -13.52 5.02 7.76
C ALA B 293 -13.39 4.24 6.44
N THR B 294 -13.05 4.97 5.37
CA THR B 294 -12.66 4.42 4.07
C THR B 294 -11.36 5.15 3.76
N ARG B 295 -10.68 4.77 2.67
CA ARG B 295 -9.47 5.48 2.25
C ARG B 295 -9.70 7.01 1.99
N ARG B 296 -10.90 7.34 1.54
CA ARG B 296 -11.29 8.70 1.24
C ARG B 296 -11.27 9.57 2.49
N TRP B 297 -11.58 8.97 3.62
CA TRP B 297 -11.62 9.68 4.87
C TRP B 297 -10.30 10.32 5.34
N ILE B 298 -9.17 9.71 5.04
CA ILE B 298 -7.89 10.21 5.57
C ILE B 298 -7.65 11.69 5.31
N GLU B 299 -7.93 12.14 4.11
CA GLU B 299 -7.82 13.57 3.81
C GLU B 299 -8.70 14.45 4.70
N TYR B 300 -9.98 14.04 4.92
CA TYR B 300 -10.94 14.71 5.83
C TYR B 300 -10.39 14.75 7.23
N GLY B 301 -9.83 13.62 7.71
CA GLY B 301 -9.26 13.57 9.05
C GLY B 301 -8.13 14.56 9.21
N LYS B 302 -7.26 14.63 8.21
CA LYS B 302 -6.09 15.51 8.15
C LYS B 302 -6.51 16.99 8.21
N GLN B 303 -7.61 17.33 7.52
CA GLN B 303 -8.11 18.70 7.40
C GLN B 303 -9.30 19.05 8.30
N ALA B 304 -9.70 18.16 9.23
CA ALA B 304 -10.86 18.44 10.09
C ALA B 304 -10.60 19.61 11.06
N VAL B 305 -11.51 20.59 11.12
CA VAL B 305 -11.39 21.71 12.06
C VAL B 305 -11.93 21.24 13.42
N LEU B 306 -11.08 21.25 14.43
CA LEU B 306 -11.36 20.69 15.75
C LEU B 306 -11.78 21.74 16.79
N CYS B 307 -12.56 21.28 17.78
CA CYS B 307 -13.04 22.09 18.89
C CYS B 307 -11.80 22.58 19.66
N SER B 308 -11.63 23.91 19.69
CA SER B 308 -10.50 24.63 20.28
C SER B 308 -10.66 24.97 21.76
N CYS B 309 -11.92 24.99 22.27
CA CYS B 309 -12.21 25.33 23.66
C CYS B 309 -12.14 24.12 24.64
N ARG B 310 -11.77 22.90 24.14
CA ARG B 310 -11.63 21.67 24.93
N MET B 313 -11.97 16.95 23.99
CA MET B 313 -12.58 16.61 22.71
C MET B 313 -11.95 15.36 22.04
N VAL B 314 -12.75 14.63 21.24
CA VAL B 314 -12.33 13.41 20.52
C VAL B 314 -11.36 13.72 19.36
N LYS B 315 -10.06 13.51 19.61
CA LYS B 315 -9.00 13.72 18.63
C LYS B 315 -8.24 12.42 18.28
N ILE B 316 -8.08 12.18 16.97
CA ILE B 316 -7.36 11.04 16.45
C ILE B 316 -6.08 11.58 15.81
N SER B 317 -4.93 10.97 16.13
CA SER B 317 -3.69 11.35 15.46
C SER B 317 -3.72 10.71 14.06
N MET B 318 -3.62 11.56 13.04
CA MET B 318 -3.62 11.14 11.64
C MET B 318 -2.30 10.49 11.21
N ASP B 319 -1.21 10.79 11.90
CA ASP B 319 0.13 10.26 11.63
C ASP B 319 0.18 8.80 11.09
N VAL B 320 -0.49 7.85 11.77
CA VAL B 320 -0.52 6.40 11.42
C VAL B 320 -1.14 6.15 10.05
N PHE B 321 -2.14 6.97 9.66
CA PHE B 321 -2.86 6.89 8.41
C PHE B 321 -2.05 7.46 7.25
N VAL B 322 -1.31 8.57 7.51
CA VAL B 322 -0.47 9.25 6.54
C VAL B 322 0.70 8.33 6.20
N ARG B 323 1.32 7.73 7.20
CA ARG B 323 2.40 6.77 6.97
C ARG B 323 1.97 5.60 6.08
N LYS B 324 0.89 4.89 6.43
CA LYS B 324 0.42 3.72 5.69
C LYS B 324 -0.09 4.01 4.29
N PHE B 325 -0.96 5.01 4.14
CA PHE B 325 -1.64 5.29 2.89
C PHE B 325 -1.05 6.40 2.03
N GLN B 326 -0.26 7.33 2.62
CA GLN B 326 0.36 8.44 1.90
C GLN B 326 1.84 8.56 2.28
N PRO B 327 2.67 7.47 2.27
CA PRO B 327 4.07 7.63 2.70
C PRO B 327 4.85 8.69 1.92
N GLU B 328 4.51 8.87 0.62
CA GLU B 328 5.15 9.84 -0.27
C GLU B 328 4.80 11.30 0.11
N ARG B 329 3.77 11.48 0.97
CA ARG B 329 3.32 12.80 1.39
C ARG B 329 3.62 13.10 2.86
N TYR B 330 4.21 12.11 3.56
CA TYR B 330 4.47 12.19 4.98
C TYR B 330 5.34 13.39 5.40
N LYS B 331 6.51 13.61 4.75
CA LYS B 331 7.42 14.74 5.03
C LYS B 331 6.69 16.05 4.81
N LEU B 332 6.13 16.23 3.62
CA LEU B 332 5.34 17.40 3.21
C LEU B 332 4.24 17.71 4.24
N TRP B 333 3.40 16.70 4.59
CA TRP B 333 2.31 16.82 5.57
C TRP B 333 2.82 17.31 6.92
N LYS B 334 3.83 16.61 7.46
CA LYS B 334 4.47 16.97 8.73
C LYS B 334 5.04 18.41 8.70
N ALA B 335 5.61 18.84 7.54
CA ALA B 335 6.14 20.19 7.35
C ALA B 335 5.01 21.26 7.29
N GLY B 336 3.78 20.81 7.01
CA GLY B 336 2.61 21.67 6.92
C GLY B 336 2.30 22.13 5.50
N LYS B 337 3.13 21.69 4.53
CA LYS B 337 3.04 22.03 3.12
C LYS B 337 2.06 21.16 2.30
N ASP B 338 1.12 20.44 2.94
CA ASP B 338 0.16 19.61 2.20
C ASP B 338 -1.18 20.34 1.97
N ASN B 339 -1.29 20.93 0.77
CA ASN B 339 -2.40 21.77 0.32
C ASN B 339 -3.43 21.07 -0.60
N THR B 340 -3.71 19.79 -0.32
CA THR B 340 -4.70 18.98 -1.04
C THR B 340 -6.09 19.63 -0.86
N VAL B 341 -6.76 19.87 -1.96
CA VAL B 341 -8.10 20.44 -1.91
C VAL B 341 -9.03 19.25 -2.02
N ILE B 342 -9.87 19.04 -1.00
CA ILE B 342 -10.83 17.93 -0.99
C ILE B 342 -11.95 18.24 -1.99
N ASP B 343 -12.20 17.30 -2.93
CA ASP B 343 -13.34 17.37 -3.82
C ASP B 343 -14.38 16.44 -3.17
N HIS B 344 -15.46 17.00 -2.60
CA HIS B 344 -16.52 16.21 -1.93
C HIS B 344 -17.34 15.30 -2.86
N THR B 345 -17.26 15.49 -4.19
CA THR B 345 -18.02 14.71 -5.17
C THR B 345 -17.35 13.37 -5.51
N LEU B 346 -16.03 13.28 -5.33
CA LEU B 346 -15.26 12.09 -5.65
C LEU B 346 -15.62 10.91 -4.75
N PRO B 347 -15.91 9.72 -5.34
CA PRO B 347 -16.16 8.53 -4.50
C PRO B 347 -14.82 8.00 -3.94
N THR B 348 -14.87 7.13 -2.95
CA THR B 348 -13.67 6.55 -2.34
C THR B 348 -12.89 5.73 -3.42
N PRO B 349 -11.54 5.61 -3.38
CA PRO B 349 -10.87 4.79 -4.42
C PRO B 349 -11.31 3.32 -4.42
N GLU B 350 -11.86 2.80 -3.27
CA GLU B 350 -12.35 1.40 -3.19
C GLU B 350 -13.52 1.11 -4.17
N ALA B 351 -14.20 2.18 -4.66
CA ALA B 351 -15.35 2.20 -5.59
C ALA B 351 -14.96 2.01 -7.07
N ALA B 352 -13.65 1.94 -7.38
CA ALA B 352 -13.09 1.80 -8.73
C ALA B 352 -13.66 0.61 -9.51
N GLU B 353 -13.78 -0.57 -8.86
CA GLU B 353 -14.35 -1.80 -9.44
C GLU B 353 -15.82 -1.63 -9.91
N PHE B 354 -16.50 -0.57 -9.43
CA PHE B 354 -17.89 -0.21 -9.74
C PHE B 354 -17.98 0.98 -10.73
N LEU B 355 -16.82 1.53 -11.16
CA LEU B 355 -16.73 2.66 -12.09
C LEU B 355 -16.24 2.23 -13.47
N SER C 12 -0.89 -26.30 51.38
CA SER C 12 0.45 -26.77 51.06
C SER C 12 0.97 -26.11 49.79
N ALA C 13 0.04 -25.57 49.00
CA ALA C 13 0.37 -24.90 47.75
C ALA C 13 0.56 -25.90 46.63
N ARG C 14 0.42 -27.18 46.96
CA ARG C 14 0.55 -28.25 45.98
C ARG C 14 -0.74 -28.28 45.16
N ILE C 15 -0.63 -28.67 43.89
CA ILE C 15 -1.81 -28.76 43.04
C ILE C 15 -2.68 -29.93 43.48
N MET C 16 -3.98 -29.70 43.58
CA MET C 16 -4.92 -30.74 44.02
C MET C 16 -5.80 -31.27 42.90
N THR C 17 -6.24 -32.52 43.04
CA THR C 17 -7.10 -33.18 42.05
C THR C 17 -8.40 -33.59 42.75
N PHE C 18 -9.54 -33.28 42.11
CA PHE C 18 -10.87 -33.58 42.61
C PHE C 18 -11.62 -34.50 41.69
N TYR C 19 -12.32 -35.47 42.28
CA TYR C 19 -13.09 -36.49 41.60
C TYR C 19 -14.58 -36.40 41.99
N PRO C 20 -15.33 -35.36 41.55
CA PRO C 20 -16.74 -35.24 41.96
C PRO C 20 -17.66 -36.30 41.35
N THR C 21 -18.73 -36.61 42.08
CA THR C 21 -19.76 -37.55 41.65
C THR C 21 -20.68 -36.81 40.67
N MET C 22 -21.64 -37.49 40.02
CA MET C 22 -22.54 -36.78 39.12
C MET C 22 -23.31 -35.64 39.85
N GLU C 23 -23.86 -35.92 41.07
CA GLU C 23 -24.60 -34.95 41.90
C GLU C 23 -23.75 -33.73 42.29
N GLU C 24 -22.49 -33.98 42.67
CA GLU C 24 -21.52 -32.94 43.01
C GLU C 24 -21.20 -32.09 41.77
N PHE C 25 -21.01 -32.75 40.61
CA PHE C 25 -20.65 -32.16 39.32
C PHE C 25 -21.72 -31.29 38.65
N ARG C 26 -23.02 -31.53 38.91
CA ARG C 26 -24.12 -30.79 38.29
C ARG C 26 -24.10 -29.26 38.55
N ASN C 27 -23.62 -28.83 39.74
CA ASN C 27 -23.54 -27.41 40.13
C ASN C 27 -22.09 -26.91 40.06
N PHE C 28 -21.79 -26.09 39.04
CA PHE C 28 -20.45 -25.55 38.79
C PHE C 28 -19.94 -24.61 39.88
N SER C 29 -20.55 -23.41 40.04
CA SER C 29 -20.15 -22.35 40.99
C SER C 29 -20.10 -22.80 42.45
N ARG C 30 -20.93 -23.80 42.78
CA ARG C 30 -20.98 -24.39 44.11
C ARG C 30 -19.76 -25.28 44.31
N TYR C 31 -19.34 -25.99 43.22
CA TYR C 31 -18.20 -26.90 43.27
C TYR C 31 -16.88 -26.15 43.32
N ILE C 32 -16.83 -24.94 42.75
CA ILE C 32 -15.65 -24.07 42.83
C ILE C 32 -15.53 -23.56 44.27
N ALA C 33 -16.67 -23.33 44.94
CA ALA C 33 -16.74 -22.90 46.34
C ALA C 33 -16.25 -24.04 47.26
N TYR C 34 -16.57 -25.32 46.92
CA TYR C 34 -16.10 -26.49 47.66
C TYR C 34 -14.60 -26.64 47.53
N ILE C 35 -14.05 -26.70 46.27
CA ILE C 35 -12.61 -26.87 46.05
C ILE C 35 -11.81 -25.77 46.79
N GLU C 36 -12.37 -24.55 46.88
CA GLU C 36 -11.74 -23.42 47.60
C GLU C 36 -11.75 -23.61 49.10
N SER C 37 -12.79 -24.30 49.64
CA SER C 37 -12.88 -24.57 51.07
C SER C 37 -11.89 -25.67 51.43
N GLN C 38 -11.34 -26.35 50.40
CA GLN C 38 -10.37 -27.44 50.52
C GLN C 38 -8.93 -26.96 50.40
N GLY C 39 -8.76 -25.69 50.06
CA GLY C 39 -7.45 -25.06 49.89
C GLY C 39 -6.94 -25.02 48.45
N ALA C 40 -7.72 -25.53 47.48
CA ALA C 40 -7.36 -25.60 46.06
C ALA C 40 -6.84 -24.31 45.45
N HIS C 41 -7.38 -23.16 45.88
CA HIS C 41 -7.00 -21.86 45.34
C HIS C 41 -5.55 -21.45 45.64
N ARG C 42 -4.96 -22.03 46.70
CA ARG C 42 -3.61 -21.66 47.15
C ARG C 42 -2.50 -22.07 46.17
N ALA C 43 -2.69 -23.17 45.42
CA ALA C 43 -1.75 -23.63 44.40
C ALA C 43 -1.80 -22.70 43.15
N GLY C 44 -2.98 -22.13 42.88
CA GLY C 44 -3.21 -21.26 41.73
C GLY C 44 -3.83 -22.02 40.58
N LEU C 45 -3.77 -23.37 40.64
CA LEU C 45 -4.25 -24.31 39.65
C LEU C 45 -4.76 -25.57 40.35
N ALA C 46 -5.89 -26.13 39.89
CA ALA C 46 -6.44 -27.40 40.39
C ALA C 46 -6.91 -28.29 39.23
N LYS C 47 -6.89 -29.61 39.40
CA LYS C 47 -7.42 -30.55 38.39
C LYS C 47 -8.74 -31.12 38.88
N VAL C 48 -9.74 -31.15 37.98
CA VAL C 48 -11.05 -31.71 38.28
C VAL C 48 -11.32 -32.84 37.27
N VAL C 49 -11.40 -34.07 37.75
CA VAL C 49 -11.68 -35.24 36.93
C VAL C 49 -13.22 -35.43 36.95
N PRO C 50 -13.92 -35.27 35.80
CA PRO C 50 -15.39 -35.40 35.80
C PRO C 50 -15.89 -36.84 36.05
N PRO C 51 -17.20 -37.06 36.40
CA PRO C 51 -17.67 -38.44 36.59
C PRO C 51 -17.64 -39.17 35.26
N LYS C 52 -17.19 -40.45 35.27
CA LYS C 52 -17.06 -41.32 34.10
C LYS C 52 -18.23 -41.24 33.10
N GLU C 53 -19.48 -41.31 33.60
CA GLU C 53 -20.72 -41.28 32.80
C GLU C 53 -20.94 -39.95 32.00
N TRP C 54 -20.08 -38.94 32.21
CA TRP C 54 -20.17 -37.64 31.57
C TRP C 54 -19.24 -37.51 30.36
N LYS C 55 -19.77 -37.02 29.24
CA LYS C 55 -19.05 -36.77 28.00
C LYS C 55 -19.68 -35.53 27.31
N PRO C 56 -18.91 -34.48 26.95
CA PRO C 56 -19.52 -33.28 26.33
C PRO C 56 -19.92 -33.43 24.85
N ARG C 57 -19.41 -34.49 24.18
CA ARG C 57 -19.61 -34.80 22.77
C ARG C 57 -19.45 -36.30 22.58
N ALA C 58 -20.35 -36.93 21.79
CA ALA C 58 -20.32 -38.37 21.52
C ALA C 58 -19.09 -38.79 20.68
N SER C 59 -18.74 -37.99 19.65
CA SER C 59 -17.61 -38.28 18.74
C SER C 59 -16.87 -36.99 18.34
N TYR C 60 -15.59 -37.12 18.01
CA TYR C 60 -14.77 -35.99 17.54
C TYR C 60 -14.32 -36.18 16.06
N ASP C 61 -14.89 -37.19 15.36
CA ASP C 61 -14.57 -37.54 13.97
C ASP C 61 -15.29 -36.67 12.93
N ASP C 62 -16.12 -35.71 13.38
CA ASP C 62 -16.93 -34.83 12.53
C ASP C 62 -16.43 -33.38 12.45
N ILE C 63 -15.17 -33.10 12.80
CA ILE C 63 -14.68 -31.70 12.81
C ILE C 63 -13.45 -31.47 11.90
N ASP C 64 -13.14 -32.40 11.00
CA ASP C 64 -11.97 -32.29 10.12
C ASP C 64 -11.94 -31.04 9.26
N ASP C 65 -13.13 -30.55 8.87
CA ASP C 65 -13.27 -29.35 8.06
C ASP C 65 -13.42 -28.08 8.87
N LEU C 66 -13.37 -28.18 10.23
CA LEU C 66 -13.48 -27.02 11.11
C LEU C 66 -12.27 -26.13 10.84
N VAL C 67 -12.55 -24.83 10.68
CA VAL C 67 -11.58 -23.81 10.32
C VAL C 67 -10.91 -23.16 11.50
N ILE C 68 -9.55 -23.14 11.47
CA ILE C 68 -8.66 -22.43 12.41
C ILE C 68 -8.32 -21.15 11.61
N PRO C 69 -9.04 -20.03 11.88
CA PRO C 69 -8.83 -18.80 11.06
C PRO C 69 -7.45 -18.17 11.13
N ALA C 70 -6.84 -18.18 12.34
CA ALA C 70 -5.53 -17.56 12.58
C ALA C 70 -4.51 -18.52 13.26
N PRO C 71 -4.00 -19.57 12.57
CA PRO C 71 -3.01 -20.46 13.22
C PRO C 71 -1.72 -19.71 13.44
N ILE C 72 -1.06 -19.91 14.57
CA ILE C 72 0.18 -19.17 14.87
C ILE C 72 1.42 -20.07 14.88
N GLN C 73 2.48 -19.66 14.19
CA GLN C 73 3.76 -20.30 14.26
C GLN C 73 4.45 -19.70 15.50
N GLN C 74 4.97 -20.55 16.36
CA GLN C 74 5.54 -20.04 17.60
C GLN C 74 7.04 -19.98 17.56
N LEU C 75 7.56 -18.77 17.31
CA LEU C 75 9.00 -18.60 17.31
C LEU C 75 9.49 -18.24 18.65
N VAL C 76 10.47 -18.98 19.13
CA VAL C 76 10.98 -18.78 20.46
C VAL C 76 12.46 -18.47 20.37
N THR C 77 12.84 -17.39 21.00
CA THR C 77 14.23 -16.89 21.07
C THR C 77 14.64 -16.77 22.54
N GLY C 78 15.88 -17.15 22.80
CA GLY C 78 16.47 -17.10 24.12
C GLY C 78 17.48 -18.21 24.38
N GLN C 79 17.92 -18.29 25.64
CA GLN C 79 18.91 -19.23 26.18
C GLN C 79 18.87 -19.19 27.72
N SER C 80 19.51 -20.21 28.35
CA SER C 80 19.67 -20.34 29.82
C SER C 80 18.33 -20.20 30.59
N GLY C 81 17.35 -20.97 30.11
CA GLY C 81 16.01 -21.06 30.64
C GLY C 81 15.15 -19.82 30.58
N LEU C 82 15.54 -18.81 29.79
CA LEU C 82 14.82 -17.54 29.62
C LEU C 82 14.53 -17.32 28.14
N PHE C 83 13.24 -17.26 27.79
CA PHE C 83 12.82 -17.14 26.38
C PHE C 83 11.69 -16.14 26.13
N THR C 84 11.61 -15.69 24.88
CA THR C 84 10.56 -14.80 24.34
C THR C 84 9.92 -15.50 23.15
N GLN C 85 8.60 -15.61 23.19
CA GLN C 85 7.79 -16.22 22.14
C GLN C 85 7.17 -15.14 21.27
N TYR C 86 7.36 -15.27 19.97
CA TYR C 86 6.85 -14.41 18.92
C TYR C 86 5.88 -15.28 18.14
N ASN C 87 4.61 -14.90 18.15
CA ASN C 87 3.53 -15.67 17.54
C ASN C 87 3.28 -15.09 16.18
N ILE C 88 3.63 -15.84 15.12
CA ILE C 88 3.48 -15.43 13.73
C ILE C 88 2.21 -16.03 13.13
N GLN C 89 1.32 -15.18 12.64
CA GLN C 89 0.08 -15.62 12.02
C GLN C 89 0.36 -16.28 10.68
N LYS C 90 -0.31 -17.40 10.44
CA LYS C 90 -0.21 -18.18 9.23
C LYS C 90 -1.62 -18.13 8.62
N LYS C 91 -1.77 -18.53 7.34
CA LYS C 91 -3.10 -18.54 6.70
C LYS C 91 -4.01 -19.60 7.35
N ALA C 92 -5.35 -19.38 7.26
CA ALA C 92 -6.38 -20.29 7.80
C ALA C 92 -6.18 -21.69 7.28
N MET C 93 -6.56 -22.65 8.09
CA MET C 93 -6.45 -24.04 7.75
C MET C 93 -7.49 -24.82 8.51
N THR C 94 -7.82 -26.01 8.03
CA THR C 94 -8.79 -26.89 8.68
C THR C 94 -8.10 -27.72 9.77
N VAL C 95 -8.91 -28.33 10.66
CA VAL C 95 -8.45 -29.26 11.69
C VAL C 95 -7.64 -30.40 11.02
N ARG C 96 -8.14 -30.90 9.86
N ARG C 96 -8.13 -30.90 9.85
CA ARG C 96 -7.51 -31.95 9.07
CA ARG C 96 -7.51 -31.96 9.06
C ARG C 96 -6.07 -31.59 8.66
C ARG C 96 -6.07 -31.61 8.64
N GLU C 97 -5.87 -30.37 8.10
CA GLU C 97 -4.56 -29.89 7.64
C GLU C 97 -3.60 -29.77 8.81
N PHE C 98 -4.12 -29.25 9.95
CA PHE C 98 -3.41 -29.09 11.22
C PHE C 98 -2.93 -30.43 11.77
N ARG C 99 -3.85 -31.42 11.86
N ARG C 99 -3.84 -31.43 11.90
CA ARG C 99 -3.65 -32.80 12.30
CA ARG C 99 -3.51 -32.76 12.37
C ARG C 99 -2.53 -33.49 11.51
C ARG C 99 -2.41 -33.41 11.52
N LYS C 100 -2.45 -33.24 10.18
CA LYS C 100 -1.45 -33.80 9.25
C LYS C 100 -0.08 -33.23 9.52
N ILE C 101 0.02 -31.89 9.71
CA ILE C 101 1.26 -31.21 10.07
C ILE C 101 1.69 -31.71 11.46
N ALA C 102 0.76 -31.76 12.44
CA ALA C 102 0.99 -32.21 13.83
C ALA C 102 1.57 -33.64 13.93
N ASN C 103 1.01 -34.58 13.17
CA ASN C 103 1.41 -35.99 13.20
C ASN C 103 2.54 -36.34 12.22
N SER C 104 3.08 -35.35 11.46
CA SER C 104 4.18 -35.65 10.52
C SER C 104 5.51 -35.87 11.26
N ASP C 105 6.53 -36.38 10.55
CA ASP C 105 7.86 -36.62 11.14
C ASP C 105 8.57 -35.33 11.55
N LYS C 106 8.27 -34.19 10.90
CA LYS C 106 8.91 -32.94 11.28
C LYS C 106 8.37 -32.38 12.59
N TYR C 107 7.07 -32.63 12.91
CA TYR C 107 6.42 -32.04 14.09
C TYR C 107 5.93 -32.98 15.19
N CYS C 108 5.82 -34.31 14.94
CA CYS C 108 5.33 -35.24 15.96
C CYS C 108 6.18 -35.28 17.22
N THR C 109 5.58 -35.77 18.31
CA THR C 109 6.18 -35.95 19.65
C THR C 109 7.39 -36.91 19.60
N PRO C 110 8.51 -36.59 20.27
CA PRO C 110 9.62 -37.55 20.30
C PRO C 110 9.34 -38.75 21.19
N ARG C 111 10.19 -39.81 21.09
CA ARG C 111 10.05 -40.99 21.94
C ARG C 111 10.33 -40.57 23.39
N TYR C 112 9.56 -41.08 24.33
CA TYR C 112 9.80 -40.77 25.75
C TYR C 112 9.27 -41.84 26.68
N SER C 113 9.96 -42.06 27.79
CA SER C 113 9.53 -43.06 28.76
C SER C 113 8.74 -42.45 29.90
N GLU C 114 9.16 -41.26 30.31
CA GLU C 114 8.52 -40.55 31.42
C GLU C 114 8.38 -39.08 31.08
N PHE C 115 7.50 -38.39 31.81
CA PHE C 115 7.26 -36.97 31.55
C PHE C 115 8.54 -36.18 31.76
N GLU C 116 9.31 -36.52 32.78
CA GLU C 116 10.56 -35.82 33.05
C GLU C 116 11.47 -35.82 31.83
N GLU C 117 11.46 -36.92 31.04
CA GLU C 117 12.23 -37.07 29.82
C GLU C 117 11.67 -36.12 28.74
N LEU C 118 10.34 -36.16 28.51
CA LEU C 118 9.71 -35.28 27.51
C LEU C 118 9.86 -33.78 27.87
N GLU C 119 9.71 -33.44 29.17
CA GLU C 119 9.87 -32.10 29.71
C GLU C 119 11.28 -31.58 29.38
N ARG C 120 12.34 -32.40 29.64
CA ARG C 120 13.75 -32.12 29.31
C ARG C 120 13.91 -31.82 27.81
N LYS C 121 13.23 -32.59 26.96
CA LYS C 121 13.27 -32.40 25.51
C LYS C 121 12.61 -31.09 25.13
N TYR C 122 11.52 -30.72 25.81
CA TYR C 122 10.77 -29.50 25.52
C TYR C 122 11.69 -28.31 25.75
N TRP C 123 12.30 -28.22 26.94
CA TRP C 123 13.19 -27.13 27.30
C TRP C 123 14.51 -27.11 26.49
N LYS C 124 14.93 -28.27 25.97
CA LYS C 124 16.13 -28.36 25.14
C LYS C 124 15.85 -27.91 23.70
N ASN C 125 14.63 -28.20 23.18
CA ASN C 125 14.26 -27.95 21.79
C ASN C 125 13.18 -26.89 21.54
N LEU C 126 12.79 -26.08 22.53
CA LEU C 126 11.70 -25.10 22.32
C LEU C 126 12.04 -23.97 21.33
N THR C 127 13.32 -23.71 21.10
CA THR C 127 13.73 -22.69 20.14
C THR C 127 13.95 -23.26 18.72
N PHE C 128 13.71 -24.55 18.52
CA PHE C 128 13.92 -25.19 17.23
C PHE C 128 12.67 -25.72 16.53
N ASN C 129 12.67 -25.70 15.19
CA ASN C 129 11.54 -26.25 14.44
C ASN C 129 10.23 -25.73 14.97
N PRO C 130 10.05 -24.41 14.96
CA PRO C 130 8.85 -23.81 15.57
C PRO C 130 7.51 -24.43 15.17
N PRO C 131 6.69 -24.82 16.17
CA PRO C 131 5.42 -25.49 15.84
C PRO C 131 4.29 -24.52 15.49
N ILE C 132 3.14 -25.02 15.03
CA ILE C 132 1.95 -24.21 14.75
C ILE C 132 0.90 -24.51 15.81
N TYR C 133 0.39 -23.47 16.44
CA TYR C 133 -0.64 -23.57 17.47
C TYR C 133 -1.96 -23.07 16.89
N GLY C 134 -2.98 -23.91 16.86
CA GLY C 134 -4.31 -23.55 16.38
C GLY C 134 -5.13 -22.95 17.51
N ALA C 135 -4.60 -21.86 18.06
CA ALA C 135 -5.10 -21.12 19.22
C ALA C 135 -6.18 -20.08 18.94
N ASP C 136 -7.00 -19.76 19.97
CA ASP C 136 -8.03 -18.72 19.97
C ASP C 136 -9.10 -18.91 18.94
N VAL C 137 -9.54 -20.13 18.77
CA VAL C 137 -10.57 -20.38 17.78
C VAL C 137 -11.89 -20.10 18.48
N ASN C 138 -12.69 -19.18 17.96
CA ASN C 138 -13.99 -18.92 18.56
C ASN C 138 -14.87 -20.11 18.26
N GLY C 139 -15.31 -20.78 19.32
CA GLY C 139 -16.16 -21.95 19.14
C GLY C 139 -16.10 -22.90 20.29
N THR C 140 -17.01 -23.85 20.24
CA THR C 140 -17.16 -24.86 21.25
C THR C 140 -17.33 -26.24 20.61
N LEU C 141 -16.90 -27.28 21.34
CA LEU C 141 -17.07 -28.64 20.90
C LEU C 141 -18.14 -29.37 21.74
N TYR C 142 -18.73 -28.66 22.71
CA TYR C 142 -19.81 -29.18 23.55
C TYR C 142 -21.08 -29.33 22.73
N GLU C 143 -21.87 -30.38 22.99
CA GLU C 143 -23.17 -30.53 22.34
C GLU C 143 -24.15 -29.61 23.09
N LYS C 144 -25.12 -29.04 22.37
CA LYS C 144 -26.10 -28.07 22.88
C LYS C 144 -26.73 -28.44 24.23
N HIS C 145 -27.13 -29.71 24.37
CA HIS C 145 -27.81 -30.30 25.51
C HIS C 145 -26.94 -30.57 26.75
N VAL C 146 -25.61 -30.36 26.68
CA VAL C 146 -24.76 -30.65 27.85
C VAL C 146 -24.92 -29.53 28.88
N ASP C 147 -25.49 -29.86 30.05
CA ASP C 147 -25.83 -28.92 31.12
C ASP C 147 -24.76 -28.70 32.19
N GLU C 148 -23.87 -29.67 32.37
CA GLU C 148 -22.87 -29.62 33.43
C GLU C 148 -21.52 -29.18 32.91
N TRP C 149 -20.94 -28.14 33.56
CA TRP C 149 -19.62 -27.58 33.28
C TRP C 149 -19.47 -27.15 31.82
N ASN C 150 -20.54 -26.55 31.30
CA ASN C 150 -20.52 -26.10 29.93
C ASN C 150 -19.74 -24.79 29.91
N ILE C 151 -18.68 -24.78 29.11
CA ILE C 151 -17.83 -23.62 29.00
C ILE C 151 -18.58 -22.43 28.43
N GLY C 152 -19.48 -22.69 27.48
CA GLY C 152 -20.28 -21.64 26.89
C GLY C 152 -21.20 -20.92 27.85
N ARG C 153 -21.83 -21.66 28.76
CA ARG C 153 -22.77 -21.06 29.72
C ARG C 153 -22.59 -21.49 31.18
N LEU C 154 -21.52 -21.03 31.82
CA LEU C 154 -21.25 -21.37 33.23
C LEU C 154 -22.26 -20.80 34.24
N ARG C 155 -22.70 -19.57 34.02
CA ARG C 155 -23.66 -18.85 34.90
C ARG C 155 -23.03 -18.23 36.18
N THR C 156 -21.83 -17.64 36.08
CA THR C 156 -21.13 -16.99 37.19
C THR C 156 -21.45 -15.45 37.22
N ILE C 157 -20.90 -14.71 38.17
CA ILE C 157 -21.13 -13.26 38.26
C ILE C 157 -20.38 -12.49 37.14
N LEU C 158 -19.51 -13.18 36.36
CA LEU C 158 -18.83 -12.57 35.20
C LEU C 158 -19.87 -12.06 34.20
N ASP C 159 -21.01 -12.77 34.06
CA ASP C 159 -22.15 -12.49 33.19
C ASP C 159 -22.73 -11.07 33.30
N LEU C 160 -22.54 -10.43 34.48
CA LEU C 160 -23.08 -9.10 34.79
C LEU C 160 -22.66 -8.02 33.80
N VAL C 161 -21.41 -8.06 33.29
CA VAL C 161 -20.92 -7.10 32.28
C VAL C 161 -21.84 -7.13 31.04
N GLU C 162 -22.08 -8.34 30.47
CA GLU C 162 -22.99 -8.53 29.33
C GLU C 162 -24.46 -8.22 29.69
N LYS C 163 -24.87 -8.53 30.96
CA LYS C 163 -26.24 -8.32 31.44
C LYS C 163 -26.67 -6.85 31.38
N GLU C 164 -25.80 -5.98 31.90
CA GLU C 164 -26.03 -4.54 31.88
C GLU C 164 -25.86 -3.84 30.52
N SER C 165 -24.83 -4.22 29.77
CA SER C 165 -24.56 -3.59 28.47
C SER C 165 -24.64 -4.46 27.21
N GLY C 166 -24.52 -5.77 27.38
CA GLY C 166 -24.56 -6.67 26.25
C GLY C 166 -23.21 -6.83 25.58
N ILE C 167 -22.20 -6.13 26.12
CA ILE C 167 -20.84 -6.21 25.59
C ILE C 167 -20.18 -7.54 25.94
N THR C 168 -19.41 -8.10 25.02
CA THR C 168 -18.74 -9.37 25.26
C THR C 168 -17.32 -9.38 24.73
N ILE C 169 -16.47 -10.19 25.35
CA ILE C 169 -15.08 -10.31 24.92
C ILE C 169 -14.73 -11.74 24.53
N GLU C 170 -14.16 -11.88 23.34
CA GLU C 170 -13.77 -13.16 22.75
C GLU C 170 -12.80 -13.88 23.69
N GLY C 171 -13.14 -15.12 24.06
CA GLY C 171 -12.34 -15.91 25.00
C GLY C 171 -12.50 -15.53 26.47
N VAL C 172 -12.81 -14.26 26.74
CA VAL C 172 -13.09 -13.79 28.10
C VAL C 172 -14.47 -14.22 28.60
N ASN C 173 -15.50 -14.03 27.79
CA ASN C 173 -16.85 -14.44 28.15
C ASN C 173 -17.50 -15.32 27.11
N THR C 174 -16.68 -15.85 26.21
CA THR C 174 -17.13 -16.73 25.15
C THR C 174 -16.13 -17.88 25.11
N PRO C 175 -16.49 -19.05 24.59
CA PRO C 175 -15.47 -20.13 24.58
C PRO C 175 -14.45 -20.04 23.43
N TYR C 176 -13.22 -20.49 23.72
CA TYR C 176 -12.09 -20.53 22.79
C TYR C 176 -11.56 -21.95 22.66
N LEU C 177 -11.19 -22.36 21.45
CA LEU C 177 -10.62 -23.69 21.24
C LEU C 177 -9.13 -23.57 20.98
N TYR C 178 -8.34 -24.57 21.41
CA TYR C 178 -6.90 -24.58 21.18
C TYR C 178 -6.50 -25.94 20.66
N PHE C 179 -6.11 -26.01 19.38
CA PHE C 179 -5.66 -27.21 18.73
C PHE C 179 -4.15 -27.20 18.81
N GLY C 180 -3.59 -28.08 19.62
CA GLY C 180 -2.15 -28.11 19.81
C GLY C 180 -1.40 -29.20 19.07
N MET C 181 -0.09 -29.07 19.08
CA MET C 181 0.79 -30.10 18.55
C MET C 181 1.97 -30.08 19.49
N TRP C 182 2.89 -31.03 19.32
CA TRP C 182 4.07 -31.11 20.17
C TRP C 182 4.80 -29.76 20.30
N LYS C 183 5.15 -29.35 21.54
CA LYS C 183 5.96 -28.16 21.82
C LYS C 183 5.23 -26.79 21.65
N THR C 184 3.93 -26.79 21.38
CA THR C 184 3.19 -25.55 21.30
C THR C 184 3.13 -25.11 22.76
N SER C 185 3.20 -23.82 23.05
CA SER C 185 3.19 -23.38 24.44
C SER C 185 2.39 -22.13 24.78
N PHE C 186 2.06 -22.02 26.06
CA PHE C 186 1.41 -20.84 26.57
C PHE C 186 2.40 -20.26 27.60
N ALA C 187 2.74 -19.00 27.44
CA ALA C 187 3.70 -18.31 28.30
C ALA C 187 3.17 -18.01 29.69
N TRP C 188 4.07 -17.67 30.61
CA TRP C 188 3.68 -17.37 31.98
C TRP C 188 2.73 -16.19 31.98
N HIS C 189 1.60 -16.35 32.67
CA HIS C 189 0.62 -15.30 32.73
C HIS C 189 -0.44 -15.55 33.78
N THR C 190 -1.27 -14.53 33.99
CA THR C 190 -2.40 -14.58 34.89
C THR C 190 -3.52 -14.21 33.93
N GLU C 191 -4.75 -14.61 34.24
CA GLU C 191 -5.86 -14.32 33.34
C GLU C 191 -6.12 -12.83 33.16
N ASP C 192 -6.91 -12.46 32.14
CA ASP C 192 -7.29 -11.08 31.94
C ASP C 192 -8.14 -10.66 33.15
N MET C 193 -7.88 -9.43 33.71
CA MET C 193 -8.51 -8.87 34.91
C MET C 193 -8.25 -9.74 36.16
N ASP C 194 -7.27 -10.66 36.08
CA ASP C 194 -6.90 -11.63 37.12
C ASP C 194 -8.11 -12.52 37.46
N LEU C 195 -8.82 -12.93 36.41
CA LEU C 195 -9.97 -13.79 36.52
C LEU C 195 -9.61 -15.26 36.65
N TYR C 196 -10.62 -16.05 36.96
CA TYR C 196 -10.51 -17.48 37.05
C TYR C 196 -10.58 -17.99 35.62
N SER C 197 -10.17 -19.22 35.38
CA SER C 197 -10.29 -19.81 34.05
C SER C 197 -10.60 -21.30 34.18
N ILE C 198 -11.24 -21.86 33.17
CA ILE C 198 -11.57 -23.30 33.13
C ILE C 198 -11.00 -23.81 31.81
N ASN C 199 -10.38 -24.98 31.83
CA ASN C 199 -9.76 -25.57 30.65
C ASN C 199 -10.10 -27.04 30.59
N TYR C 200 -10.67 -27.47 29.47
CA TYR C 200 -11.03 -28.86 29.29
C TYR C 200 -10.34 -29.42 28.08
N LEU C 201 -9.63 -30.53 28.28
CA LEU C 201 -8.96 -31.17 27.19
C LEU C 201 -9.95 -32.15 26.57
N HIS C 202 -10.54 -31.77 25.42
CA HIS C 202 -11.50 -32.63 24.72
C HIS C 202 -10.91 -33.97 24.29
N PHE C 203 -9.71 -33.94 23.69
CA PHE C 203 -9.09 -35.16 23.19
C PHE C 203 -7.63 -34.96 22.90
N GLY C 204 -6.98 -36.08 22.64
CA GLY C 204 -5.61 -36.09 22.19
C GLY C 204 -4.58 -36.25 23.26
N GLU C 205 -3.37 -35.82 22.89
CA GLU C 205 -2.18 -35.93 23.69
C GLU C 205 -2.23 -34.94 24.86
N PRO C 206 -1.56 -35.23 25.99
CA PRO C 206 -1.69 -34.35 27.17
C PRO C 206 -1.17 -32.91 27.02
N LYS C 207 -1.51 -32.08 28.03
CA LYS C 207 -1.09 -30.71 28.17
C LYS C 207 -0.47 -30.60 29.55
N SER C 208 0.78 -30.14 29.62
CA SER C 208 1.50 -30.00 30.90
C SER C 208 1.49 -28.58 31.37
N TRP C 209 1.32 -28.40 32.68
CA TRP C 209 1.14 -27.10 33.29
C TRP C 209 2.14 -26.89 34.41
N TYR C 210 2.56 -25.63 34.58
CA TYR C 210 3.37 -25.14 35.69
C TYR C 210 2.54 -24.04 36.37
N SER C 211 2.62 -23.96 37.70
N SER C 211 2.62 -23.96 37.70
CA SER C 211 1.89 -22.95 38.44
CA SER C 211 1.87 -22.94 38.44
C SER C 211 2.73 -22.32 39.52
C SER C 211 2.67 -22.33 39.57
N VAL C 212 2.51 -21.02 39.79
CA VAL C 212 3.17 -20.29 40.87
C VAL C 212 2.00 -19.88 41.82
N PRO C 213 2.02 -20.27 43.12
CA PRO C 213 0.90 -19.88 44.02
C PRO C 213 0.64 -18.37 44.02
N PRO C 214 -0.64 -17.90 43.98
CA PRO C 214 -0.90 -16.44 43.99
C PRO C 214 -0.17 -15.66 45.09
N GLU C 215 0.09 -16.29 46.25
CA GLU C 215 0.82 -15.62 47.35
C GLU C 215 2.33 -15.46 47.03
N HIS C 216 2.83 -16.03 45.91
CA HIS C 216 4.22 -15.92 45.45
C HIS C 216 4.35 -15.26 44.07
N GLY C 217 3.22 -14.87 43.49
CA GLY C 217 3.15 -14.25 42.17
C GLY C 217 3.99 -12.99 42.00
N LYS C 218 4.01 -12.10 43.04
CA LYS C 218 4.80 -10.86 43.03
C LYS C 218 6.31 -11.16 42.92
N ARG C 219 6.75 -12.36 43.41
CA ARG C 219 8.13 -12.84 43.30
C ARG C 219 8.42 -13.26 41.86
N LEU C 220 7.43 -13.81 41.14
CA LEU C 220 7.63 -14.17 39.75
C LEU C 220 7.82 -12.90 38.90
N GLU C 221 6.97 -11.87 39.13
CA GLU C 221 7.02 -10.55 38.49
C GLU C 221 8.37 -9.87 38.72
N ARG C 222 8.86 -9.88 39.97
CA ARG C 222 10.15 -9.30 40.35
C ARG C 222 11.29 -9.99 39.62
N LEU C 223 11.19 -11.32 39.43
CA LEU C 223 12.15 -12.11 38.68
C LEU C 223 12.13 -11.71 37.19
N ALA C 224 10.94 -11.72 36.56
CA ALA C 224 10.70 -11.36 35.15
C ALA C 224 11.15 -9.95 34.84
N LYS C 225 10.94 -9.00 35.76
CA LYS C 225 11.38 -7.61 35.61
C LYS C 225 12.91 -7.51 35.61
N GLY C 226 13.57 -8.30 36.45
CA GLY C 226 15.02 -8.38 36.53
C GLY C 226 15.67 -8.99 35.30
N PHE C 227 14.97 -9.95 34.64
CA PHE C 227 15.47 -10.65 33.44
C PHE C 227 15.21 -9.92 32.14
N PHE C 228 14.09 -9.17 32.07
CA PHE C 228 13.67 -8.41 30.90
C PHE C 228 13.35 -6.98 31.33
N PRO C 229 14.36 -6.16 31.74
CA PRO C 229 14.06 -4.79 32.18
C PRO C 229 13.49 -3.85 31.11
N GLY C 230 13.90 -4.02 29.86
CA GLY C 230 13.42 -3.23 28.73
C GLY C 230 11.93 -3.39 28.51
N SER C 231 11.45 -4.65 28.63
CA SER C 231 10.05 -5.06 28.48
C SER C 231 9.21 -4.53 29.66
N ALA C 232 9.82 -4.49 30.88
CA ALA C 232 9.23 -3.99 32.13
C ALA C 232 9.10 -2.45 32.15
N GLN C 233 10.07 -1.73 31.55
CA GLN C 233 10.08 -0.27 31.47
C GLN C 233 9.03 0.23 30.47
N SER C 234 8.87 -0.51 29.34
CA SER C 234 7.91 -0.20 28.27
C SER C 234 6.46 -0.49 28.72
N CYS C 235 6.29 -1.54 29.56
CA CYS C 235 5.00 -2.00 30.07
C CYS C 235 5.19 -2.68 31.44
N GLU C 236 4.59 -2.09 32.51
CA GLU C 236 4.66 -2.63 33.87
C GLU C 236 4.03 -4.02 33.99
N ALA C 237 3.04 -4.33 33.14
CA ALA C 237 2.37 -5.61 33.11
C ALA C 237 2.70 -6.40 31.80
N PHE C 238 3.99 -6.40 31.39
CA PHE C 238 4.45 -7.09 30.15
C PHE C 238 4.15 -8.60 30.13
N LEU C 239 3.98 -9.26 31.30
CA LEU C 239 3.64 -10.70 31.36
C LEU C 239 2.27 -11.01 30.76
N ARG C 240 1.40 -9.99 30.64
CA ARG C 240 0.08 -10.10 30.04
C ARG C 240 0.18 -10.32 28.53
N HIS C 241 1.34 -9.93 27.90
CA HIS C 241 1.65 -10.10 26.46
C HIS C 241 1.77 -11.57 26.12
N LYS C 242 1.92 -12.42 27.18
CA LYS C 242 2.02 -13.89 27.10
C LYS C 242 3.14 -14.31 26.12
N MET C 243 4.35 -13.71 26.31
CA MET C 243 5.52 -13.98 25.47
C MET C 243 6.72 -14.52 26.26
N THR C 244 6.64 -14.46 27.59
CA THR C 244 7.76 -14.84 28.44
C THR C 244 7.70 -16.29 28.89
N LEU C 245 8.71 -17.06 28.53
CA LEU C 245 8.81 -18.45 28.93
C LEU C 245 9.98 -18.62 29.87
N ILE C 246 9.74 -19.22 31.03
CA ILE C 246 10.77 -19.45 32.02
C ILE C 246 10.76 -20.90 32.45
N SER C 247 11.89 -21.57 32.35
CA SER C 247 11.98 -22.98 32.70
C SER C 247 11.89 -23.28 34.19
N PRO C 248 11.43 -24.47 34.55
CA PRO C 248 11.38 -24.82 35.97
C PRO C 248 12.74 -24.68 36.69
N LEU C 249 13.89 -24.88 35.98
CA LEU C 249 15.24 -24.71 36.56
C LEU C 249 15.52 -23.30 37.03
N MET C 250 15.09 -22.30 36.26
CA MET C 250 15.24 -20.88 36.58
C MET C 250 14.44 -20.54 37.81
N LEU C 251 13.18 -21.02 37.87
CA LEU C 251 12.30 -20.83 39.02
C LEU C 251 12.95 -21.41 40.27
N LYS C 252 13.51 -22.62 40.15
CA LYS C 252 14.19 -23.36 41.23
C LYS C 252 15.43 -22.62 41.72
N LYS C 253 16.31 -22.17 40.77
CA LYS C 253 17.54 -21.41 41.09
C LYS C 253 17.28 -20.13 41.90
N TYR C 254 16.24 -19.39 41.49
CA TYR C 254 15.85 -18.10 42.03
C TYR C 254 14.86 -18.19 43.18
N GLY C 255 14.56 -19.40 43.61
CA GLY C 255 13.70 -19.64 44.74
C GLY C 255 12.23 -19.27 44.58
N ILE C 256 11.69 -19.46 43.36
CA ILE C 256 10.27 -19.22 43.10
C ILE C 256 9.52 -20.56 43.38
N PRO C 257 8.63 -20.63 44.40
CA PRO C 257 7.92 -21.90 44.63
C PRO C 257 6.99 -22.14 43.47
N PHE C 258 6.95 -23.38 43.00
CA PHE C 258 6.11 -23.70 41.88
C PHE C 258 5.73 -25.18 41.92
N ASP C 259 4.68 -25.54 41.17
CA ASP C 259 4.25 -26.93 41.02
C ASP C 259 3.95 -27.29 39.54
N LYS C 260 3.96 -28.57 39.22
CA LYS C 260 3.67 -29.02 37.87
C LYS C 260 2.66 -30.15 37.84
N VAL C 261 1.79 -30.14 36.84
CA VAL C 261 0.76 -31.17 36.64
C VAL C 261 0.57 -31.41 35.14
N THR C 262 0.24 -32.66 34.77
CA THR C 262 -0.06 -33.03 33.39
C THR C 262 -1.58 -33.34 33.32
N GLN C 263 -2.31 -32.57 32.50
CA GLN C 263 -3.75 -32.73 32.25
C GLN C 263 -3.88 -33.75 31.11
N GLU C 264 -4.70 -34.77 31.31
CA GLU C 264 -4.94 -35.80 30.30
C GLU C 264 -6.25 -35.56 29.63
N ALA C 265 -6.47 -36.14 28.41
CA ALA C 265 -7.73 -35.97 27.68
C ALA C 265 -8.90 -36.34 28.58
N GLY C 266 -9.91 -35.48 28.57
CA GLY C 266 -11.13 -35.66 29.34
C GLY C 266 -11.11 -35.07 30.73
N GLU C 267 -10.06 -34.30 31.08
CA GLU C 267 -9.96 -33.68 32.40
C GLU C 267 -10.06 -32.16 32.34
N PHE C 268 -10.47 -31.55 33.46
CA PHE C 268 -10.59 -30.09 33.62
C PHE C 268 -9.43 -29.51 34.44
N MET C 269 -9.01 -28.29 34.14
CA MET C 269 -8.02 -27.53 34.90
C MET C 269 -8.69 -26.21 35.21
N ILE C 270 -8.65 -25.78 36.48
CA ILE C 270 -9.19 -24.49 36.93
C ILE C 270 -8.00 -23.65 37.38
N THR C 271 -7.89 -22.43 36.85
CA THR C 271 -6.86 -21.48 37.30
C THR C 271 -7.61 -20.46 38.22
N PHE C 272 -6.93 -20.03 39.29
CA PHE C 272 -7.51 -19.10 40.25
C PHE C 272 -6.99 -17.66 40.08
N PRO C 273 -7.70 -16.63 40.59
CA PRO C 273 -7.22 -15.23 40.44
C PRO C 273 -5.78 -15.00 40.90
N TYR C 274 -4.97 -14.39 40.03
CA TYR C 274 -3.56 -14.07 40.27
C TYR C 274 -2.65 -15.33 40.34
N GLY C 275 -3.14 -16.43 39.79
CA GLY C 275 -2.39 -17.67 39.67
C GLY C 275 -1.61 -17.68 38.36
N TYR C 276 -0.30 -17.46 38.43
CA TYR C 276 0.56 -17.52 37.26
C TYR C 276 0.68 -18.95 36.77
N HIS C 277 0.53 -19.18 35.47
CA HIS C 277 0.65 -20.49 34.86
C HIS C 277 1.28 -20.42 33.47
N ALA C 278 1.91 -21.50 33.05
CA ALA C 278 2.56 -21.67 31.74
C ALA C 278 2.51 -23.16 31.42
N GLY C 279 2.91 -23.56 30.23
CA GLY C 279 2.89 -24.98 29.91
C GLY C 279 3.08 -25.26 28.44
N PHE C 280 2.85 -26.52 28.05
CA PHE C 280 3.05 -26.96 26.67
C PHE C 280 2.22 -28.17 26.38
N ASN C 281 1.99 -28.41 25.10
CA ASN C 281 1.25 -29.55 24.60
C ASN C 281 2.20 -30.65 24.22
N HIS C 282 1.82 -31.90 24.55
CA HIS C 282 2.65 -33.08 24.29
C HIS C 282 2.51 -33.50 22.85
N GLY C 283 1.37 -33.22 22.25
CA GLY C 283 1.13 -33.57 20.86
C GLY C 283 -0.20 -33.08 20.34
N PHE C 284 -0.70 -33.74 19.30
CA PHE C 284 -1.99 -33.34 18.74
C PHE C 284 -3.11 -33.52 19.76
N ASN C 285 -3.79 -32.41 20.06
CA ASN C 285 -4.88 -32.37 21.00
C ASN C 285 -5.79 -31.17 20.76
N CYS C 286 -6.83 -31.04 21.60
CA CYS C 286 -7.75 -29.95 21.52
C CYS C 286 -8.33 -29.64 22.90
N ALA C 287 -8.21 -28.39 23.34
CA ALA C 287 -8.71 -27.87 24.62
C ALA C 287 -9.70 -26.75 24.39
N GLU C 288 -10.62 -26.57 25.32
CA GLU C 288 -11.61 -25.50 25.29
C GLU C 288 -11.53 -24.74 26.62
N SER C 289 -11.59 -23.40 26.56
CA SER C 289 -11.49 -22.57 27.77
C SER C 289 -12.30 -21.27 27.72
N THR C 290 -12.50 -20.69 28.91
CA THR C 290 -13.17 -19.40 29.14
C THR C 290 -12.81 -18.92 30.54
N ASN C 291 -13.09 -17.65 30.83
CA ASN C 291 -12.86 -17.06 32.13
C ASN C 291 -14.19 -17.03 32.83
N PHE C 292 -14.17 -16.96 34.14
CA PHE C 292 -15.33 -16.88 35.00
C PHE C 292 -14.90 -16.17 36.28
N ALA C 293 -15.85 -15.96 37.21
CA ALA C 293 -15.60 -15.28 38.47
C ALA C 293 -16.45 -15.82 39.61
N THR C 294 -16.08 -15.44 40.83
CA THR C 294 -16.78 -15.67 42.09
C THR C 294 -16.76 -14.29 42.75
N ARG C 295 -17.39 -14.14 43.92
CA ARG C 295 -17.38 -12.88 44.67
C ARG C 295 -15.94 -12.44 45.09
N ARG C 296 -15.05 -13.45 45.31
CA ARG C 296 -13.64 -13.25 45.70
C ARG C 296 -12.85 -12.54 44.59
N TRP C 297 -13.27 -12.70 43.32
CA TRP C 297 -12.57 -12.10 42.19
C TRP C 297 -12.67 -10.56 42.15
N ILE C 298 -13.75 -9.99 42.70
CA ILE C 298 -14.01 -8.55 42.67
C ILE C 298 -12.80 -7.74 43.17
N GLU C 299 -12.20 -8.14 44.31
CA GLU C 299 -11.03 -7.44 44.82
C GLU C 299 -9.82 -7.52 43.88
N TYR C 300 -9.62 -8.67 43.21
CA TYR C 300 -8.56 -8.90 42.22
C TYR C 300 -8.79 -8.01 40.99
N GLY C 301 -10.01 -7.95 40.50
CA GLY C 301 -10.38 -7.13 39.34
C GLY C 301 -10.10 -5.64 39.53
N LYS C 302 -10.40 -5.10 40.73
CA LYS C 302 -10.14 -3.70 41.07
C LYS C 302 -8.64 -3.42 41.19
N GLN C 303 -7.88 -4.40 41.71
CA GLN C 303 -6.45 -4.31 41.98
C GLN C 303 -5.52 -4.77 40.87
N ALA C 304 -6.08 -5.34 39.78
CA ALA C 304 -5.30 -5.88 38.65
C ALA C 304 -4.47 -4.81 37.93
N VAL C 305 -3.14 -5.07 37.82
CA VAL C 305 -2.17 -4.22 37.13
C VAL C 305 -2.21 -4.65 35.65
N LEU C 306 -2.71 -3.77 34.77
CA LEU C 306 -2.95 -4.04 33.35
C LEU C 306 -1.93 -3.44 32.39
N CYS C 307 -1.90 -4.00 31.16
CA CYS C 307 -1.05 -3.63 30.03
C CYS C 307 -1.15 -2.14 29.67
N SER C 308 0.00 -1.43 29.74
CA SER C 308 0.10 0.01 29.48
C SER C 308 0.69 0.40 28.11
N CYS C 309 1.18 -0.58 27.33
CA CYS C 309 1.79 -0.31 26.02
C CYS C 309 0.92 -0.75 24.82
N ARG C 310 -0.08 -1.64 25.06
CA ARG C 310 -0.96 -2.18 24.00
N MET C 313 -5.62 -4.95 24.38
CA MET C 313 -5.63 -5.57 25.70
C MET C 313 -7.04 -5.60 26.31
N VAL C 314 -7.30 -6.59 27.21
CA VAL C 314 -8.62 -6.74 27.87
C VAL C 314 -8.73 -5.84 29.12
N LYS C 315 -9.77 -4.99 29.11
CA LYS C 315 -10.10 -4.10 30.21
C LYS C 315 -11.59 -4.23 30.51
N ILE C 316 -11.95 -4.47 31.78
CA ILE C 316 -13.34 -4.61 32.19
C ILE C 316 -13.66 -3.59 33.31
N SER C 317 -14.76 -2.84 33.13
CA SER C 317 -15.23 -1.85 34.10
C SER C 317 -15.64 -2.55 35.40
N MET C 318 -14.96 -2.19 36.49
CA MET C 318 -15.23 -2.78 37.80
C MET C 318 -16.42 -2.16 38.49
N ASP C 319 -16.87 -0.99 37.99
CA ASP C 319 -17.97 -0.17 38.52
C ASP C 319 -19.22 -0.98 38.88
N VAL C 320 -19.72 -1.81 37.94
CA VAL C 320 -20.89 -2.66 38.12
C VAL C 320 -20.71 -3.68 39.25
N PHE C 321 -19.48 -4.26 39.36
CA PHE C 321 -19.14 -5.25 40.39
C PHE C 321 -19.06 -4.63 41.78
N VAL C 322 -18.48 -3.41 41.88
CA VAL C 322 -18.38 -2.67 43.13
C VAL C 322 -19.81 -2.27 43.56
N ARG C 323 -20.59 -1.65 42.64
CA ARG C 323 -21.98 -1.21 42.87
C ARG C 323 -22.92 -2.26 43.48
N LYS C 324 -22.88 -3.49 42.93
CA LYS C 324 -23.76 -4.60 43.31
C LYS C 324 -23.29 -5.45 44.49
N PHE C 325 -21.96 -5.52 44.75
CA PHE C 325 -21.40 -6.41 45.78
C PHE C 325 -20.64 -5.72 46.90
N GLN C 326 -20.06 -4.54 46.62
CA GLN C 326 -19.34 -3.71 47.59
C GLN C 326 -19.96 -2.27 47.56
N PRO C 327 -21.27 -2.07 47.88
CA PRO C 327 -21.85 -0.71 47.78
C PRO C 327 -21.35 0.29 48.83
N GLU C 328 -20.96 -0.22 50.00
CA GLU C 328 -20.43 0.58 51.11
C GLU C 328 -19.07 1.18 50.76
N ARG C 329 -18.33 0.47 49.89
CA ARG C 329 -16.99 0.85 49.45
C ARG C 329 -16.97 1.61 48.12
N TYR C 330 -18.14 1.81 47.46
CA TYR C 330 -18.19 2.50 46.15
C TYR C 330 -17.55 3.90 46.17
N LYS C 331 -18.06 4.80 47.06
CA LYS C 331 -17.57 6.18 47.20
C LYS C 331 -16.08 6.22 47.55
N LEU C 332 -15.66 5.34 48.48
CA LEU C 332 -14.27 5.21 48.92
C LEU C 332 -13.36 4.68 47.79
N TRP C 333 -13.89 3.81 46.91
CA TRP C 333 -13.15 3.25 45.78
C TRP C 333 -13.05 4.24 44.62
N LYS C 334 -14.16 4.93 44.30
CA LYS C 334 -14.24 5.93 43.23
C LYS C 334 -13.29 7.12 43.45
N ALA C 335 -12.98 7.42 44.74
CA ALA C 335 -12.07 8.49 45.16
C ALA C 335 -10.59 8.05 45.25
N GLY C 336 -10.37 6.75 45.47
CA GLY C 336 -9.04 6.16 45.60
C GLY C 336 -8.60 5.84 47.02
N LYS C 337 -9.55 5.86 47.96
CA LYS C 337 -9.35 5.60 49.40
C LYS C 337 -9.50 4.10 49.77
N ASP C 338 -9.75 3.24 48.76
CA ASP C 338 -9.92 1.79 48.96
C ASP C 338 -8.56 1.10 49.12
N ASN C 339 -8.05 1.07 50.36
CA ASN C 339 -6.76 0.49 50.75
C ASN C 339 -6.83 -1.03 51.08
N THR C 340 -7.89 -1.74 50.61
CA THR C 340 -8.10 -3.18 50.82
C THR C 340 -6.92 -4.00 50.34
N VAL C 341 -6.41 -4.89 51.22
CA VAL C 341 -5.29 -5.78 50.95
C VAL C 341 -5.85 -7.19 50.74
N ILE C 342 -5.53 -7.81 49.60
CA ILE C 342 -6.00 -9.15 49.30
C ILE C 342 -5.21 -10.21 50.09
N ASP C 343 -5.94 -11.10 50.76
CA ASP C 343 -5.40 -12.26 51.45
C ASP C 343 -5.67 -13.43 50.50
N HIS C 344 -4.64 -13.85 49.76
CA HIS C 344 -4.69 -14.93 48.76
C HIS C 344 -5.09 -16.30 49.32
N THR C 345 -4.92 -16.52 50.64
CA THR C 345 -5.20 -17.79 51.31
C THR C 345 -6.68 -17.99 51.62
N LEU C 346 -7.46 -16.90 51.63
CA LEU C 346 -8.88 -16.92 51.97
C LEU C 346 -9.74 -17.49 50.85
N PRO C 347 -10.66 -18.43 51.17
CA PRO C 347 -11.55 -18.92 50.10
C PRO C 347 -12.65 -17.91 49.80
N THR C 348 -13.36 -18.11 48.68
CA THR C 348 -14.46 -17.25 48.24
C THR C 348 -15.58 -17.23 49.30
N PRO C 349 -16.24 -16.07 49.57
CA PRO C 349 -17.31 -16.05 50.59
C PRO C 349 -18.37 -17.15 50.43
N GLU C 350 -18.59 -17.64 49.18
CA GLU C 350 -19.54 -18.70 48.82
C GLU C 350 -19.19 -20.06 49.47
N ALA C 351 -17.94 -20.24 49.88
CA ALA C 351 -17.42 -21.46 50.50
C ALA C 351 -17.88 -21.67 51.94
N ALA C 352 -18.41 -20.61 52.60
CA ALA C 352 -18.87 -20.60 53.99
C ALA C 352 -19.68 -21.83 54.42
N GLU C 353 -20.59 -22.32 53.55
CA GLU C 353 -21.41 -23.50 53.80
C GLU C 353 -20.60 -24.81 54.00
N PHE C 354 -19.32 -24.82 53.58
CA PHE C 354 -18.40 -25.96 53.69
C PHE C 354 -17.34 -25.81 54.80
N LEU C 355 -17.25 -24.63 55.43
CA LEU C 355 -16.26 -24.33 56.47
C LEU C 355 -16.85 -24.49 57.88
N SER D 12 -10.84 30.82 -36.98
CA SER D 12 -10.44 30.80 -38.39
C SER D 12 -9.23 29.91 -38.71
N ALA D 13 -8.39 29.57 -37.69
CA ALA D 13 -7.21 28.69 -37.80
C ALA D 13 -6.20 29.13 -38.89
N ARG D 14 -6.06 30.47 -39.10
CA ARG D 14 -5.10 31.07 -40.02
C ARG D 14 -3.68 30.96 -39.42
N ILE D 15 -2.64 30.88 -40.26
CA ILE D 15 -1.24 30.81 -39.74
C ILE D 15 -0.90 32.23 -39.21
N MET D 16 -0.34 32.28 -37.99
CA MET D 16 0.03 33.53 -37.37
C MET D 16 1.57 33.75 -37.42
N THR D 17 1.96 35.02 -37.46
CA THR D 17 3.36 35.40 -37.46
C THR D 17 3.65 36.16 -36.19
N PHE D 18 4.79 35.86 -35.57
CA PHE D 18 5.23 36.48 -34.33
C PHE D 18 6.56 37.18 -34.47
N TYR D 19 6.68 38.33 -33.83
CA TYR D 19 7.88 39.14 -33.85
C TYR D 19 8.40 39.35 -32.42
N PRO D 20 8.96 38.29 -31.76
CA PRO D 20 9.46 38.48 -30.38
C PRO D 20 10.59 39.49 -30.27
N THR D 21 10.67 40.18 -29.14
CA THR D 21 11.79 41.09 -28.86
C THR D 21 12.95 40.18 -28.41
N MET D 22 14.15 40.73 -28.19
CA MET D 22 15.29 39.92 -27.71
C MET D 22 14.98 39.21 -26.37
N GLU D 23 14.30 39.92 -25.43
CA GLU D 23 13.89 39.43 -24.09
C GLU D 23 12.88 38.28 -24.12
N GLU D 24 11.84 38.39 -24.95
CA GLU D 24 10.78 37.38 -25.12
C GLU D 24 11.34 36.10 -25.76
N PHE D 25 12.26 36.29 -26.73
CA PHE D 25 12.91 35.27 -27.55
C PHE D 25 13.92 34.38 -26.79
N ARG D 26 14.45 34.83 -25.66
CA ARG D 26 15.45 34.07 -24.88
C ARG D 26 14.94 32.72 -24.35
N ASN D 27 13.74 32.69 -23.75
CA ASN D 27 13.14 31.46 -23.20
C ASN D 27 12.27 30.80 -24.27
N PHE D 28 12.83 29.80 -24.95
CA PHE D 28 12.18 29.07 -26.03
C PHE D 28 10.83 28.47 -25.66
N SER D 29 10.82 27.58 -24.64
CA SER D 29 9.64 26.87 -24.15
C SER D 29 8.51 27.80 -23.74
N ARG D 30 8.85 28.92 -23.05
CA ARG D 30 7.94 29.96 -22.59
C ARG D 30 7.32 30.67 -23.80
N TYR D 31 8.13 30.91 -24.86
CA TYR D 31 7.60 31.55 -26.06
C TYR D 31 6.62 30.62 -26.77
N ILE D 32 6.90 29.28 -26.79
CA ILE D 32 5.98 28.29 -27.36
C ILE D 32 4.68 28.36 -26.53
N ALA D 33 4.79 28.48 -25.19
CA ALA D 33 3.61 28.64 -24.30
C ALA D 33 2.81 29.92 -24.66
N TYR D 34 3.51 31.04 -24.92
CA TYR D 34 2.92 32.33 -25.30
C TYR D 34 2.17 32.29 -26.66
N ILE D 35 2.79 31.73 -27.73
CA ILE D 35 2.13 31.70 -29.04
C ILE D 35 0.85 30.78 -28.96
N GLU D 36 0.86 29.70 -28.13
CA GLU D 36 -0.32 28.85 -27.91
C GLU D 36 -1.47 29.59 -27.21
N SER D 37 -1.15 30.45 -26.19
CA SER D 37 -2.16 31.26 -25.49
C SER D 37 -2.88 32.22 -26.48
N GLN D 38 -2.18 32.62 -27.57
CA GLN D 38 -2.64 33.46 -28.67
C GLN D 38 -3.43 32.65 -29.72
N GLY D 39 -3.44 31.33 -29.56
CA GLY D 39 -4.12 30.40 -30.44
C GLY D 39 -3.37 29.94 -31.69
N ALA D 40 -2.05 30.18 -31.79
CA ALA D 40 -1.24 29.83 -32.96
C ALA D 40 -1.29 28.33 -33.38
N HIS D 41 -1.32 27.42 -32.38
CA HIS D 41 -1.39 25.95 -32.51
C HIS D 41 -2.61 25.46 -33.31
N ARG D 42 -3.69 26.26 -33.37
CA ARG D 42 -4.91 25.89 -34.11
C ARG D 42 -4.70 25.72 -35.61
N ALA D 43 -3.77 26.48 -36.18
CA ALA D 43 -3.44 26.42 -37.59
C ALA D 43 -2.59 25.19 -37.92
N GLY D 44 -1.82 24.73 -36.92
CA GLY D 44 -0.90 23.59 -37.06
C GLY D 44 0.48 24.08 -37.40
N LEU D 45 0.58 25.36 -37.82
CA LEU D 45 1.82 25.96 -38.26
C LEU D 45 1.87 27.42 -37.87
N ALA D 46 3.05 27.90 -37.44
CA ALA D 46 3.26 29.30 -37.08
C ALA D 46 4.60 29.80 -37.57
N LYS D 47 4.69 31.12 -37.93
CA LYS D 47 5.94 31.76 -38.28
C LYS D 47 6.44 32.59 -37.11
N VAL D 48 7.73 32.44 -36.76
CA VAL D 48 8.36 33.24 -35.72
C VAL D 48 9.56 33.93 -36.37
N VAL D 49 9.54 35.28 -36.39
CA VAL D 49 10.63 36.07 -36.95
C VAL D 49 11.53 36.47 -35.76
N PRO D 50 12.81 36.04 -35.72
CA PRO D 50 13.66 36.39 -34.57
C PRO D 50 14.03 37.86 -34.58
N PRO D 51 14.42 38.45 -33.41
CA PRO D 51 14.87 39.85 -33.43
C PRO D 51 16.05 40.06 -34.40
N LYS D 52 16.13 41.26 -35.00
CA LYS D 52 17.12 41.71 -35.98
C LYS D 52 18.57 41.49 -35.55
N GLU D 53 18.86 41.66 -34.26
CA GLU D 53 20.21 41.52 -33.69
C GLU D 53 20.59 40.07 -33.35
N TRP D 54 19.73 39.09 -33.72
CA TRP D 54 19.99 37.67 -33.46
C TRP D 54 20.44 36.97 -34.73
N LYS D 55 21.54 36.23 -34.63
CA LYS D 55 22.09 35.43 -35.72
C LYS D 55 22.64 34.11 -35.15
N PRO D 56 22.33 32.94 -35.76
CA PRO D 56 22.85 31.68 -35.20
C PRO D 56 24.30 31.34 -35.59
N ARG D 57 24.82 32.03 -36.63
CA ARG D 57 26.15 31.82 -37.19
C ARG D 57 26.61 33.14 -37.79
N ALA D 58 27.90 33.46 -37.65
CA ALA D 58 28.45 34.69 -38.20
C ALA D 58 28.46 34.70 -39.74
N SER D 59 28.82 33.57 -40.37
CA SER D 59 28.93 33.45 -41.83
C SER D 59 28.63 32.02 -42.32
N TYR D 60 28.20 31.88 -43.59
CA TYR D 60 27.98 30.56 -44.21
C TYR D 60 29.01 30.34 -45.36
N ASP D 61 30.23 30.91 -45.18
CA ASP D 61 31.34 30.82 -46.14
C ASP D 61 32.15 29.54 -46.00
N ASP D 62 32.04 28.90 -44.83
CA ASP D 62 32.81 27.69 -44.51
C ASP D 62 31.97 26.42 -44.64
N ILE D 63 30.94 26.46 -45.51
CA ILE D 63 29.97 25.36 -45.70
C ILE D 63 30.08 24.61 -47.05
N ASP D 64 30.74 25.17 -48.08
CA ASP D 64 30.80 24.53 -49.40
C ASP D 64 31.50 23.15 -49.42
N ASP D 65 32.33 22.85 -48.41
CA ASP D 65 33.00 21.53 -48.29
C ASP D 65 32.21 20.51 -47.44
N LEU D 66 31.04 20.91 -46.92
CA LEU D 66 30.22 20.04 -46.08
C LEU D 66 29.63 18.93 -46.98
N VAL D 67 29.60 17.71 -46.46
CA VAL D 67 29.12 16.58 -47.20
C VAL D 67 27.68 16.18 -46.90
N ILE D 68 26.90 15.99 -47.96
CA ILE D 68 25.53 15.55 -47.87
C ILE D 68 25.78 14.08 -48.11
N PRO D 69 25.61 13.25 -47.09
CA PRO D 69 25.96 11.82 -47.25
C PRO D 69 25.05 11.02 -48.17
N ALA D 70 23.77 11.37 -48.23
CA ALA D 70 22.76 10.64 -49.02
C ALA D 70 21.77 11.56 -49.73
N PRO D 71 22.16 12.32 -50.79
CA PRO D 71 21.16 13.14 -51.51
C PRO D 71 20.09 12.27 -52.17
N ILE D 72 18.91 12.83 -52.36
CA ILE D 72 17.80 12.08 -52.88
C ILE D 72 17.19 12.73 -54.12
N GLN D 73 17.07 11.97 -55.21
CA GLN D 73 16.40 12.43 -56.41
C GLN D 73 14.92 12.15 -56.19
N GLN D 74 14.10 13.20 -56.30
CA GLN D 74 12.66 13.10 -56.02
C GLN D 74 11.83 12.88 -57.24
N LEU D 75 11.52 11.62 -57.54
CA LEU D 75 10.69 11.30 -58.70
C LEU D 75 9.26 11.29 -58.27
N VAL D 76 8.44 12.03 -58.97
CA VAL D 76 7.04 12.21 -58.65
C VAL D 76 6.19 11.65 -59.78
N THR D 77 5.18 10.84 -59.43
CA THR D 77 4.23 10.22 -60.34
C THR D 77 2.80 10.59 -59.92
N GLY D 78 1.96 10.88 -60.90
CA GLY D 78 0.58 11.22 -60.63
C GLY D 78 -0.04 12.19 -61.61
N GLN D 79 -1.29 12.59 -61.26
CA GLN D 79 -2.11 13.49 -62.07
C GLN D 79 -3.26 14.04 -61.25
N SER D 80 -3.96 15.04 -61.82
CA SER D 80 -5.14 15.68 -61.27
C SER D 80 -5.00 16.09 -59.80
N GLY D 81 -3.83 16.60 -59.44
CA GLY D 81 -3.56 17.05 -58.08
C GLY D 81 -3.20 15.99 -57.06
N LEU D 82 -3.05 14.72 -57.48
CA LEU D 82 -2.71 13.60 -56.60
C LEU D 82 -1.46 12.92 -57.11
N PHE D 83 -0.44 12.84 -56.26
CA PHE D 83 0.87 12.34 -56.65
C PHE D 83 1.55 11.50 -55.57
N THR D 84 2.47 10.63 -56.03
CA THR D 84 3.33 9.82 -55.19
C THR D 84 4.79 10.22 -55.49
N GLN D 85 5.52 10.53 -54.43
CA GLN D 85 6.89 10.89 -54.53
C GLN D 85 7.76 9.65 -54.15
N TYR D 86 8.67 9.27 -55.05
CA TYR D 86 9.61 8.17 -54.88
C TYR D 86 10.99 8.80 -54.70
N ASN D 87 11.63 8.51 -53.57
CA ASN D 87 12.95 9.03 -53.20
C ASN D 87 14.03 8.05 -53.68
N ILE D 88 14.90 8.52 -54.60
CA ILE D 88 15.99 7.71 -55.19
C ILE D 88 17.31 8.19 -54.59
N GLN D 89 17.98 7.33 -53.81
CA GLN D 89 19.23 7.69 -53.16
C GLN D 89 20.35 7.79 -54.15
N LYS D 90 21.00 8.95 -54.18
CA LYS D 90 22.15 9.24 -55.02
C LYS D 90 23.42 9.18 -54.14
N LYS D 91 24.61 9.11 -54.77
CA LYS D 91 25.86 9.06 -54.04
C LYS D 91 26.15 10.40 -53.33
N ALA D 92 26.91 10.36 -52.23
CA ALA D 92 27.34 11.53 -51.46
C ALA D 92 27.94 12.64 -52.31
N MET D 93 27.67 13.88 -51.93
CA MET D 93 28.19 15.06 -52.61
C MET D 93 28.44 16.21 -51.63
N THR D 94 29.32 17.16 -52.00
CA THR D 94 29.55 18.34 -51.17
C THR D 94 28.40 19.37 -51.39
N VAL D 95 28.34 20.40 -50.53
CA VAL D 95 27.39 21.51 -50.68
C VAL D 95 27.77 22.30 -51.96
N ARG D 96 29.08 22.32 -52.32
CA ARG D 96 29.59 22.91 -53.57
C ARG D 96 29.03 22.17 -54.81
N GLU D 97 29.08 20.82 -54.82
CA GLU D 97 28.56 20.02 -55.94
C GLU D 97 27.05 20.21 -56.05
N PHE D 98 26.36 20.28 -54.88
CA PHE D 98 24.93 20.47 -54.78
C PHE D 98 24.47 21.84 -55.29
N ARG D 99 25.12 22.95 -54.86
CA ARG D 99 24.81 24.32 -55.27
C ARG D 99 25.01 24.52 -56.78
N LYS D 100 26.04 23.88 -57.37
CA LYS D 100 26.33 23.89 -58.80
C LYS D 100 25.11 23.39 -59.61
N ILE D 101 24.60 22.20 -59.26
CA ILE D 101 23.45 21.55 -59.92
C ILE D 101 22.17 22.40 -59.68
N ALA D 102 21.97 22.88 -58.44
CA ALA D 102 20.83 23.70 -58.06
C ALA D 102 20.71 24.98 -58.90
N ASN D 103 21.86 25.60 -59.26
CA ASN D 103 21.87 26.86 -59.99
C ASN D 103 22.05 26.70 -61.46
N SER D 104 22.28 25.47 -61.92
CA SER D 104 22.47 25.16 -63.32
C SER D 104 21.17 25.39 -64.10
N ASP D 105 21.26 25.65 -65.41
CA ASP D 105 20.08 25.90 -66.26
C ASP D 105 18.99 24.83 -66.09
N LYS D 106 19.38 23.56 -65.99
CA LYS D 106 18.49 22.41 -65.83
C LYS D 106 17.64 22.48 -64.54
N TYR D 107 18.22 22.88 -63.40
CA TYR D 107 17.52 22.83 -62.14
C TYR D 107 17.21 24.16 -61.49
N CYS D 108 17.67 25.28 -62.04
CA CYS D 108 17.40 26.61 -61.51
C CYS D 108 15.90 26.95 -61.48
N THR D 109 15.55 27.93 -60.62
CA THR D 109 14.21 28.45 -60.41
C THR D 109 13.74 29.17 -61.68
N PRO D 110 12.48 28.93 -62.13
CA PRO D 110 11.98 29.68 -63.30
C PRO D 110 11.74 31.14 -62.95
N ARG D 111 11.68 32.03 -63.95
CA ARG D 111 11.40 33.46 -63.75
C ARG D 111 9.98 33.61 -63.22
N TYR D 112 9.76 34.47 -62.24
CA TYR D 112 8.40 34.65 -61.72
C TYR D 112 8.09 36.01 -61.12
N SER D 113 6.94 36.57 -61.48
CA SER D 113 6.48 37.86 -60.95
C SER D 113 6.10 37.82 -59.47
N GLU D 114 5.38 36.77 -59.08
CA GLU D 114 4.90 36.60 -57.71
C GLU D 114 4.83 35.13 -57.31
N PHE D 115 4.59 34.87 -56.02
CA PHE D 115 4.55 33.50 -55.52
C PHE D 115 3.45 32.66 -56.18
N GLU D 116 2.27 33.22 -56.36
CA GLU D 116 1.19 32.47 -57.00
C GLU D 116 1.59 31.92 -58.36
N GLU D 117 2.53 32.62 -59.06
CA GLU D 117 3.08 32.22 -60.36
C GLU D 117 3.98 31.00 -60.15
N LEU D 118 4.94 31.11 -59.19
CA LEU D 118 5.83 30.01 -58.83
C LEU D 118 5.04 28.78 -58.29
N GLU D 119 4.01 29.01 -57.45
CA GLU D 119 3.19 27.95 -56.91
C GLU D 119 2.51 27.18 -58.06
N ARG D 120 1.99 27.93 -59.07
CA ARG D 120 1.35 27.36 -60.24
C ARG D 120 2.34 26.57 -61.08
N LYS D 121 3.60 27.02 -61.16
CA LYS D 121 4.65 26.36 -61.92
C LYS D 121 5.08 25.09 -61.19
N TYR D 122 5.05 25.12 -59.85
CA TYR D 122 5.42 23.97 -59.07
C TYR D 122 4.43 22.83 -59.31
N TRP D 123 3.11 23.09 -59.12
CA TRP D 123 2.04 22.10 -59.27
C TRP D 123 1.88 21.62 -60.70
N LYS D 124 2.30 22.41 -61.67
CA LYS D 124 2.21 22.07 -63.10
C LYS D 124 3.45 21.27 -63.53
N ASN D 125 4.60 21.46 -62.85
CA ASN D 125 5.86 20.82 -63.25
C ASN D 125 6.49 19.84 -62.28
N LEU D 126 5.83 19.55 -61.14
CA LEU D 126 6.44 18.71 -60.12
C LEU D 126 6.78 17.30 -60.59
N THR D 127 6.14 16.81 -61.66
CA THR D 127 6.45 15.47 -62.15
C THR D 127 7.56 15.46 -63.22
N PHE D 128 8.03 16.64 -63.70
CA PHE D 128 9.11 16.64 -64.70
C PHE D 128 10.45 17.01 -64.04
N ASN D 129 11.59 16.80 -64.74
N ASN D 129 11.58 16.74 -64.73
CA ASN D 129 12.97 17.14 -64.31
CA ASN D 129 12.96 17.05 -64.33
C ASN D 129 13.17 16.86 -62.79
C ASN D 129 13.18 16.86 -62.81
N PRO D 130 13.18 15.57 -62.33
CA PRO D 130 13.26 15.32 -60.87
C PRO D 130 14.43 16.00 -60.15
N PRO D 131 14.14 16.81 -59.11
CA PRO D 131 15.23 17.52 -58.43
C PRO D 131 15.96 16.65 -57.42
N ILE D 132 17.13 17.07 -56.97
CA ILE D 132 17.90 16.37 -55.93
C ILE D 132 17.69 17.16 -54.62
N TYR D 133 17.38 16.45 -53.51
CA TYR D 133 17.18 17.06 -52.21
C TYR D 133 18.28 16.56 -51.27
N GLY D 134 19.10 17.48 -50.76
CA GLY D 134 20.15 17.17 -49.79
C GLY D 134 19.53 17.13 -48.40
N ALA D 135 18.54 16.23 -48.24
CA ALA D 135 17.77 16.05 -47.01
C ALA D 135 18.45 15.12 -45.99
N ASP D 136 18.02 15.27 -44.72
CA ASP D 136 18.40 14.44 -43.58
C ASP D 136 19.89 14.37 -43.32
N VAL D 137 20.62 15.48 -43.58
CA VAL D 137 22.06 15.54 -43.26
C VAL D 137 22.11 15.73 -41.74
N ASN D 138 22.78 14.83 -41.01
CA ASN D 138 22.93 14.99 -39.56
C ASN D 138 23.86 16.18 -39.32
N GLY D 139 23.45 17.09 -38.46
CA GLY D 139 24.29 18.24 -38.15
C GLY D 139 23.56 19.51 -37.86
N THR D 140 24.33 20.51 -37.42
CA THR D 140 23.84 21.85 -37.06
C THR D 140 24.69 22.92 -37.70
N LEU D 141 24.09 24.09 -38.02
CA LEU D 141 24.87 25.22 -38.54
C LEU D 141 25.01 26.32 -37.48
N TYR D 142 24.42 26.11 -36.30
CA TYR D 142 24.51 27.03 -35.18
C TYR D 142 25.92 26.98 -34.62
N GLU D 143 26.39 28.13 -34.13
CA GLU D 143 27.66 28.25 -33.45
C GLU D 143 27.34 27.69 -32.07
N LYS D 144 28.23 26.86 -31.51
CA LYS D 144 28.07 26.16 -30.24
C LYS D 144 27.58 27.02 -29.07
N HIS D 145 27.96 28.31 -29.05
CA HIS D 145 27.63 29.23 -27.96
C HIS D 145 26.26 29.88 -28.00
N VAL D 146 25.59 29.85 -29.17
CA VAL D 146 24.27 30.47 -29.35
C VAL D 146 23.25 29.77 -28.41
N ASP D 147 22.78 30.48 -27.36
CA ASP D 147 21.85 29.97 -26.33
C ASP D 147 20.37 30.16 -26.69
N GLU D 148 20.06 31.10 -27.60
CA GLU D 148 18.66 31.36 -27.99
C GLU D 148 18.24 30.53 -29.18
N TRP D 149 17.15 29.75 -29.00
CA TRP D 149 16.52 28.89 -30.00
C TRP D 149 17.54 28.01 -30.74
N ASN D 150 18.44 27.40 -29.99
CA ASN D 150 19.43 26.55 -30.60
C ASN D 150 18.76 25.22 -30.85
N ILE D 151 18.72 24.81 -32.11
CA ILE D 151 18.08 23.57 -32.50
C ILE D 151 18.77 22.38 -31.86
N GLY D 152 20.09 22.44 -31.74
CA GLY D 152 20.83 21.36 -31.13
C GLY D 152 20.47 21.15 -29.67
N ARG D 153 20.26 22.23 -28.94
CA ARG D 153 19.91 22.13 -27.52
C ARG D 153 18.74 23.02 -27.07
N LEU D 154 17.53 22.68 -27.49
CA LEU D 154 16.33 23.44 -27.11
C LEU D 154 16.02 23.36 -25.60
N ARG D 155 16.24 22.17 -25.05
CA ARG D 155 16.03 21.82 -23.65
C ARG D 155 14.53 21.77 -23.25
N THR D 156 13.75 21.00 -24.02
CA THR D 156 12.33 20.75 -23.74
C THR D 156 12.23 19.40 -23.00
N ILE D 157 11.01 18.96 -22.67
CA ILE D 157 10.77 17.67 -21.99
C ILE D 157 11.06 16.46 -22.93
N LEU D 158 11.36 16.71 -24.22
CA LEU D 158 11.69 15.65 -25.17
C LEU D 158 13.02 14.98 -24.76
N ASP D 159 13.90 15.78 -24.11
CA ASP D 159 15.21 15.39 -23.59
C ASP D 159 15.15 14.19 -22.67
N LEU D 160 13.95 13.91 -22.10
CA LEU D 160 13.66 12.76 -21.25
C LEU D 160 13.88 11.43 -21.98
N VAL D 161 13.75 11.45 -23.33
CA VAL D 161 14.01 10.28 -24.19
C VAL D 161 15.49 9.85 -24.00
N GLU D 162 16.45 10.77 -24.25
CA GLU D 162 17.89 10.55 -24.13
C GLU D 162 18.33 10.43 -22.67
N LYS D 163 17.60 11.09 -21.74
CA LYS D 163 17.87 11.06 -20.29
C LYS D 163 17.65 9.68 -19.68
N GLU D 164 16.47 9.05 -19.96
CA GLU D 164 16.11 7.73 -19.47
C GLU D 164 15.91 6.73 -20.62
N GLY D 171 18.06 9.81 -32.50
CA GLY D 171 16.65 9.87 -32.82
C GLY D 171 16.17 11.23 -33.30
N VAL D 172 14.95 11.63 -32.86
CA VAL D 172 14.27 12.88 -33.24
C VAL D 172 14.58 14.05 -32.27
N ASN D 173 15.64 13.90 -31.46
CA ASN D 173 16.16 14.89 -30.53
C ASN D 173 17.45 15.52 -31.11
N THR D 174 17.91 15.05 -32.28
CA THR D 174 19.11 15.56 -32.96
C THR D 174 18.74 16.50 -34.14
N PRO D 175 19.59 17.49 -34.52
CA PRO D 175 19.22 18.37 -35.64
C PRO D 175 19.54 17.76 -37.00
N TYR D 176 18.71 18.11 -38.02
CA TYR D 176 18.90 17.68 -39.40
C TYR D 176 18.94 18.90 -40.30
N LEU D 177 19.87 18.87 -41.29
CA LEU D 177 20.05 19.91 -42.30
C LEU D 177 19.39 19.50 -43.59
N TYR D 178 18.84 20.48 -44.29
CA TYR D 178 18.13 20.27 -45.55
C TYR D 178 18.62 21.31 -46.54
N PHE D 179 19.30 20.84 -47.57
CA PHE D 179 19.80 21.67 -48.67
C PHE D 179 18.82 21.48 -49.82
N GLY D 180 17.99 22.48 -50.07
CA GLY D 180 16.99 22.42 -51.13
C GLY D 180 17.43 23.06 -52.44
N MET D 181 16.79 22.65 -53.50
CA MET D 181 16.89 23.30 -54.81
C MET D 181 15.43 23.52 -55.24
N TRP D 182 15.20 24.24 -56.34
CA TRP D 182 13.85 24.52 -56.84
C TRP D 182 13.07 23.22 -57.02
N LYS D 183 11.79 23.17 -56.56
CA LYS D 183 10.87 22.04 -56.79
C LYS D 183 11.09 20.85 -55.86
N THR D 184 12.08 20.90 -54.97
CA THR D 184 12.26 19.81 -54.03
C THR D 184 11.07 19.96 -53.08
N SER D 185 10.49 18.85 -52.63
CA SER D 185 9.31 18.95 -51.78
C SER D 185 9.25 18.02 -50.59
N PHE D 186 8.43 18.40 -49.62
CA PHE D 186 8.17 17.55 -48.48
C PHE D 186 6.69 17.23 -48.56
N ALA D 187 6.37 15.94 -48.51
CA ALA D 187 5.01 15.43 -48.63
C ALA D 187 4.15 15.67 -47.39
N TRP D 188 2.83 15.57 -47.56
CA TRP D 188 1.93 15.79 -46.44
C TRP D 188 2.23 14.80 -45.34
N HIS D 189 2.42 15.31 -44.13
CA HIS D 189 2.75 14.48 -43.00
C HIS D 189 2.59 15.20 -41.69
N THR D 190 2.65 14.43 -40.60
CA THR D 190 2.61 14.96 -39.26
C THR D 190 3.93 14.46 -38.74
N GLU D 191 4.44 15.07 -37.68
CA GLU D 191 5.75 14.67 -37.17
C GLU D 191 5.67 13.29 -36.53
N ASP D 192 6.82 12.58 -36.44
CA ASP D 192 6.91 11.27 -35.80
C ASP D 192 6.45 11.43 -34.36
N MET D 193 5.55 10.53 -33.92
CA MET D 193 4.94 10.56 -32.58
C MET D 193 4.03 11.78 -32.37
N ASP D 194 3.63 12.46 -33.48
CA ASP D 194 2.80 13.70 -33.54
C ASP D 194 3.43 14.81 -32.70
N LEU D 195 4.75 14.89 -32.74
CA LEU D 195 5.54 15.89 -32.04
C LEU D 195 5.53 17.24 -32.72
N TYR D 196 6.06 18.23 -32.03
CA TYR D 196 6.23 19.57 -32.55
C TYR D 196 7.49 19.54 -33.38
N SER D 197 7.70 20.56 -34.20
CA SER D 197 8.92 20.68 -34.96
C SER D 197 9.32 22.14 -35.11
N ILE D 198 10.62 22.40 -35.20
CA ILE D 198 11.11 23.76 -35.39
C ILE D 198 11.93 23.72 -36.68
N ASN D 199 11.72 24.69 -37.55
CA ASN D 199 12.42 24.76 -38.80
C ASN D 199 13.00 26.16 -38.99
N TYR D 200 14.32 26.27 -39.07
CA TYR D 200 14.96 27.56 -39.30
C TYR D 200 15.56 27.59 -40.72
N LEU D 201 15.22 28.62 -41.51
CA LEU D 201 15.83 28.74 -42.82
C LEU D 201 17.13 29.56 -42.66
N HIS D 202 18.29 28.88 -42.62
CA HIS D 202 19.58 29.52 -42.48
C HIS D 202 19.87 30.52 -43.60
N PHE D 203 19.66 30.11 -44.86
CA PHE D 203 19.99 30.96 -46.00
C PHE D 203 19.32 30.51 -47.27
N GLY D 204 19.39 31.38 -48.26
CA GLY D 204 18.94 31.10 -49.61
C GLY D 204 17.53 31.49 -49.93
N GLU D 205 17.00 30.84 -50.97
CA GLU D 205 15.66 31.02 -51.50
C GLU D 205 14.58 30.56 -50.52
N PRO D 206 13.35 31.13 -50.62
CA PRO D 206 12.31 30.77 -49.64
C PRO D 206 11.84 29.31 -49.67
N LYS D 207 11.12 28.88 -48.61
CA LYS D 207 10.51 27.57 -48.52
C LYS D 207 9.01 27.85 -48.34
N SER D 208 8.15 27.26 -49.20
CA SER D 208 6.71 27.48 -49.12
C SER D 208 6.04 26.32 -48.44
N TRP D 209 5.06 26.62 -47.58
CA TRP D 209 4.40 25.63 -46.73
C TRP D 209 2.89 25.68 -46.87
N TYR D 210 2.28 24.49 -46.72
CA TYR D 210 0.82 24.33 -46.66
C TYR D 210 0.56 23.63 -45.31
N SER D 211 -0.53 24.01 -44.65
CA SER D 211 -0.88 23.37 -43.39
C SER D 211 -2.36 23.10 -43.32
N VAL D 212 -2.71 21.99 -42.68
CA VAL D 212 -4.08 21.65 -42.39
C VAL D 212 -4.23 21.76 -40.85
N PRO D 213 -5.19 22.54 -40.33
CA PRO D 213 -5.37 22.60 -38.86
C PRO D 213 -5.51 21.20 -38.20
N PRO D 214 -4.80 20.89 -37.08
CA PRO D 214 -5.04 19.59 -36.40
C PRO D 214 -6.52 19.13 -36.27
N GLU D 215 -7.45 20.07 -36.06
N GLU D 215 -7.46 20.08 -36.07
CA GLU D 215 -8.89 19.81 -35.94
CA GLU D 215 -8.90 19.85 -35.97
C GLU D 215 -9.53 19.25 -37.22
C GLU D 215 -9.49 19.18 -37.21
N HIS D 216 -8.85 19.36 -38.37
CA HIS D 216 -9.30 18.80 -39.65
C HIS D 216 -8.40 17.66 -40.19
N GLY D 217 -7.32 17.34 -39.46
CA GLY D 217 -6.40 16.27 -39.81
C GLY D 217 -7.04 14.94 -40.21
N LYS D 218 -8.06 14.48 -39.45
CA LYS D 218 -8.78 13.23 -39.75
C LYS D 218 -9.47 13.25 -41.12
N ARG D 219 -9.99 14.43 -41.53
CA ARG D 219 -10.65 14.70 -42.83
C ARG D 219 -9.65 14.54 -43.97
N LEU D 220 -8.38 14.96 -43.77
CA LEU D 220 -7.33 14.80 -44.77
C LEU D 220 -6.97 13.33 -44.90
N GLU D 221 -6.88 12.61 -43.76
CA GLU D 221 -6.53 11.19 -43.66
C GLU D 221 -7.55 10.34 -44.40
N ARG D 222 -8.86 10.59 -44.12
CA ARG D 222 -9.99 9.90 -44.74
C ARG D 222 -9.94 10.15 -46.23
N LEU D 223 -9.62 11.40 -46.63
CA LEU D 223 -9.48 11.78 -48.04
C LEU D 223 -8.39 10.96 -48.72
N ALA D 224 -7.17 10.97 -48.14
CA ALA D 224 -5.98 10.26 -48.60
C ALA D 224 -6.20 8.75 -48.69
N LYS D 225 -6.89 8.16 -47.70
CA LYS D 225 -7.21 6.73 -47.65
C LYS D 225 -8.10 6.37 -48.85
N GLY D 226 -9.06 7.23 -49.15
CA GLY D 226 -9.99 7.07 -50.26
C GLY D 226 -9.31 7.18 -51.61
N PHE D 227 -8.29 8.07 -51.70
CA PHE D 227 -7.59 8.25 -52.97
C PHE D 227 -6.49 7.23 -53.20
N PHE D 228 -5.95 6.64 -52.11
CA PHE D 228 -4.92 5.60 -52.18
C PHE D 228 -5.34 4.39 -51.34
N PRO D 229 -6.44 3.65 -51.71
CA PRO D 229 -6.87 2.49 -50.90
C PRO D 229 -5.84 1.36 -50.76
N GLY D 230 -5.05 1.12 -51.80
CA GLY D 230 -4.00 0.11 -51.82
C GLY D 230 -2.97 0.33 -50.74
N SER D 231 -2.49 1.60 -50.58
CA SER D 231 -1.52 1.99 -49.54
C SER D 231 -2.12 1.91 -48.13
N ALA D 232 -3.37 2.44 -47.95
CA ALA D 232 -4.11 2.46 -46.68
C ALA D 232 -4.38 1.04 -46.13
N GLN D 233 -4.56 0.06 -47.04
CA GLN D 233 -4.78 -1.34 -46.71
C GLN D 233 -3.43 -2.04 -46.38
N SER D 234 -2.33 -1.55 -46.98
CA SER D 234 -0.97 -2.05 -46.78
C SER D 234 -0.30 -1.46 -45.54
N CYS D 235 -0.81 -0.31 -45.04
CA CYS D 235 -0.29 0.39 -43.87
C CYS D 235 -1.33 1.34 -43.28
N GLU D 236 -1.49 1.28 -41.96
CA GLU D 236 -2.40 2.12 -41.20
C GLU D 236 -2.10 3.60 -41.48
N ALA D 237 -0.86 4.04 -41.17
CA ALA D 237 -0.45 5.41 -41.29
C ALA D 237 0.53 5.63 -42.49
N PHE D 238 0.08 5.31 -43.71
CA PHE D 238 0.94 5.43 -44.91
C PHE D 238 1.45 6.85 -45.20
N LEU D 239 0.79 7.92 -44.70
CA LEU D 239 1.25 9.31 -44.90
C LEU D 239 2.58 9.56 -44.18
N ARG D 240 2.85 8.77 -43.12
CA ARG D 240 4.12 8.78 -42.36
C ARG D 240 5.33 8.43 -43.25
N HIS D 241 5.08 7.83 -44.46
CA HIS D 241 6.10 7.46 -45.44
C HIS D 241 6.55 8.70 -46.17
N LYS D 242 5.75 9.80 -46.07
CA LYS D 242 6.01 11.10 -46.69
C LYS D 242 6.24 10.96 -48.19
N MET D 243 5.30 10.28 -48.86
CA MET D 243 5.35 10.07 -50.32
C MET D 243 4.06 10.66 -50.96
N THR D 244 3.13 11.25 -50.17
CA THR D 244 1.85 11.68 -50.74
C THR D 244 1.76 13.17 -50.92
N LEU D 245 1.62 13.59 -52.20
CA LEU D 245 1.47 14.99 -52.58
C LEU D 245 0.06 15.24 -53.03
N ILE D 246 -0.58 16.28 -52.47
CA ILE D 246 -1.98 16.65 -52.73
C ILE D 246 -2.00 18.15 -52.98
N SER D 247 -2.42 18.59 -54.18
CA SER D 247 -2.46 20.03 -54.51
C SER D 247 -3.51 20.85 -53.71
N PRO D 248 -3.29 22.18 -53.50
CA PRO D 248 -4.31 22.99 -52.82
C PRO D 248 -5.71 23.00 -53.47
N LEU D 249 -5.76 22.78 -54.78
CA LEU D 249 -6.98 22.66 -55.58
C LEU D 249 -7.71 21.39 -55.21
N MET D 250 -6.96 20.29 -54.91
CA MET D 250 -7.57 19.04 -54.48
C MET D 250 -8.20 19.20 -53.10
N LEU D 251 -7.49 19.84 -52.15
CA LEU D 251 -7.96 20.12 -50.79
C LEU D 251 -9.22 20.99 -50.85
N LYS D 252 -9.20 22.06 -51.69
CA LYS D 252 -10.35 22.95 -51.88
C LYS D 252 -11.55 22.16 -52.39
N LYS D 253 -11.36 21.34 -53.44
CA LYS D 253 -12.44 20.55 -54.03
C LYS D 253 -13.15 19.66 -52.99
N TYR D 254 -12.36 19.02 -52.12
CA TYR D 254 -12.79 18.07 -51.10
C TYR D 254 -13.07 18.67 -49.70
N GLY D 255 -13.17 20.00 -49.66
CA GLY D 255 -13.56 20.78 -48.48
C GLY D 255 -12.64 20.66 -47.29
N ILE D 256 -11.32 20.50 -47.54
CA ILE D 256 -10.29 20.39 -46.52
C ILE D 256 -9.79 21.81 -46.19
N PRO D 257 -10.03 22.34 -44.97
CA PRO D 257 -9.49 23.68 -44.65
C PRO D 257 -7.95 23.63 -44.63
N PHE D 258 -7.32 24.62 -45.22
CA PHE D 258 -5.87 24.72 -45.29
C PHE D 258 -5.45 26.17 -45.35
N ASP D 259 -4.19 26.41 -45.02
CA ASP D 259 -3.59 27.72 -45.14
C ASP D 259 -2.19 27.56 -45.74
N LYS D 260 -1.63 28.66 -46.27
CA LYS D 260 -0.30 28.67 -46.86
C LYS D 260 0.53 29.86 -46.40
N VAL D 261 1.85 29.70 -46.39
CA VAL D 261 2.77 30.74 -45.94
C VAL D 261 4.13 30.54 -46.60
N THR D 262 4.88 31.63 -46.79
CA THR D 262 6.21 31.54 -47.35
C THR D 262 7.21 31.86 -46.24
N GLN D 263 8.12 30.91 -45.97
CA GLN D 263 9.17 31.11 -45.00
C GLN D 263 10.37 31.61 -45.78
N GLU D 264 10.97 32.73 -45.30
CA GLU D 264 12.12 33.30 -45.96
C GLU D 264 13.33 33.15 -45.08
N ALA D 265 14.53 33.30 -45.66
CA ALA D 265 15.80 33.20 -44.95
C ALA D 265 15.77 34.03 -43.66
N GLY D 266 16.27 33.42 -42.59
CA GLY D 266 16.33 34.02 -41.26
C GLY D 266 15.07 33.88 -40.43
N GLU D 267 14.12 33.04 -40.87
CA GLU D 267 12.86 32.85 -40.16
C GLU D 267 12.61 31.43 -39.74
N PHE D 268 11.89 31.30 -38.61
CA PHE D 268 11.49 30.03 -38.03
C PHE D 268 10.07 29.70 -38.40
N MET D 269 9.80 28.41 -38.50
CA MET D 269 8.46 27.80 -38.66
C MET D 269 8.35 26.78 -37.54
N ILE D 270 7.18 26.76 -36.88
CA ILE D 270 6.85 25.82 -35.83
C ILE D 270 5.67 24.97 -36.30
N THR D 271 5.81 23.63 -36.19
CA THR D 271 4.68 22.71 -36.47
C THR D 271 4.22 22.22 -35.12
N PHE D 272 2.92 22.03 -34.99
CA PHE D 272 2.31 21.66 -33.74
C PHE D 272 1.82 20.23 -33.82
N PRO D 273 1.56 19.56 -32.67
CA PRO D 273 1.11 18.17 -32.72
C PRO D 273 -0.12 17.94 -33.57
N TYR D 274 -0.01 16.95 -34.50
CA TYR D 274 -1.05 16.52 -35.44
C TYR D 274 -1.37 17.64 -36.48
N GLY D 275 -0.39 18.50 -36.70
CA GLY D 275 -0.43 19.52 -37.72
C GLY D 275 0.14 18.99 -39.02
N TYR D 276 -0.74 18.61 -39.97
CA TYR D 276 -0.33 18.13 -41.30
C TYR D 276 0.21 19.30 -42.07
N HIS D 277 1.42 19.15 -42.58
CA HIS D 277 2.08 20.15 -43.43
C HIS D 277 2.72 19.50 -44.63
N ALA D 278 2.95 20.28 -45.67
CA ALA D 278 3.61 19.95 -46.93
C ALA D 278 4.16 21.24 -47.46
N GLY D 279 5.06 21.16 -48.41
CA GLY D 279 5.61 22.35 -49.03
C GLY D 279 6.68 22.07 -50.06
N PHE D 280 7.30 23.14 -50.51
CA PHE D 280 8.35 23.02 -51.52
C PHE D 280 9.38 24.16 -51.38
N ASN D 281 10.58 23.94 -51.92
CA ASN D 281 11.64 24.93 -51.92
C ASN D 281 11.60 25.68 -53.23
N HIS D 282 11.84 27.01 -53.18
CA HIS D 282 11.84 27.93 -54.33
C HIS D 282 13.16 27.86 -55.10
N GLY D 283 14.24 27.48 -54.42
CA GLY D 283 15.57 27.42 -55.03
C GLY D 283 16.61 26.96 -54.02
N PHE D 284 17.88 27.24 -54.31
CA PHE D 284 18.97 26.86 -53.42
C PHE D 284 18.82 27.47 -52.03
N ASN D 285 18.83 26.62 -51.00
CA ASN D 285 18.66 27.05 -49.62
C ASN D 285 19.10 26.01 -48.62
N CYS D 286 19.13 26.40 -47.35
CA CYS D 286 19.51 25.50 -46.26
C CYS D 286 18.66 25.74 -45.02
N ALA D 287 17.96 24.70 -44.54
CA ALA D 287 17.12 24.76 -43.35
C ALA D 287 17.61 23.78 -42.32
N GLU D 288 17.37 24.07 -41.03
CA GLU D 288 17.76 23.14 -39.96
C GLU D 288 16.55 22.83 -39.16
N SER D 289 16.33 21.56 -38.81
CA SER D 289 15.14 21.22 -38.05
C SER D 289 15.35 20.10 -37.07
N THR D 290 14.43 20.02 -36.10
CA THR D 290 14.36 19.00 -35.06
C THR D 290 12.94 18.97 -34.50
N ASN D 291 12.66 17.98 -33.66
CA ASN D 291 11.38 17.86 -32.98
C ASN D 291 11.55 18.30 -31.57
N PHE D 292 10.46 18.69 -30.91
CA PHE D 292 10.47 19.09 -29.50
C PHE D 292 9.11 18.82 -28.89
N ALA D 293 8.98 18.98 -27.59
CA ALA D 293 7.72 18.71 -26.91
C ALA D 293 7.38 19.72 -25.83
N THR D 294 6.10 19.74 -25.45
CA THR D 294 5.54 20.51 -24.34
C THR D 294 4.66 19.48 -23.61
N ARG D 295 4.06 19.84 -22.47
CA ARG D 295 3.19 18.93 -21.72
C ARG D 295 2.00 18.43 -22.55
N ARG D 296 1.45 19.31 -23.42
CA ARG D 296 0.30 19.01 -24.30
C ARG D 296 0.62 17.85 -25.26
N TRP D 297 1.90 17.69 -25.67
CA TRP D 297 2.30 16.64 -26.59
C TRP D 297 2.08 15.21 -26.05
N ILE D 298 2.28 14.99 -24.76
CA ILE D 298 2.19 13.65 -24.15
C ILE D 298 0.95 12.87 -24.63
N GLU D 299 -0.23 13.48 -24.59
CA GLU D 299 -1.46 12.80 -25.03
C GLU D 299 -1.44 12.44 -26.51
N TYR D 300 -0.83 13.30 -27.35
CA TYR D 300 -0.69 13.04 -28.78
C TYR D 300 0.28 11.87 -28.97
N GLY D 301 1.34 11.86 -28.18
CA GLY D 301 2.35 10.80 -28.19
C GLY D 301 1.75 9.44 -27.87
N LYS D 302 0.79 9.40 -26.94
CA LYS D 302 0.07 8.19 -26.51
C LYS D 302 -0.88 7.66 -27.58
N GLN D 303 -1.58 8.57 -28.29
CA GLN D 303 -2.61 8.29 -29.27
C GLN D 303 -2.17 8.26 -30.72
N ALA D 304 -0.88 8.56 -31.01
CA ALA D 304 -0.33 8.56 -32.36
C ALA D 304 -0.47 7.19 -33.06
N VAL D 305 -1.09 7.20 -34.26
CA VAL D 305 -1.26 6.00 -35.07
C VAL D 305 0.03 5.93 -35.88
N LEU D 306 0.82 4.89 -35.63
CA LEU D 306 2.14 4.72 -36.24
C LEU D 306 2.15 3.83 -37.46
N CYS D 307 3.26 3.88 -38.21
CA CYS D 307 3.53 3.12 -39.43
C CYS D 307 3.59 1.65 -39.06
N SER D 308 2.65 0.85 -39.60
CA SER D 308 2.54 -0.59 -39.34
C SER D 308 3.06 -1.46 -40.51
N CYS D 309 4.03 -0.94 -41.27
CA CYS D 309 4.64 -1.65 -42.41
C CYS D 309 6.17 -1.66 -42.34
N ARG D 310 6.71 -0.94 -41.33
CA ARG D 310 8.15 -0.80 -41.07
C ARG D 310 8.40 -0.86 -39.56
N MET D 313 11.51 3.16 -38.45
CA MET D 313 10.40 4.06 -38.10
C MET D 313 10.57 4.60 -36.68
N VAL D 314 10.52 5.96 -36.50
CA VAL D 314 10.67 6.59 -35.19
C VAL D 314 9.48 6.32 -34.27
N LYS D 315 9.74 5.57 -33.20
CA LYS D 315 8.79 5.21 -32.15
C LYS D 315 9.42 5.50 -30.79
N ILE D 316 8.66 6.16 -29.93
CA ILE D 316 9.12 6.53 -28.60
C ILE D 316 8.22 5.87 -27.56
N SER D 317 8.83 5.16 -26.58
CA SER D 317 8.08 4.57 -25.46
C SER D 317 7.60 5.77 -24.62
N MET D 318 6.29 5.85 -24.40
CA MET D 318 5.64 6.96 -23.70
C MET D 318 5.70 6.79 -22.18
N ASP D 319 5.99 5.56 -21.70
CA ASP D 319 6.08 5.15 -20.30
C ASP D 319 6.67 6.19 -19.35
N VAL D 320 7.82 6.80 -19.71
CA VAL D 320 8.54 7.79 -18.91
C VAL D 320 7.73 9.11 -18.72
N PHE D 321 7.12 9.68 -19.81
CA PHE D 321 6.33 10.92 -19.77
C PHE D 321 5.07 10.76 -18.94
N VAL D 322 4.38 9.61 -19.12
CA VAL D 322 3.16 9.25 -18.41
C VAL D 322 3.52 9.13 -16.93
N ARG D 323 4.66 8.45 -16.61
CA ARG D 323 5.16 8.31 -15.24
C ARG D 323 5.41 9.67 -14.58
N LYS D 324 6.06 10.60 -15.30
CA LYS D 324 6.40 11.92 -14.75
C LYS D 324 5.25 12.95 -14.72
N PHE D 325 4.55 13.18 -15.85
CA PHE D 325 3.52 14.24 -15.96
C PHE D 325 2.06 13.79 -15.80
N GLN D 326 1.80 12.47 -15.79
CA GLN D 326 0.46 11.88 -15.60
C GLN D 326 0.59 10.67 -14.64
N PRO D 327 1.18 10.81 -13.42
CA PRO D 327 1.37 9.64 -12.54
C PRO D 327 0.10 8.87 -12.20
N GLU D 328 -1.02 9.60 -12.00
CA GLU D 328 -2.34 9.07 -11.66
C GLU D 328 -2.90 8.09 -12.71
N ARG D 329 -2.60 8.36 -14.01
CA ARG D 329 -3.11 7.59 -15.14
C ARG D 329 -2.20 6.45 -15.59
N TYR D 330 -0.99 6.28 -15.00
CA TYR D 330 -0.04 5.22 -15.38
C TYR D 330 -0.65 3.80 -15.34
N LYS D 331 -1.43 3.47 -14.30
CA LYS D 331 -2.08 2.16 -14.21
C LYS D 331 -3.13 2.03 -15.33
N LEU D 332 -4.06 3.00 -15.41
CA LEU D 332 -5.15 3.07 -16.39
C LEU D 332 -4.66 3.01 -17.85
N TRP D 333 -3.58 3.76 -18.18
CA TRP D 333 -2.99 3.80 -19.51
C TRP D 333 -2.30 2.49 -19.93
N LYS D 334 -1.53 1.88 -18.99
CA LYS D 334 -0.83 0.61 -19.20
C LYS D 334 -1.85 -0.53 -19.38
N ALA D 335 -3.01 -0.44 -18.70
CA ALA D 335 -4.10 -1.41 -18.79
C ALA D 335 -4.95 -1.23 -20.08
N GLY D 336 -4.69 -0.14 -20.80
CA GLY D 336 -5.39 0.21 -22.04
C GLY D 336 -6.73 0.88 -21.82
N LYS D 337 -7.00 1.26 -20.55
CA LYS D 337 -8.24 1.90 -20.09
C LYS D 337 -8.16 3.43 -20.07
N ASP D 338 -7.17 4.03 -20.78
CA ASP D 338 -7.08 5.49 -20.89
C ASP D 338 -7.84 5.90 -22.14
N ASN D 339 -8.99 6.55 -21.95
CA ASN D 339 -9.87 6.94 -23.05
C ASN D 339 -9.98 8.47 -23.23
N THR D 340 -8.92 9.22 -22.84
CA THR D 340 -8.84 10.69 -22.97
C THR D 340 -9.04 11.10 -24.42
N VAL D 341 -9.92 12.08 -24.65
CA VAL D 341 -10.20 12.62 -25.98
C VAL D 341 -9.41 13.92 -26.05
N ILE D 342 -8.63 14.08 -27.13
CA ILE D 342 -7.83 15.28 -27.36
C ILE D 342 -8.68 16.42 -27.94
N ASP D 343 -8.61 17.59 -27.31
CA ASP D 343 -9.24 18.83 -27.76
C ASP D 343 -8.09 19.59 -28.39
N HIS D 344 -8.11 19.72 -29.74
CA HIS D 344 -7.03 20.37 -30.49
C HIS D 344 -6.96 21.89 -30.29
N THR D 345 -8.04 22.51 -29.79
CA THR D 345 -8.09 23.98 -29.58
C THR D 345 -7.40 24.44 -28.28
N LEU D 346 -7.17 23.51 -27.32
CA LEU D 346 -6.62 23.87 -26.02
C LEU D 346 -5.12 24.15 -26.01
N PRO D 347 -4.65 25.21 -25.32
CA PRO D 347 -3.20 25.45 -25.27
C PRO D 347 -2.55 24.56 -24.21
N THR D 348 -1.23 24.42 -24.26
CA THR D 348 -0.43 23.63 -23.33
C THR D 348 -0.59 24.18 -21.87
N PRO D 349 -0.52 23.36 -20.78
CA PRO D 349 -0.66 23.95 -19.41
C PRO D 349 0.33 25.08 -19.10
N GLU D 350 1.56 25.04 -19.70
CA GLU D 350 2.62 26.05 -19.54
C GLU D 350 2.18 27.47 -19.99
N ALA D 351 1.08 27.55 -20.74
CA ALA D 351 0.53 28.81 -21.22
C ALA D 351 -0.22 29.59 -20.15
N ALA D 352 -0.66 28.91 -19.04
CA ALA D 352 -1.47 29.42 -17.92
C ALA D 352 -1.20 30.88 -17.49
N GLU D 353 0.09 31.26 -17.35
CA GLU D 353 0.53 32.61 -16.94
C GLU D 353 0.10 33.75 -17.90
N PHE D 354 0.06 33.45 -19.21
CA PHE D 354 -0.33 34.40 -20.27
C PHE D 354 -1.87 34.48 -20.47
N LEU D 355 -2.65 33.75 -19.63
CA LEU D 355 -4.11 33.67 -19.70
C LEU D 355 -4.81 34.34 -18.51
#